data_7DRO
#
_entry.id   7DRO
#
_cell.length_a   86.894
_cell.length_b   146.944
_cell.length_c   167.834
_cell.angle_alpha   90.000
_cell.angle_beta   90.000
_cell.angle_gamma   90.000
#
_symmetry.space_group_name_H-M   'P 21 21 21'
#
loop_
_entity.id
_entity.type
_entity.pdbx_description
1 polymer 'ATP-grasp domain-containing protein'
2 polymer 'PsnA214-38, Precursor peptide'
#
loop_
_entity_poly.entity_id
_entity_poly.type
_entity_poly.pdbx_seq_one_letter_code
_entity_poly.pdbx_strand_id
1 'polypeptide(L)'
;MGSSHHHHHHSSGLVPRGSHMTNLDTSIVVVGSPDDLHVQSVTEGLRARGHEPYVFDTQRFPEEMTVSLGEQGASIFVDG
QQIARPAAVYLRSLYQSPGAYGVDADKAMQDNWRRTLLAFRERSTLMSAVLLRWEEAGTAVYNSPRASANITKPFQLALL
RDAGLPVPRSLWTNDPEAVRRFHAEVGDCIYKPVAGGARTRKLEAKDLEADRIERLSAAPVCFQELLTGDDVRVYVIDDQ
VICALRIVTDEIDFRQAEERIEAIEISDEVKDQCVRAAKLVGLRYTGMDIKAGADGNYRVLELNASAMFRGFEGRANVDI
CGPLCDALIAQTKR
;
A,B,C,D,E,F
2 'polypeptide(L)' LFIEDLGKVTGGKGGPYTTLAIGEE G,H,I,J
#
# COMPACT_ATOMS: atom_id res chain seq x y z
N LEU A 24 40.88 16.79 2.80
CA LEU A 24 40.00 17.23 1.69
C LEU A 24 39.77 18.74 1.81
N ASP A 25 39.64 19.40 0.65
CA ASP A 25 39.54 20.86 0.57
C ASP A 25 38.08 21.26 0.47
N THR A 26 37.44 21.40 1.64
CA THR A 26 36.00 21.68 1.70
C THR A 26 35.72 23.18 1.71
N SER A 27 36.17 23.83 0.64
CA SER A 27 35.80 25.22 0.39
C SER A 27 34.78 25.36 -0.73
N ILE A 28 34.67 24.37 -1.61
CA ILE A 28 33.65 24.31 -2.64
C ILE A 28 33.02 22.92 -2.57
N VAL A 29 31.80 22.84 -2.07
CA VAL A 29 31.09 21.58 -1.91
C VAL A 29 30.05 21.45 -3.02
N VAL A 30 29.96 20.25 -3.59
CA VAL A 30 29.01 19.96 -4.65
C VAL A 30 28.09 18.85 -4.15
N VAL A 31 26.82 19.17 -3.95
CA VAL A 31 25.86 18.26 -3.35
C VAL A 31 25.11 17.55 -4.47
N GLY A 32 25.33 16.25 -4.58
CA GLY A 32 24.69 15.46 -5.61
C GLY A 32 25.44 14.15 -5.78
N SER A 33 24.97 13.37 -6.76
CA SER A 33 25.72 12.12 -6.87
C SER A 33 26.72 12.19 -8.00
N PRO A 34 27.94 11.67 -7.79
CA PRO A 34 28.96 11.67 -8.86
C PRO A 34 28.48 11.10 -10.18
N ASP A 35 27.43 10.27 -10.15
CA ASP A 35 26.81 9.78 -11.37
C ASP A 35 25.95 10.83 -12.07
N ASP A 36 25.69 11.97 -11.42
CA ASP A 36 24.94 13.06 -12.02
C ASP A 36 25.85 13.78 -13.03
N LEU A 37 25.44 13.82 -14.28
CA LEU A 37 26.23 14.43 -15.32
C LEU A 37 26.50 15.90 -15.08
N HIS A 38 25.64 16.54 -14.30
CA HIS A 38 25.82 17.95 -14.03
C HIS A 38 26.84 18.18 -12.92
N VAL A 39 26.84 17.37 -11.88
CA VAL A 39 27.87 17.52 -10.87
C VAL A 39 29.15 17.11 -11.52
N GLN A 40 29.10 16.18 -12.46
CA GLN A 40 30.27 15.82 -13.24
C GLN A 40 30.87 17.03 -13.94
N SER A 41 30.04 17.72 -14.74
CA SER A 41 30.51 18.91 -15.45
C SER A 41 31.09 19.94 -14.48
N VAL A 42 30.39 20.19 -13.37
CA VAL A 42 30.82 21.24 -12.46
C VAL A 42 32.13 20.86 -11.77
N THR A 43 32.26 19.57 -11.40
CA THR A 43 33.50 19.11 -10.75
C THR A 43 34.68 19.15 -11.72
N GLU A 44 34.46 18.73 -12.96
CA GLU A 44 35.56 18.74 -13.92
C GLU A 44 35.96 20.17 -14.29
N GLY A 45 35.00 21.10 -14.28
CA GLY A 45 35.33 22.51 -14.49
C GLY A 45 36.09 23.12 -13.32
N LEU A 46 35.61 22.87 -12.10
CA LEU A 46 36.34 23.31 -10.90
C LEU A 46 37.75 22.74 -10.86
N ARG A 47 37.92 21.49 -11.29
CA ARG A 47 39.27 20.92 -11.36
C ARG A 47 40.10 21.60 -12.42
N ALA A 48 39.49 21.96 -13.55
CA ALA A 48 40.20 22.65 -14.62
C ALA A 48 40.64 24.05 -14.21
N ARG A 49 40.34 24.45 -12.96
CA ARG A 49 40.63 25.79 -12.48
C ARG A 49 41.32 25.78 -11.12
N GLY A 50 41.93 24.65 -10.74
CA GLY A 50 42.74 24.59 -9.54
C GLY A 50 41.99 24.34 -8.25
N HIS A 51 40.82 23.72 -8.30
CA HIS A 51 40.08 23.38 -7.10
C HIS A 51 39.47 22.00 -7.23
N GLU A 52 39.68 21.16 -6.23
CA GLU A 52 38.96 19.91 -6.14
C GLU A 52 37.81 20.09 -5.17
N PRO A 53 36.57 19.98 -5.61
CA PRO A 53 35.45 20.08 -4.67
C PRO A 53 35.30 18.79 -3.86
N TYR A 54 34.53 18.91 -2.78
CA TYR A 54 34.10 17.73 -2.02
C TYR A 54 32.68 17.40 -2.47
N VAL A 55 32.56 16.42 -3.35
CA VAL A 55 31.24 15.94 -3.74
C VAL A 55 30.55 15.34 -2.52
N PHE A 56 29.33 15.79 -2.26
CA PHE A 56 28.53 15.35 -1.12
C PHE A 56 27.40 14.48 -1.67
N ASP A 57 27.67 13.20 -1.86
CA ASP A 57 26.68 12.26 -2.40
C ASP A 57 25.71 11.91 -1.28
N THR A 58 24.56 12.60 -1.24
CA THR A 58 23.66 12.46 -0.11
C THR A 58 22.67 11.31 -0.27
N GLN A 59 22.63 10.67 -1.44
CA GLN A 59 21.86 9.43 -1.56
C GLN A 59 22.27 8.45 -0.46
N ARG A 60 23.56 8.29 -0.27
CA ARG A 60 24.05 7.37 0.73
C ARG A 60 24.03 7.92 2.11
N PHE A 61 23.04 8.70 2.47
CA PHE A 61 23.06 9.16 3.85
C PHE A 61 22.72 8.10 4.86
N PRO A 62 21.49 7.55 4.79
CA PRO A 62 21.18 6.63 5.87
C PRO A 62 22.23 5.59 6.12
N GLU A 63 22.58 4.82 5.11
CA GLU A 63 23.49 3.73 5.31
C GLU A 63 24.97 4.03 5.19
N GLU A 64 25.46 4.14 3.97
CA GLU A 64 26.89 4.32 3.77
C GLU A 64 27.55 5.66 4.07
N MET A 65 27.06 6.44 5.02
CA MET A 65 27.74 7.67 5.40
C MET A 65 27.27 8.13 6.77
N THR A 66 28.19 8.70 7.54
CA THR A 66 27.89 9.19 8.87
C THR A 66 27.88 10.72 8.88
N VAL A 67 26.84 11.28 9.49
CA VAL A 67 26.75 12.72 9.70
C VAL A 67 26.46 12.95 11.18
N SER A 68 27.14 13.95 11.76
CA SER A 68 27.02 14.24 13.18
C SER A 68 26.95 15.75 13.39
N LEU A 69 25.90 16.21 14.05
CA LEU A 69 25.70 17.63 14.32
C LEU A 69 25.61 17.86 15.82
N GLY A 70 26.40 18.81 16.31
CA GLY A 70 26.37 19.18 17.71
C GLY A 70 25.58 20.47 17.92
N GLU A 71 25.47 20.86 19.20
CA GLU A 71 24.61 21.98 19.55
C GLU A 71 25.09 23.29 18.96
N GLN A 72 26.38 23.43 18.70
CA GLN A 72 26.91 24.63 18.05
C GLN A 72 27.14 24.36 16.58
N GLY A 73 26.87 25.39 15.76
CA GLY A 73 26.69 25.19 14.33
C GLY A 73 27.92 24.67 13.62
N ALA A 74 29.11 24.89 14.18
CA ALA A 74 30.34 24.43 13.55
C ALA A 74 30.51 22.93 13.65
N SER A 75 29.81 22.26 14.56
CA SER A 75 30.08 20.86 14.83
C SER A 75 29.39 19.93 13.82
N ILE A 76 29.65 20.14 12.53
CA ILE A 76 29.12 19.28 11.47
C ILE A 76 30.23 18.35 11.01
N PHE A 77 29.96 17.04 11.03
CA PHE A 77 30.95 16.04 10.66
C PHE A 77 30.36 15.08 9.64
N VAL A 78 31.02 14.96 8.49
CA VAL A 78 30.75 13.91 7.52
C VAL A 78 31.95 12.97 7.54
N ASP A 79 31.69 11.70 7.86
CA ASP A 79 32.73 10.68 8.00
C ASP A 79 33.89 11.20 8.85
N GLY A 80 33.55 11.65 10.05
CA GLY A 80 34.53 12.19 10.97
C GLY A 80 35.07 13.55 10.55
N GLN A 81 35.34 13.71 9.24
CA GLN A 81 35.86 14.97 8.74
C GLN A 81 34.80 16.06 8.90
N GLN A 82 35.15 17.12 9.62
CA GLN A 82 34.19 18.17 9.86
C GLN A 82 34.14 19.14 8.69
N ILE A 83 32.94 19.69 8.45
CA ILE A 83 32.71 20.68 7.40
C ILE A 83 31.79 21.75 7.96
N ALA A 84 32.38 22.72 8.68
CA ALA A 84 31.56 23.71 9.38
C ALA A 84 31.12 24.85 8.47
N ARG A 85 31.94 25.23 7.50
CA ARG A 85 31.67 26.44 6.73
C ARG A 85 32.41 26.41 5.42
N PRO A 86 31.81 25.92 4.34
CA PRO A 86 32.43 26.05 3.01
C PRO A 86 32.35 27.49 2.54
N ALA A 87 33.07 27.76 1.45
CA ALA A 87 32.98 29.08 0.84
C ALA A 87 31.75 29.19 -0.06
N ALA A 88 31.44 28.13 -0.80
CA ALA A 88 30.34 28.14 -1.74
C ALA A 88 29.87 26.72 -2.00
N VAL A 89 28.56 26.52 -1.95
CA VAL A 89 27.94 25.22 -2.24
C VAL A 89 27.21 25.33 -3.56
N TYR A 90 27.27 24.24 -4.33
CA TYR A 90 26.48 24.09 -5.55
C TYR A 90 25.46 22.98 -5.31
N LEU A 91 24.22 23.35 -5.01
CA LEU A 91 23.18 22.37 -4.67
C LEU A 91 22.51 21.88 -5.95
N ARG A 92 22.66 20.59 -6.22
CA ARG A 92 22.03 19.93 -7.36
C ARG A 92 20.87 19.03 -6.97
N SER A 93 20.91 18.45 -5.76
CA SER A 93 19.85 17.62 -5.22
C SER A 93 20.16 17.32 -3.76
N LEU A 94 19.10 17.11 -2.96
CA LEU A 94 19.24 16.78 -1.53
C LEU A 94 18.54 15.48 -1.17
N TYR A 95 17.67 14.96 -2.03
CA TYR A 95 17.05 13.65 -1.82
C TYR A 95 16.35 13.55 -0.48
N ASP A 106 9.74 2.12 -1.85
CA ASP A 106 8.88 1.59 -2.92
C ASP A 106 7.97 0.51 -2.36
N LYS A 107 8.56 -0.62 -1.97
CA LYS A 107 7.84 -1.67 -1.26
C LYS A 107 7.82 -1.43 0.24
N ALA A 108 8.87 -0.78 0.76
CA ALA A 108 8.85 -0.32 2.14
C ALA A 108 7.70 0.65 2.37
N MET A 109 7.21 1.26 1.30
CA MET A 109 6.08 2.13 1.46
C MET A 109 4.82 1.32 1.48
N GLN A 110 4.70 0.38 0.57
CA GLN A 110 3.44 -0.42 0.48
C GLN A 110 3.23 -1.17 1.79
N ASP A 111 4.29 -1.77 2.33
CA ASP A 111 4.23 -2.47 3.60
C ASP A 111 3.74 -1.61 4.76
N ASN A 112 4.54 -0.60 5.12
CA ASN A 112 4.23 0.31 6.21
C ASN A 112 4.55 1.70 5.67
N TRP A 113 3.52 2.52 5.48
CA TRP A 113 3.75 3.85 4.92
C TRP A 113 3.95 4.92 5.98
N ARG A 114 3.29 4.78 7.12
CA ARG A 114 3.37 5.81 8.12
C ARG A 114 4.73 5.94 8.72
N ARG A 115 5.47 4.83 8.79
CA ARG A 115 6.84 4.88 9.31
C ARG A 115 7.85 5.22 8.23
N THR A 116 7.61 4.78 6.99
CA THR A 116 8.49 5.15 5.90
C THR A 116 8.57 6.65 5.74
N LEU A 117 7.42 7.33 5.80
CA LEU A 117 7.44 8.78 5.66
C LEU A 117 8.22 9.44 6.80
N LEU A 118 8.00 8.99 8.04
CA LEU A 118 8.71 9.57 9.17
C LEU A 118 10.22 9.33 9.08
N ALA A 119 10.63 8.15 8.61
CA ALA A 119 12.05 7.88 8.46
C ALA A 119 12.67 8.83 7.43
N PHE A 120 12.02 8.94 6.26
CA PHE A 120 12.51 9.87 5.24
C PHE A 120 12.59 11.28 5.79
N ARG A 121 11.62 11.68 6.61
CA ARG A 121 11.62 13.04 7.13
C ARG A 121 12.78 13.27 8.11
N GLU A 122 13.10 12.27 8.93
CA GLU A 122 14.25 12.42 9.83
C GLU A 122 15.54 12.63 9.03
N ARG A 123 15.77 11.78 8.03
CA ARG A 123 16.97 11.95 7.20
C ARG A 123 16.99 13.32 6.53
N SER A 124 15.86 13.70 5.93
CA SER A 124 15.75 14.98 5.23
C SER A 124 16.00 16.15 6.17
N THR A 125 15.48 16.09 7.40
CA THR A 125 15.65 17.20 8.32
C THR A 125 17.12 17.37 8.68
N LEU A 126 17.83 16.27 8.87
CA LEU A 126 19.26 16.39 9.18
C LEU A 126 20.03 17.04 8.03
N MET A 127 19.80 16.56 6.80
CA MET A 127 20.50 17.14 5.65
C MET A 127 20.20 18.63 5.50
N SER A 128 18.91 18.98 5.59
CA SER A 128 18.53 20.37 5.43
C SER A 128 19.12 21.24 6.54
N ALA A 129 19.24 20.68 7.75
CA ALA A 129 19.90 21.43 8.81
C ALA A 129 21.35 21.69 8.47
N VAL A 130 22.03 20.71 7.85
CA VAL A 130 23.39 20.95 7.37
C VAL A 130 23.42 22.17 6.45
N LEU A 131 22.56 22.15 5.43
CA LEU A 131 22.57 23.24 4.44
C LEU A 131 22.24 24.58 5.08
N LEU A 132 21.23 24.62 5.96
CA LEU A 132 20.87 25.87 6.61
C LEU A 132 22.00 26.39 7.47
N ARG A 133 22.71 25.50 8.16
CA ARG A 133 23.84 25.91 8.99
C ARG A 133 24.92 26.58 8.15
N TRP A 134 25.26 25.96 7.02
CA TRP A 134 26.26 26.55 6.14
C TRP A 134 25.83 27.95 5.70
N GLU A 135 24.59 28.06 5.21
CA GLU A 135 24.12 29.36 4.74
C GLU A 135 24.15 30.40 5.86
N GLU A 136 23.83 29.98 7.08
CA GLU A 136 23.87 30.89 8.23
C GLU A 136 25.29 31.31 8.56
N ALA A 137 26.26 30.41 8.40
CA ALA A 137 27.65 30.80 8.56
C ALA A 137 28.01 31.90 7.57
N GLY A 138 27.62 31.73 6.31
CA GLY A 138 27.91 32.73 5.31
C GLY A 138 28.29 32.10 3.99
N THR A 139 28.15 30.77 3.93
CA THR A 139 28.43 30.04 2.71
C THR A 139 27.55 30.55 1.57
N ALA A 140 28.16 30.69 0.39
CA ALA A 140 27.42 31.07 -0.81
C ALA A 140 26.75 29.83 -1.36
N VAL A 141 25.58 29.49 -0.82
CA VAL A 141 24.82 28.36 -1.32
C VAL A 141 24.20 28.78 -2.65
N TYR A 142 24.66 28.19 -3.74
CA TYR A 142 24.14 28.62 -5.04
C TYR A 142 22.79 27.96 -5.22
N ASN A 143 21.77 28.78 -4.93
CA ASN A 143 20.38 28.40 -4.69
C ASN A 143 20.29 27.63 -3.38
N SER A 144 19.86 28.33 -2.33
CA SER A 144 19.67 27.73 -1.03
C SER A 144 18.33 27.02 -0.97
N PRO A 145 18.16 26.09 -0.02
CA PRO A 145 16.83 25.49 0.17
C PRO A 145 15.80 26.45 0.70
N ARG A 146 16.22 27.60 1.26
CA ARG A 146 15.24 28.63 1.61
C ARG A 146 14.52 29.14 0.38
N ALA A 147 15.02 28.85 -0.81
CA ALA A 147 14.34 29.28 -2.03
C ALA A 147 13.08 28.48 -2.30
N SER A 148 13.02 27.23 -1.80
CA SER A 148 11.87 26.37 -2.05
C SER A 148 10.55 27.00 -1.66
N ALA A 149 10.57 27.95 -0.73
CA ALA A 149 9.40 28.76 -0.43
C ALA A 149 8.98 29.56 -1.66
N ASN A 150 9.85 30.45 -2.11
CA ASN A 150 9.52 31.35 -3.22
C ASN A 150 9.47 30.61 -4.55
N ILE A 151 9.77 29.31 -4.53
CA ILE A 151 9.78 28.55 -5.77
C ILE A 151 8.36 28.20 -6.20
N THR A 152 7.47 27.89 -5.25
CA THR A 152 6.10 27.48 -5.54
C THR A 152 5.46 28.41 -6.55
N LYS A 153 5.12 27.87 -7.73
CA LYS A 153 4.59 28.66 -8.84
C LYS A 153 3.49 29.64 -8.44
N PRO A 154 2.45 29.24 -7.69
CA PRO A 154 1.39 30.20 -7.36
C PRO A 154 1.85 31.38 -6.52
N PHE A 155 3.04 31.30 -5.91
CA PHE A 155 3.61 32.46 -5.24
C PHE A 155 4.69 33.15 -6.05
N GLN A 156 5.48 32.39 -6.81
CA GLN A 156 6.55 32.98 -7.60
C GLN A 156 6.00 33.84 -8.73
N LEU A 157 4.97 33.34 -9.43
CA LEU A 157 4.33 34.16 -10.45
C LEU A 157 3.76 35.43 -9.85
N ALA A 158 3.21 35.34 -8.64
CA ALA A 158 2.67 36.55 -8.02
C ALA A 158 3.78 37.53 -7.68
N LEU A 159 4.91 37.03 -7.17
CA LEU A 159 6.06 37.87 -6.92
C LEU A 159 6.47 38.64 -8.17
N LEU A 160 6.66 37.91 -9.28
CA LEU A 160 7.09 38.55 -10.52
C LEU A 160 6.02 39.51 -11.03
N ARG A 161 4.76 39.07 -11.01
CA ARG A 161 3.68 39.92 -11.52
C ARG A 161 3.56 41.21 -10.74
N ASP A 162 3.61 41.12 -9.40
CA ASP A 162 3.52 42.29 -8.55
C ASP A 162 4.72 43.22 -8.76
N ALA A 163 5.89 42.67 -9.06
CA ALA A 163 7.03 43.53 -9.37
C ALA A 163 6.96 44.13 -10.78
N GLY A 164 5.88 43.90 -11.53
CA GLY A 164 5.71 44.51 -12.83
C GLY A 164 6.21 43.72 -14.02
N LEU A 165 6.77 42.50 -13.79
CA LEU A 165 7.20 41.68 -14.92
C LEU A 165 6.02 40.93 -15.53
N PRO A 166 6.04 40.69 -16.84
CA PRO A 166 4.94 39.98 -17.49
C PRO A 166 4.95 38.49 -17.16
N VAL A 167 3.83 38.00 -16.67
CA VAL A 167 3.61 36.57 -16.45
C VAL A 167 2.37 36.20 -17.26
N PRO A 168 2.18 34.91 -17.55
CA PRO A 168 0.97 34.52 -18.30
C PRO A 168 -0.26 34.56 -17.42
N ARG A 169 -1.42 34.73 -18.02
CA ARG A 169 -2.64 34.76 -17.27
C ARG A 169 -2.87 33.41 -16.72
N SER A 170 -2.94 33.31 -15.40
CA SER A 170 -3.12 32.05 -14.76
C SER A 170 -4.20 31.96 -13.70
N LEU A 171 -4.69 30.75 -13.45
CA LEU A 171 -5.68 30.50 -12.41
C LEU A 171 -5.37 29.16 -11.77
N TRP A 172 -5.09 29.17 -10.47
CA TRP A 172 -4.91 27.95 -9.68
C TRP A 172 -6.19 27.71 -8.88
N THR A 173 -6.91 26.64 -9.18
CA THR A 173 -8.25 26.53 -8.62
C THR A 173 -8.75 25.09 -8.57
N ASN A 174 -9.76 24.90 -7.73
CA ASN A 174 -10.62 23.71 -7.73
C ASN A 174 -12.07 24.08 -8.01
N ASP A 175 -12.29 25.21 -8.65
CA ASP A 175 -13.63 25.77 -8.82
C ASP A 175 -14.06 25.69 -10.27
N PRO A 176 -14.96 24.79 -10.64
CA PRO A 176 -15.37 24.68 -12.06
C PRO A 176 -15.91 25.98 -12.64
N GLU A 177 -16.58 26.79 -11.83
CA GLU A 177 -17.15 28.04 -12.38
C GLU A 177 -16.00 29.01 -12.62
N ALA A 178 -15.05 29.04 -11.71
CA ALA A 178 -13.86 29.84 -11.95
C ALA A 178 -13.20 29.44 -13.26
N VAL A 179 -13.08 28.14 -13.51
CA VAL A 179 -12.43 27.71 -14.74
C VAL A 179 -13.25 28.12 -15.96
N ARG A 180 -14.57 28.00 -15.88
CA ARG A 180 -15.42 28.39 -17.00
C ARG A 180 -15.23 29.87 -17.32
N ARG A 181 -15.26 30.72 -16.28
CA ARG A 181 -15.07 32.15 -16.51
C ARG A 181 -13.68 32.42 -17.05
N PHE A 182 -12.66 31.74 -16.53
CA PHE A 182 -11.30 31.92 -17.01
C PHE A 182 -11.19 31.54 -18.48
N HIS A 183 -11.73 30.39 -18.84
CA HIS A 183 -11.67 29.94 -20.23
C HIS A 183 -12.39 30.92 -21.15
N ALA A 184 -13.56 31.40 -20.73
CA ALA A 184 -14.28 32.37 -21.54
C ALA A 184 -13.49 33.67 -21.68
N GLU A 185 -12.82 34.09 -20.60
CA GLU A 185 -12.08 35.34 -20.65
C GLU A 185 -10.84 35.23 -21.54
N VAL A 186 -10.16 34.09 -21.47
CA VAL A 186 -8.78 33.99 -21.95
C VAL A 186 -8.72 33.39 -23.37
N GLY A 187 -9.62 32.45 -23.67
CA GLY A 187 -9.59 31.76 -24.94
C GLY A 187 -9.02 30.36 -24.79
N ASP A 188 -8.05 30.02 -25.65
CA ASP A 188 -7.41 28.72 -25.58
C ASP A 188 -6.59 28.61 -24.29
N CYS A 189 -6.72 27.48 -23.60
CA CYS A 189 -6.10 27.29 -22.30
C CYS A 189 -5.34 25.98 -22.26
N ILE A 190 -4.58 25.82 -21.17
CA ILE A 190 -3.86 24.61 -20.83
C ILE A 190 -4.02 24.37 -19.35
N TYR A 191 -3.83 23.12 -18.94
CA TYR A 191 -3.87 22.76 -17.53
C TYR A 191 -2.71 21.85 -17.22
N LYS A 192 -2.13 22.14 -16.07
CA LYS A 192 -1.00 21.43 -15.61
C LYS A 192 -1.18 21.23 -14.08
N PRO A 193 -0.47 20.27 -13.40
CA PRO A 193 -0.54 20.18 -11.94
C PRO A 193 -0.12 21.49 -11.29
N VAL A 194 -0.50 21.65 -10.02
CA VAL A 194 -0.16 22.88 -9.30
C VAL A 194 1.33 22.91 -8.98
N ALA A 195 1.89 21.77 -8.57
CA ALA A 195 3.30 21.68 -8.22
C ALA A 195 4.04 20.72 -9.14
N GLY A 196 3.65 20.68 -10.41
CA GLY A 196 4.32 19.84 -11.37
C GLY A 196 4.14 18.35 -11.13
N GLY A 197 4.51 17.55 -12.11
CA GLY A 197 4.37 16.11 -11.96
C GLY A 197 3.59 15.46 -13.08
N ALA A 198 3.32 16.22 -14.15
CA ALA A 198 2.59 15.64 -15.27
C ALA A 198 2.73 16.55 -16.48
N ARG A 199 2.64 15.99 -17.65
CA ARG A 199 2.79 16.79 -18.81
C ARG A 199 1.60 17.70 -18.86
N THR A 200 1.83 18.94 -19.22
CA THR A 200 0.71 19.86 -19.36
C THR A 200 -0.12 19.45 -20.57
N ARG A 201 -1.43 19.57 -20.47
CA ARG A 201 -2.29 19.21 -21.56
C ARG A 201 -3.14 20.39 -21.93
N LYS A 202 -3.77 20.36 -23.09
CA LYS A 202 -4.62 21.46 -23.52
C LYS A 202 -6.06 21.25 -23.05
N LEU A 203 -6.71 22.35 -22.70
CA LEU A 203 -8.09 22.31 -22.25
C LEU A 203 -9.02 22.19 -23.46
N GLU A 204 -9.89 21.19 -23.43
CA GLU A 204 -10.87 20.94 -24.48
C GLU A 204 -12.28 21.03 -23.89
N ALA A 205 -13.28 21.06 -24.76
CA ALA A 205 -14.66 21.17 -24.30
C ALA A 205 -15.05 19.98 -23.43
N LYS A 206 -14.50 18.80 -23.75
CA LYS A 206 -14.82 17.58 -22.97
C LYS A 206 -14.32 17.76 -21.54
N ASP A 207 -13.30 18.56 -21.36
CA ASP A 207 -12.81 18.85 -20.02
C ASP A 207 -13.76 19.76 -19.25
N LEU A 208 -14.40 20.71 -19.94
CA LEU A 208 -15.38 21.58 -19.31
C LEU A 208 -16.70 20.87 -19.03
N GLU A 209 -16.96 19.75 -19.71
CA GLU A 209 -18.11 18.92 -19.36
C GLU A 209 -18.03 18.51 -17.89
N ALA A 210 -19.18 18.52 -17.21
CA ALA A 210 -19.20 18.32 -15.77
C ALA A 210 -18.57 16.99 -15.36
N ASP A 211 -18.70 15.97 -16.21
CA ASP A 211 -18.07 14.68 -15.99
C ASP A 211 -16.63 14.85 -15.53
N ARG A 212 -15.83 15.53 -16.34
CA ARG A 212 -14.44 15.78 -15.96
C ARG A 212 -14.35 16.89 -14.91
N ILE A 213 -14.80 18.09 -15.28
CA ILE A 213 -14.62 19.26 -14.40
C ILE A 213 -14.90 19.12 -12.96
N GLU A 214 -15.89 18.32 -12.64
CA GLU A 214 -16.25 18.19 -11.23
C GLU A 214 -15.22 17.40 -10.43
N ARG A 215 -14.21 16.82 -11.08
CA ARG A 215 -13.15 16.15 -10.33
C ARG A 215 -12.18 17.13 -9.69
N LEU A 216 -12.29 18.43 -10.00
CA LEU A 216 -11.49 19.43 -9.31
C LEU A 216 -11.65 19.37 -7.79
N SER A 217 -12.71 18.74 -7.29
CA SER A 217 -12.89 18.62 -5.85
C SER A 217 -11.88 17.69 -5.22
N ALA A 218 -11.14 16.92 -6.02
CA ALA A 218 -10.13 16.01 -5.48
C ALA A 218 -8.84 16.75 -5.16
N ALA A 219 -8.43 17.67 -6.03
CA ALA A 219 -7.22 18.48 -5.89
C ALA A 219 -7.25 19.61 -6.91
N PRO A 220 -6.60 20.74 -6.63
CA PRO A 220 -6.65 21.85 -7.58
C PRO A 220 -5.78 21.60 -8.81
N VAL A 221 -5.91 22.51 -9.76
CA VAL A 221 -5.24 22.40 -11.05
C VAL A 221 -4.85 23.80 -11.46
N CYS A 222 -3.74 23.92 -12.20
CA CYS A 222 -3.29 25.18 -12.75
C CYS A 222 -3.74 25.28 -14.20
N PHE A 223 -4.49 26.32 -14.52
CA PHE A 223 -4.93 26.61 -15.88
C PHE A 223 -4.27 27.90 -16.33
N GLN A 224 -3.86 27.96 -17.59
CA GLN A 224 -3.18 29.14 -18.12
C GLN A 224 -3.63 29.39 -19.55
N GLU A 225 -3.39 30.61 -20.01
CA GLU A 225 -3.60 30.92 -21.40
C GLU A 225 -2.54 30.23 -22.25
N LEU A 226 -2.94 29.73 -23.41
CA LEU A 226 -1.99 29.10 -24.29
C LEU A 226 -1.20 30.11 -24.98
N LEU A 227 0.00 30.30 -24.51
CA LEU A 227 0.96 31.17 -25.19
C LEU A 227 1.47 30.50 -26.45
N THR A 228 1.63 31.29 -27.51
CA THR A 228 1.89 30.73 -28.83
C THR A 228 3.14 31.35 -29.46
N GLY A 229 4.18 31.52 -28.66
CA GLY A 229 5.41 32.10 -29.16
C GLY A 229 6.59 31.15 -29.19
N ASP A 230 7.78 31.68 -28.93
CA ASP A 230 9.03 30.92 -28.98
C ASP A 230 9.53 30.69 -27.55
N ASP A 231 9.92 29.45 -27.26
CA ASP A 231 10.48 29.15 -25.95
C ASP A 231 11.87 29.78 -25.85
N VAL A 232 12.11 30.55 -24.78
CA VAL A 232 13.39 31.19 -24.55
C VAL A 232 13.83 30.86 -23.13
N ARG A 233 15.13 30.76 -22.93
CA ARG A 233 15.70 30.44 -21.63
C ARG A 233 16.87 31.38 -21.37
N VAL A 234 16.84 32.07 -20.23
CA VAL A 234 17.86 33.07 -19.90
C VAL A 234 18.60 32.62 -18.66
N TYR A 235 19.92 32.53 -18.74
CA TYR A 235 20.73 32.09 -17.62
C TYR A 235 21.31 33.29 -16.89
N VAL A 236 21.23 33.26 -15.56
CA VAL A 236 21.70 34.35 -14.72
C VAL A 236 22.55 33.77 -13.59
N ILE A 237 23.75 34.33 -13.41
CA ILE A 237 24.59 34.04 -12.25
C ILE A 237 24.94 35.35 -11.58
N ASP A 238 24.62 35.45 -10.30
CA ASP A 238 24.98 36.59 -9.45
C ASP A 238 24.74 37.92 -10.14
N ASP A 239 23.48 38.12 -10.54
CA ASP A 239 23.04 39.39 -11.10
C ASP A 239 23.74 39.74 -12.41
N GLN A 240 24.31 38.74 -13.10
CA GLN A 240 24.81 38.88 -14.46
C GLN A 240 24.08 37.89 -15.36
N VAL A 241 23.66 38.37 -16.52
CA VAL A 241 22.99 37.53 -17.52
C VAL A 241 24.06 36.80 -18.32
N ILE A 242 24.04 35.47 -18.27
CA ILE A 242 25.08 34.69 -18.95
C ILE A 242 24.76 34.53 -20.43
N CYS A 243 23.51 34.19 -20.77
CA CYS A 243 23.09 34.10 -22.15
C CYS A 243 21.59 33.95 -22.23
N ALA A 244 21.08 33.98 -23.46
CA ALA A 244 19.65 33.83 -23.75
C ALA A 244 19.52 32.95 -24.98
N LEU A 245 18.80 31.85 -24.85
CA LEU A 245 18.79 30.78 -25.84
C LEU A 245 17.35 30.51 -26.26
N ARG A 246 17.14 30.51 -27.57
CA ARG A 246 15.83 30.14 -28.15
C ARG A 246 15.84 28.63 -28.30
N ILE A 247 14.76 27.98 -27.92
CA ILE A 247 14.66 26.53 -27.94
C ILE A 247 13.58 26.15 -28.93
N VAL A 248 13.98 25.62 -30.08
CA VAL A 248 13.01 25.14 -31.06
C VAL A 248 13.14 23.63 -31.18
N THR A 249 12.26 23.01 -31.94
CA THR A 249 12.30 21.57 -32.16
C THR A 249 12.20 21.28 -33.65
N ASP A 250 12.88 20.22 -34.06
CA ASP A 250 12.89 19.77 -35.44
C ASP A 250 12.50 18.30 -35.48
N GLU A 251 11.74 17.92 -36.52
CA GLU A 251 11.26 16.54 -36.66
C GLU A 251 12.30 15.74 -37.43
N ILE A 252 12.94 14.78 -36.75
CA ILE A 252 14.03 14.02 -37.32
C ILE A 252 13.62 12.60 -37.69
N ASP A 253 12.64 12.02 -37.01
CA ASP A 253 12.19 10.66 -37.28
C ASP A 253 10.68 10.64 -37.19
N PHE A 254 10.09 9.49 -37.48
CA PHE A 254 8.64 9.35 -37.41
C PHE A 254 8.17 9.60 -35.98
N ARG A 255 7.47 10.71 -35.78
CA ARG A 255 6.98 11.11 -34.46
C ARG A 255 8.12 11.25 -33.45
N GLN A 256 9.26 11.77 -33.91
CA GLN A 256 10.41 12.01 -33.04
C GLN A 256 11.01 13.37 -33.38
N ALA A 257 11.16 14.21 -32.35
CA ALA A 257 11.75 15.52 -32.49
C ALA A 257 13.02 15.61 -31.66
N GLU A 258 13.83 16.61 -31.97
CA GLU A 258 14.95 16.97 -31.13
C GLU A 258 15.02 18.48 -31.01
N GLU A 259 15.49 18.95 -29.85
CA GLU A 259 15.59 20.38 -29.57
C GLU A 259 16.84 20.97 -30.21
N ARG A 260 16.68 22.15 -30.79
CA ARG A 260 17.78 22.99 -31.24
C ARG A 260 17.80 24.25 -30.38
N ILE A 261 18.89 24.46 -29.67
CA ILE A 261 19.03 25.54 -28.70
C ILE A 261 20.06 26.51 -29.26
N GLU A 262 19.58 27.63 -29.81
CA GLU A 262 20.42 28.59 -30.50
C GLU A 262 20.36 29.95 -29.82
N ALA A 263 21.48 30.69 -29.85
CA ALA A 263 21.56 31.94 -29.11
C ALA A 263 20.76 33.05 -29.79
N ILE A 264 20.23 33.94 -28.96
CA ILE A 264 19.57 35.16 -29.40
C ILE A 264 20.14 36.32 -28.60
N GLU A 265 19.86 37.54 -29.06
CA GLU A 265 20.25 38.75 -28.35
C GLU A 265 19.03 39.42 -27.73
N ILE A 266 19.14 39.81 -26.46
CA ILE A 266 18.05 40.47 -25.78
C ILE A 266 18.51 41.85 -25.36
N SER A 267 17.55 42.77 -25.24
CA SER A 267 17.88 44.14 -24.87
C SER A 267 18.36 44.21 -23.42
N ASP A 268 19.09 45.30 -23.12
CA ASP A 268 19.53 45.50 -21.75
C ASP A 268 18.35 45.71 -20.82
N GLU A 269 17.27 46.28 -21.34
CA GLU A 269 15.99 46.28 -20.65
C GLU A 269 15.65 44.88 -20.13
N VAL A 270 15.51 43.93 -21.05
CA VAL A 270 15.16 42.57 -20.67
C VAL A 270 16.21 41.95 -19.75
N LYS A 271 17.49 42.26 -20.00
CA LYS A 271 18.56 41.71 -19.16
C LYS A 271 18.40 42.17 -17.71
N ASP A 272 18.09 43.44 -17.51
CA ASP A 272 17.89 43.94 -16.16
C ASP A 272 16.65 43.34 -15.53
N GLN A 273 15.63 43.07 -16.32
CA GLN A 273 14.44 42.46 -15.79
C GLN A 273 14.71 41.08 -15.32
N CYS A 274 15.50 40.32 -16.08
CA CYS A 274 15.81 38.96 -15.67
C CYS A 274 16.67 38.94 -14.41
N VAL A 275 17.67 39.83 -14.34
CA VAL A 275 18.46 39.92 -13.12
C VAL A 275 17.57 40.24 -11.91
N ARG A 276 16.64 41.17 -12.11
CA ARG A 276 15.73 41.55 -11.00
C ARG A 276 14.84 40.35 -10.62
N ALA A 277 14.35 39.60 -11.59
CA ALA A 277 13.51 38.46 -11.25
C ALA A 277 14.29 37.44 -10.44
N ALA A 278 15.50 37.11 -10.89
CA ALA A 278 16.35 36.19 -10.14
C ALA A 278 16.56 36.70 -8.72
N LYS A 279 16.76 38.02 -8.56
CA LYS A 279 16.99 38.56 -7.22
C LYS A 279 15.71 38.49 -6.38
N LEU A 280 14.56 38.80 -6.99
CA LEU A 280 13.28 38.72 -6.28
C LEU A 280 13.04 37.32 -5.74
N VAL A 281 13.13 36.31 -6.60
CA VAL A 281 12.92 34.94 -6.12
C VAL A 281 14.02 34.53 -5.17
N GLY A 282 15.18 35.16 -5.24
CA GLY A 282 16.22 34.91 -4.28
C GLY A 282 17.21 33.84 -4.68
N LEU A 283 17.53 33.78 -5.96
CA LEU A 283 18.38 32.74 -6.46
C LEU A 283 19.67 33.30 -7.02
N ARG A 284 20.75 32.54 -6.93
CA ARG A 284 22.03 32.96 -7.46
C ARG A 284 22.27 32.41 -8.85
N TYR A 285 22.04 31.12 -9.06
CA TYR A 285 22.13 30.53 -10.39
C TYR A 285 20.72 30.27 -10.85
N THR A 286 20.36 30.78 -12.01
CA THR A 286 19.00 30.65 -12.46
C THR A 286 18.78 30.45 -13.94
N GLY A 287 17.96 29.50 -14.33
CA GLY A 287 17.55 29.38 -15.71
C GLY A 287 16.09 29.78 -15.86
N MET A 288 15.87 30.97 -16.35
CA MET A 288 14.54 31.48 -16.48
C MET A 288 13.89 31.03 -17.73
N ASP A 289 12.76 30.36 -17.59
CA ASP A 289 11.94 30.01 -18.74
C ASP A 289 11.05 31.19 -19.07
N ILE A 290 11.07 31.63 -20.33
CA ILE A 290 10.22 32.70 -20.80
C ILE A 290 9.70 32.34 -22.18
N LYS A 291 8.79 33.17 -22.68
CA LYS A 291 8.18 32.84 -23.96
C LYS A 291 7.45 34.03 -24.57
N ALA A 292 7.69 34.28 -25.86
CA ALA A 292 6.84 35.19 -26.59
C ALA A 292 5.40 34.65 -26.60
N GLY A 293 4.47 35.49 -27.05
CA GLY A 293 3.07 35.11 -27.07
C GLY A 293 2.49 35.13 -28.47
N ALA A 294 1.28 35.70 -28.61
CA ALA A 294 0.76 36.01 -29.94
C ALA A 294 1.32 37.33 -30.45
N ASP A 295 1.85 38.16 -29.57
CA ASP A 295 2.35 39.49 -29.89
C ASP A 295 3.85 39.52 -30.13
N GLY A 296 4.55 38.41 -29.93
CA GLY A 296 5.99 38.44 -30.01
C GLY A 296 6.66 39.14 -28.86
N ASN A 297 6.01 39.17 -27.69
CA ASN A 297 6.58 39.78 -26.50
C ASN A 297 6.54 38.80 -25.34
N TYR A 298 7.56 38.88 -24.49
CA TYR A 298 7.90 37.81 -23.56
C TYR A 298 7.01 37.79 -22.33
N ARG A 299 6.83 36.60 -21.80
CA ARG A 299 6.21 36.36 -20.51
C ARG A 299 7.14 35.42 -19.75
N VAL A 300 7.56 35.83 -18.55
CA VAL A 300 8.27 34.92 -17.67
C VAL A 300 7.30 33.80 -17.30
N LEU A 301 7.72 32.56 -17.49
CA LEU A 301 6.86 31.43 -17.18
C LEU A 301 7.17 30.88 -15.80
N GLU A 302 8.46 30.74 -15.51
CA GLU A 302 8.95 30.15 -14.26
C GLU A 302 10.45 30.34 -14.09
N LEU A 303 10.96 30.39 -12.85
CA LEU A 303 12.39 30.44 -12.58
C LEU A 303 12.78 29.13 -11.91
N ASN A 304 13.72 28.40 -12.51
CA ASN A 304 14.12 27.12 -11.97
C ASN A 304 15.20 27.31 -10.91
N ALA A 305 15.07 26.56 -9.81
CA ALA A 305 16.01 26.65 -8.71
C ALA A 305 17.20 25.70 -8.87
N SER A 306 17.16 24.80 -9.85
CA SER A 306 18.26 23.88 -10.11
C SER A 306 18.25 23.50 -11.58
N ALA A 307 18.38 24.50 -12.45
CA ALA A 307 18.29 24.26 -13.88
C ALA A 307 19.49 23.47 -14.39
N MET A 308 19.26 22.71 -15.45
CA MET A 308 20.33 22.09 -16.20
C MET A 308 20.89 23.08 -17.23
N PHE A 309 22.08 22.76 -17.76
CA PHE A 309 22.69 23.61 -18.77
C PHE A 309 23.43 22.86 -19.87
N ARG A 310 23.75 21.58 -19.68
CA ARG A 310 24.61 20.86 -20.62
C ARG A 310 24.00 20.80 -22.01
N GLY A 311 22.71 20.44 -22.09
CA GLY A 311 22.05 20.38 -23.38
C GLY A 311 21.94 21.71 -24.08
N PHE A 312 22.18 22.81 -23.37
CA PHE A 312 22.07 24.16 -23.89
C PHE A 312 23.39 24.72 -24.39
N GLU A 313 24.47 24.44 -23.67
CA GLU A 313 25.78 25.02 -24.03
C GLU A 313 26.24 24.69 -25.47
N GLY A 314 26.08 23.44 -25.87
CA GLY A 314 26.66 22.92 -27.09
C GLY A 314 26.52 23.68 -28.39
N ARG A 315 25.31 23.67 -28.97
CA ARG A 315 25.13 24.27 -30.30
C ARG A 315 25.16 25.79 -30.17
N ALA A 316 24.69 26.32 -29.05
CA ALA A 316 24.68 27.77 -28.85
C ALA A 316 26.07 28.36 -28.71
N ASN A 317 27.08 27.52 -28.43
CA ASN A 317 28.46 27.96 -28.24
C ASN A 317 28.57 28.91 -27.05
N VAL A 318 27.60 28.86 -26.14
CA VAL A 318 27.67 29.53 -24.85
C VAL A 318 28.27 28.58 -23.85
N ASP A 319 28.91 29.14 -22.83
CA ASP A 319 29.47 28.36 -21.74
C ASP A 319 28.81 28.81 -20.44
N ILE A 320 28.07 27.92 -19.82
CA ILE A 320 27.42 28.18 -18.54
C ILE A 320 28.16 27.53 -17.38
N CYS A 321 28.70 26.33 -17.61
CA CYS A 321 29.41 25.61 -16.57
C CYS A 321 30.60 26.42 -16.09
N GLY A 322 31.30 27.06 -17.02
CA GLY A 322 32.42 27.92 -16.71
C GLY A 322 32.05 29.04 -15.77
N PRO A 323 31.19 29.97 -16.21
CA PRO A 323 30.76 31.07 -15.32
C PRO A 323 30.26 30.59 -13.97
N LEU A 324 29.59 29.43 -13.93
CA LEU A 324 29.15 28.90 -12.65
C LEU A 324 30.35 28.56 -11.76
N CYS A 325 31.31 27.81 -12.30
CA CYS A 325 32.49 27.45 -11.52
C CYS A 325 33.28 28.70 -11.12
N ASP A 326 33.40 29.66 -12.02
CA ASP A 326 34.10 30.91 -11.69
C ASP A 326 33.42 31.59 -10.51
N ALA A 327 32.09 31.72 -10.57
CA ALA A 327 31.36 32.33 -9.46
C ALA A 327 31.58 31.55 -8.16
N LEU A 328 31.64 30.22 -8.25
CA LEU A 328 31.94 29.43 -7.06
C LEU A 328 33.31 29.77 -6.49
N ILE A 329 34.34 29.75 -7.35
CA ILE A 329 35.71 30.04 -6.90
C ILE A 329 35.80 31.45 -6.33
N ALA A 330 34.98 32.37 -6.84
CA ALA A 330 35.06 33.76 -6.43
C ALA A 330 34.70 33.96 -4.95
N GLN A 331 34.06 32.98 -4.33
CA GLN A 331 33.70 33.12 -2.92
C GLN A 331 34.85 32.72 -2.00
N THR A 332 35.84 31.99 -2.51
CA THR A 332 36.96 31.55 -1.70
C THR A 332 37.99 32.68 -1.52
N ASN B 23 -18.00 37.50 8.36
CA ASN B 23 -17.53 36.76 7.17
C ASN B 23 -17.24 37.75 6.03
N LEU B 24 -17.87 38.91 6.04
CA LEU B 24 -17.60 39.88 4.96
C LEU B 24 -16.42 40.74 5.36
N ASP B 25 -16.05 40.66 6.65
CA ASP B 25 -14.93 41.43 7.20
C ASP B 25 -13.86 40.43 7.46
N THR B 26 -12.91 40.26 6.55
CA THR B 26 -11.77 39.36 6.53
C THR B 26 -10.50 40.03 7.05
N SER B 27 -10.62 40.94 8.02
CA SER B 27 -9.48 41.71 8.50
C SER B 27 -8.55 40.87 9.36
N ILE B 28 -9.14 40.10 10.27
CA ILE B 28 -8.37 39.17 11.09
C ILE B 28 -8.79 37.80 10.65
N VAL B 29 -7.84 36.95 10.31
CA VAL B 29 -8.11 35.59 9.85
C VAL B 29 -7.52 34.59 10.84
N VAL B 30 -8.33 33.63 11.27
CA VAL B 30 -7.88 32.51 12.08
C VAL B 30 -7.89 31.27 11.18
N VAL B 31 -6.72 30.71 10.94
CA VAL B 31 -6.57 29.57 10.04
C VAL B 31 -6.58 28.29 10.88
N GLY B 32 -7.63 27.50 10.74
CA GLY B 32 -7.80 26.32 11.55
C GLY B 32 -9.26 25.95 11.64
N SER B 33 -9.51 24.80 12.28
CA SER B 33 -10.88 24.28 12.33
C SER B 33 -11.66 24.90 13.49
N PRO B 34 -12.93 25.24 13.26
CA PRO B 34 -13.77 25.75 14.36
C PRO B 34 -13.98 24.74 15.48
N ASP B 35 -13.65 23.47 15.25
CA ASP B 35 -13.68 22.48 16.31
C ASP B 35 -12.45 22.52 17.19
N ASP B 36 -11.37 23.13 16.71
CA ASP B 36 -10.14 23.22 17.49
C ASP B 36 -10.36 24.14 18.69
N LEU B 37 -9.91 23.69 19.86
CA LEU B 37 -10.16 24.42 21.10
C LEU B 37 -9.52 25.80 21.06
N HIS B 38 -8.29 25.88 20.56
CA HIS B 38 -7.59 27.16 20.55
C HIS B 38 -8.15 28.09 19.48
N VAL B 39 -8.61 27.55 18.36
CA VAL B 39 -9.35 28.37 17.41
C VAL B 39 -10.57 28.98 18.09
N GLN B 40 -11.31 28.17 18.85
CA GLN B 40 -12.45 28.70 19.59
C GLN B 40 -12.01 29.76 20.60
N SER B 41 -10.95 29.48 21.36
CA SER B 41 -10.51 30.40 22.40
C SER B 41 -10.15 31.76 21.79
N VAL B 42 -9.38 31.75 20.70
CA VAL B 42 -8.98 33.00 20.07
C VAL B 42 -10.17 33.69 19.41
N THR B 43 -11.03 32.93 18.73
CA THR B 43 -12.19 33.53 18.08
C THR B 43 -13.09 34.23 19.10
N GLU B 44 -13.38 33.55 20.21
CA GLU B 44 -14.20 34.15 21.25
C GLU B 44 -13.51 35.36 21.86
N GLY B 45 -12.27 35.18 22.36
CA GLY B 45 -11.53 36.29 22.95
C GLY B 45 -11.43 37.50 22.04
N LEU B 46 -11.62 37.31 20.75
CA LEU B 46 -11.63 38.44 19.85
C LEU B 46 -13.03 38.99 19.79
N ARG B 47 -14.02 38.12 19.72
CA ARG B 47 -15.41 38.58 19.74
C ARG B 47 -15.68 39.47 20.95
N ALA B 48 -15.10 39.12 22.10
CA ALA B 48 -15.31 39.90 23.32
C ALA B 48 -14.75 41.32 23.20
N ARG B 49 -13.81 41.55 22.29
CA ARG B 49 -13.23 42.87 22.11
C ARG B 49 -13.81 43.61 20.91
N GLY B 50 -14.94 43.15 20.38
CA GLY B 50 -15.58 43.82 19.27
C GLY B 50 -15.06 43.44 17.90
N HIS B 51 -14.32 42.34 17.78
CA HIS B 51 -13.78 41.90 16.49
C HIS B 51 -14.25 40.49 16.22
N GLU B 52 -15.07 40.31 15.17
CA GLU B 52 -15.50 38.99 14.75
C GLU B 52 -14.56 38.46 13.68
N PRO B 53 -13.67 37.53 14.01
CA PRO B 53 -12.68 37.08 13.05
C PRO B 53 -13.29 36.21 11.97
N TYR B 54 -12.59 36.14 10.84
CA TYR B 54 -12.93 35.21 9.76
C TYR B 54 -12.16 33.91 9.99
N VAL B 55 -12.88 32.80 10.04
CA VAL B 55 -12.29 31.49 10.28
C VAL B 55 -12.10 30.81 8.92
N PHE B 56 -10.85 30.60 8.56
CA PHE B 56 -10.49 29.95 7.30
C PHE B 56 -10.29 28.47 7.62
N ASP B 57 -11.31 27.66 7.38
CA ASP B 57 -11.30 26.25 7.75
C ASP B 57 -10.60 25.46 6.64
N THR B 58 -9.26 25.45 6.72
CA THR B 58 -8.45 24.83 5.67
C THR B 58 -8.73 23.34 5.55
N GLN B 59 -9.06 22.68 6.67
CA GLN B 59 -9.19 21.23 6.70
C GLN B 59 -10.18 20.72 5.66
N ARG B 60 -11.18 21.54 5.33
CA ARG B 60 -12.23 21.17 4.38
C ARG B 60 -12.03 21.82 3.01
N PHE B 61 -10.77 22.03 2.58
CA PHE B 61 -10.57 22.77 1.34
C PHE B 61 -11.09 22.06 0.10
N PRO B 62 -10.46 21.00 -0.42
CA PRO B 62 -10.66 20.68 -1.84
C PRO B 62 -12.07 20.16 -2.06
N GLU B 63 -12.63 19.46 -1.06
CA GLU B 63 -13.89 18.77 -1.28
C GLU B 63 -15.11 19.67 -1.10
N GLU B 64 -15.08 20.58 -0.12
CA GLU B 64 -16.27 21.38 0.20
C GLU B 64 -15.98 22.86 0.40
N MET B 65 -14.88 23.37 -0.18
CA MET B 65 -14.56 24.79 -0.20
C MET B 65 -13.79 25.05 -1.48
N THR B 66 -13.95 26.25 -2.03
CA THR B 66 -13.18 26.64 -3.21
C THR B 66 -12.13 27.66 -2.82
N VAL B 67 -10.92 27.49 -3.35
CA VAL B 67 -9.88 28.51 -3.32
C VAL B 67 -9.41 28.73 -4.76
N SER B 68 -9.19 29.99 -5.12
CA SER B 68 -8.78 30.36 -6.46
C SER B 68 -7.75 31.47 -6.39
N LEU B 69 -6.63 31.26 -7.08
CA LEU B 69 -5.56 32.25 -7.16
C LEU B 69 -5.41 32.71 -8.60
N GLY B 70 -5.35 34.03 -8.79
CA GLY B 70 -4.91 34.60 -10.04
C GLY B 70 -3.41 34.86 -10.03
N GLU B 71 -2.89 35.31 -11.17
CA GLU B 71 -1.47 35.60 -11.23
C GLU B 71 -1.12 36.79 -10.34
N GLN B 72 -2.02 37.77 -10.25
CA GLN B 72 -1.83 38.89 -9.34
C GLN B 72 -1.93 38.42 -7.90
N GLY B 73 -1.04 38.93 -7.05
CA GLY B 73 -0.97 38.44 -5.67
C GLY B 73 -2.26 38.64 -4.90
N ALA B 74 -3.00 39.70 -5.20
CA ALA B 74 -4.24 40.00 -4.48
C ALA B 74 -5.39 39.08 -4.86
N SER B 75 -5.32 38.46 -6.03
CA SER B 75 -6.45 37.66 -6.52
C SER B 75 -6.51 36.34 -5.75
N ILE B 76 -7.02 36.42 -4.53
CA ILE B 76 -7.22 35.27 -3.66
C ILE B 76 -8.72 35.18 -3.36
N PHE B 77 -9.34 34.05 -3.69
CA PHE B 77 -10.78 33.90 -3.58
C PHE B 77 -11.12 32.65 -2.81
N VAL B 78 -11.81 32.80 -1.68
CA VAL B 78 -12.24 31.70 -0.84
C VAL B 78 -13.77 31.68 -0.86
N ASP B 79 -14.34 30.59 -1.34
CA ASP B 79 -15.78 30.45 -1.54
C ASP B 79 -16.35 31.71 -2.19
N GLY B 80 -15.68 32.15 -3.24
CA GLY B 80 -16.12 33.27 -4.03
C GLY B 80 -15.71 34.63 -3.52
N GLN B 81 -15.28 34.71 -2.28
CA GLN B 81 -14.98 36.00 -1.69
C GLN B 81 -13.54 36.37 -1.70
N GLN B 82 -13.23 37.58 -2.11
CA GLN B 82 -11.84 37.97 -2.27
C GLN B 82 -11.23 38.34 -0.92
N ILE B 83 -10.05 37.78 -0.64
CA ILE B 83 -9.32 38.06 0.59
C ILE B 83 -7.88 38.37 0.22
N ALA B 84 -7.58 39.62 -0.12
CA ALA B 84 -6.26 39.95 -0.63
C ALA B 84 -5.23 40.09 0.47
N ARG B 85 -5.56 40.81 1.56
CA ARG B 85 -4.59 41.12 2.59
C ARG B 85 -5.28 41.31 3.93
N PRO B 86 -5.34 40.26 4.75
CA PRO B 86 -5.77 40.45 6.15
C PRO B 86 -4.77 41.33 6.87
N ALA B 87 -5.23 41.93 7.97
CA ALA B 87 -4.32 42.68 8.82
C ALA B 87 -3.43 41.74 9.63
N ALA B 88 -3.99 40.59 10.05
CA ALA B 88 -3.24 39.62 10.82
C ALA B 88 -3.90 38.26 10.69
N VAL B 89 -3.10 37.22 10.87
CA VAL B 89 -3.55 35.83 10.81
C VAL B 89 -2.98 35.07 11.99
N TYR B 90 -3.85 34.36 12.70
CA TYR B 90 -3.43 33.37 13.69
C TYR B 90 -3.42 32.01 13.02
N LEU B 91 -2.22 31.46 12.82
CA LEU B 91 -2.03 30.23 12.04
C LEU B 91 -1.91 29.06 13.02
N ARG B 92 -3.04 28.38 13.23
CA ARG B 92 -3.04 27.19 14.08
C ARG B 92 -2.65 25.94 13.30
N SER B 93 -3.22 25.77 12.10
CA SER B 93 -2.95 24.58 11.30
C SER B 93 -3.34 24.84 9.86
N LEU B 94 -2.56 24.25 8.94
CA LEU B 94 -2.84 24.28 7.51
C LEU B 94 -3.36 22.96 6.97
N TYR B 95 -2.85 21.84 7.48
CA TYR B 95 -3.18 20.50 6.98
C TYR B 95 -2.87 20.36 5.49
N ALA B 105 -9.52 8.57 7.60
CA ALA B 105 -9.96 7.96 6.35
C ALA B 105 -8.92 8.12 5.26
N ASP B 106 -7.65 7.86 5.61
CA ASP B 106 -6.56 7.98 4.67
C ASP B 106 -6.15 6.63 4.14
N LYS B 107 -7.04 5.63 4.21
CA LYS B 107 -6.72 4.36 3.58
C LYS B 107 -6.43 4.49 2.09
N ALA B 108 -6.71 5.65 1.49
CA ALA B 108 -6.30 5.91 0.12
C ALA B 108 -4.78 5.79 -0.03
N MET B 109 -4.04 6.06 1.04
CA MET B 109 -2.60 5.82 1.03
C MET B 109 -2.29 4.33 1.00
N GLN B 110 -3.01 3.53 1.79
CA GLN B 110 -2.86 2.08 1.74
C GLN B 110 -3.17 1.54 0.35
N ASP B 111 -4.00 2.24 -0.41
CA ASP B 111 -4.26 1.85 -1.79
C ASP B 111 -3.11 2.29 -2.71
N ASN B 112 -3.04 3.58 -3.03
CA ASN B 112 -2.00 4.10 -3.91
C ASN B 112 -1.30 5.28 -3.21
N TRP B 113 -0.14 4.97 -2.61
CA TRP B 113 0.62 5.99 -1.89
C TRP B 113 1.09 7.10 -2.82
N ARG B 114 1.54 6.78 -4.02
CA ARG B 114 2.11 7.80 -4.89
C ARG B 114 1.10 8.82 -5.32
N ARG B 115 -0.04 8.40 -5.84
CA ARG B 115 -1.08 9.34 -6.22
C ARG B 115 -1.50 10.11 -5.03
N THR B 116 -1.68 9.44 -3.90
CA THR B 116 -2.17 10.17 -2.73
C THR B 116 -1.20 11.28 -2.32
N LEU B 117 0.10 11.00 -2.39
CA LEU B 117 1.09 11.99 -1.99
C LEU B 117 1.08 13.19 -2.93
N LEU B 118 1.05 12.92 -4.24
CA LEU B 118 1.01 14.03 -5.19
C LEU B 118 -0.25 14.89 -5.01
N ALA B 119 -1.38 14.26 -4.72
CA ALA B 119 -2.60 15.03 -4.52
C ALA B 119 -2.49 15.92 -3.29
N PHE B 120 -2.03 15.35 -2.18
CA PHE B 120 -1.79 16.16 -0.99
C PHE B 120 -0.83 17.31 -1.29
N ARG B 121 0.15 17.09 -2.16
CA ARG B 121 1.07 18.18 -2.47
C ARG B 121 0.38 19.29 -3.24
N GLU B 122 -0.51 18.94 -4.17
CA GLU B 122 -1.31 19.95 -4.86
C GLU B 122 -2.10 20.79 -3.86
N ARG B 123 -2.88 20.12 -3.01
CA ARG B 123 -3.62 20.75 -1.92
C ARG B 123 -2.78 21.75 -1.15
N SER B 124 -1.70 21.21 -0.58
CA SER B 124 -0.90 21.97 0.36
C SER B 124 -0.15 23.12 -0.31
N THR B 125 0.24 22.93 -1.56
CA THR B 125 0.88 24.00 -2.30
C THR B 125 -0.06 25.19 -2.47
N LEU B 126 -1.30 24.91 -2.85
CA LEU B 126 -2.26 26.01 -2.99
C LEU B 126 -2.43 26.76 -1.68
N MET B 127 -2.64 26.03 -0.58
CA MET B 127 -2.85 26.71 0.70
C MET B 127 -1.63 27.52 1.12
N SER B 128 -0.45 26.93 1.00
CA SER B 128 0.78 27.64 1.37
C SER B 128 0.96 28.89 0.52
N ALA B 129 0.59 28.82 -0.76
CA ALA B 129 0.69 30.00 -1.61
C ALA B 129 -0.23 31.10 -1.11
N VAL B 130 -1.42 30.73 -0.65
CA VAL B 130 -2.32 31.75 -0.08
C VAL B 130 -1.64 32.48 1.08
N LEU B 131 -1.07 31.70 2.01
CA LEU B 131 -0.47 32.34 3.19
C LEU B 131 0.79 33.13 2.84
N LEU B 132 1.58 32.63 1.88
CA LEU B 132 2.77 33.35 1.47
C LEU B 132 2.41 34.66 0.80
N ARG B 133 1.32 34.67 0.02
CA ARG B 133 0.84 35.90 -0.58
C ARG B 133 0.40 36.90 0.47
N TRP B 134 -0.29 36.43 1.51
CA TRP B 134 -0.69 37.36 2.57
C TRP B 134 0.51 37.97 3.25
N GLU B 135 1.53 37.16 3.56
CA GLU B 135 2.73 37.70 4.19
C GLU B 135 3.41 38.71 3.27
N GLU B 136 3.48 38.41 1.97
CA GLU B 136 4.11 39.31 1.02
C GLU B 136 3.36 40.63 0.90
N ALA B 137 2.02 40.58 0.91
CA ALA B 137 1.24 41.81 0.80
C ALA B 137 1.37 42.68 2.04
N GLY B 138 1.79 42.11 3.16
CA GLY B 138 2.04 42.91 4.36
C GLY B 138 1.28 42.45 5.58
N THR B 139 0.62 41.29 5.47
CA THR B 139 -0.14 40.76 6.61
C THR B 139 0.81 40.32 7.70
N ALA B 140 0.47 40.67 8.94
CA ALA B 140 1.26 40.20 10.09
C ALA B 140 0.74 38.82 10.45
N VAL B 141 1.33 37.80 9.82
CA VAL B 141 0.96 36.41 10.12
C VAL B 141 1.61 36.03 11.44
N TYR B 142 0.80 35.62 12.41
CA TYR B 142 1.35 35.24 13.70
C TYR B 142 1.88 33.83 13.58
N ASN B 143 3.21 33.77 13.41
CA ASN B 143 3.98 32.62 12.97
C ASN B 143 3.66 32.30 11.51
N SER B 144 4.50 32.83 10.61
CA SER B 144 4.36 32.52 9.20
C SER B 144 4.85 31.11 8.93
N PRO B 145 4.41 30.51 7.82
CA PRO B 145 4.92 29.18 7.46
C PRO B 145 6.35 29.21 6.94
N ARG B 146 6.93 30.39 6.73
CA ARG B 146 8.36 30.45 6.40
C ARG B 146 9.20 29.97 7.58
N ALA B 147 8.86 30.33 8.79
CA ALA B 147 9.71 29.97 9.93
C ALA B 147 9.95 28.51 10.11
N SER B 148 9.27 27.69 9.33
CA SER B 148 9.45 26.27 9.40
C SER B 148 10.88 25.87 9.16
N ALA B 149 11.59 26.64 8.37
CA ALA B 149 12.96 26.34 8.07
C ALA B 149 13.76 26.52 9.32
N ASN B 150 13.60 27.67 9.95
CA ASN B 150 14.37 27.97 11.14
C ASN B 150 13.88 27.24 12.37
N ILE B 151 12.91 26.35 12.23
CA ILE B 151 12.37 25.62 13.38
C ILE B 151 13.00 24.25 13.36
N THR B 152 13.59 23.86 12.22
CA THR B 152 14.28 22.59 12.11
C THR B 152 15.09 22.43 13.37
N LYS B 153 14.88 21.37 14.12
CA LYS B 153 15.52 21.18 15.44
C LYS B 153 17.04 21.38 15.39
N PRO B 154 17.78 20.61 14.60
CA PRO B 154 19.25 20.76 14.59
C PRO B 154 19.71 22.15 14.16
N PHE B 155 18.87 22.90 13.46
CA PHE B 155 19.26 24.23 13.06
C PHE B 155 18.82 25.29 14.07
N GLN B 156 17.61 25.16 14.62
CA GLN B 156 17.12 26.11 15.62
C GLN B 156 18.06 26.14 16.82
N LEU B 157 18.52 24.96 17.24
CA LEU B 157 19.45 24.91 18.36
C LEU B 157 20.74 25.64 18.03
N ALA B 158 21.43 25.20 16.96
CA ALA B 158 22.66 25.86 16.52
C ALA B 158 22.47 27.37 16.35
N LEU B 159 21.29 27.79 15.89
CA LEU B 159 21.02 29.21 15.72
C LEU B 159 21.10 29.94 17.06
N LEU B 160 20.40 29.42 18.07
CA LEU B 160 20.47 30.04 19.39
C LEU B 160 21.86 29.90 20.00
N ARG B 161 22.47 28.73 19.86
CA ARG B 161 23.74 28.44 20.49
C ARG B 161 24.81 29.40 20.00
N ASP B 162 24.97 29.48 18.68
CA ASP B 162 25.88 30.43 18.07
C ASP B 162 25.41 31.87 18.19
N ALA B 163 24.47 32.14 19.09
CA ALA B 163 24.06 33.51 19.31
C ALA B 163 24.18 33.84 20.77
N GLY B 164 24.76 32.93 21.54
CA GLY B 164 25.00 33.21 22.94
C GLY B 164 23.92 32.80 23.90
N LEU B 165 23.33 31.67 23.58
CA LEU B 165 22.26 31.17 24.38
C LEU B 165 22.59 29.73 24.92
N PRO B 166 22.22 29.35 26.18
CA PRO B 166 22.50 28.02 26.68
C PRO B 166 21.62 26.94 26.07
N VAL B 167 22.17 25.85 25.51
CA VAL B 167 21.35 24.77 24.98
C VAL B 167 21.95 23.43 25.41
N PRO B 168 21.13 22.39 25.45
CA PRO B 168 21.66 21.07 25.84
C PRO B 168 22.74 20.57 24.88
N ARG B 169 23.78 19.97 25.45
CA ARG B 169 24.77 19.28 24.63
C ARG B 169 24.04 18.23 23.80
N SER B 170 23.88 18.51 22.51
CA SER B 170 23.06 17.68 21.65
C SER B 170 23.93 17.02 20.58
N LEU B 171 23.31 16.09 19.84
CA LEU B 171 24.02 15.31 18.84
C LEU B 171 23.03 14.53 17.97
N TRP B 172 22.87 14.97 16.73
CA TRP B 172 22.05 14.28 15.76
C TRP B 172 22.96 13.47 14.85
N THR B 173 22.84 12.13 14.86
CA THR B 173 23.79 11.28 14.12
C THR B 173 23.30 9.99 13.59
N ASN B 174 24.09 9.37 12.73
CA ASN B 174 23.73 8.05 12.29
C ASN B 174 24.95 7.18 12.43
N ASP B 175 25.85 7.56 13.32
CA ASP B 175 27.05 6.77 13.55
C ASP B 175 27.07 6.21 14.94
N PRO B 176 27.15 4.89 15.03
CA PRO B 176 27.21 4.25 16.33
C PRO B 176 28.39 4.71 17.17
N GLU B 177 29.53 4.95 16.55
CA GLU B 177 30.71 5.32 17.31
C GLU B 177 30.69 6.74 17.77
N ALA B 178 29.96 7.57 17.04
CA ALA B 178 29.91 8.96 17.38
C ALA B 178 29.16 9.14 18.65
N VAL B 179 28.12 8.36 18.83
CA VAL B 179 27.32 8.48 20.01
C VAL B 179 28.04 7.81 21.16
N ARG B 180 28.86 6.80 20.89
CA ARG B 180 29.53 6.19 22.05
C ARG B 180 30.54 7.14 22.67
N ARG B 181 31.14 8.03 21.86
CA ARG B 181 31.96 9.08 22.44
C ARG B 181 31.09 10.14 23.09
N PHE B 182 29.93 10.45 22.51
CA PHE B 182 29.00 11.38 23.17
C PHE B 182 28.63 10.86 24.56
N HIS B 183 28.38 9.55 24.66
CA HIS B 183 28.08 8.93 25.94
C HIS B 183 29.30 8.94 26.85
N ALA B 184 30.46 8.52 26.33
CA ALA B 184 31.69 8.52 27.11
C ALA B 184 32.05 9.91 27.65
N GLU B 185 31.54 10.97 27.03
CA GLU B 185 31.80 12.32 27.51
C GLU B 185 30.75 12.78 28.53
N VAL B 186 29.48 12.79 28.15
CA VAL B 186 28.47 13.45 28.98
C VAL B 186 27.76 12.52 29.96
N GLY B 187 27.83 11.21 29.75
CA GLY B 187 27.34 10.25 30.73
C GLY B 187 25.83 10.00 30.59
N ASP B 188 25.07 10.39 31.61
CA ASP B 188 23.61 10.17 31.62
C ASP B 188 22.99 11.08 30.55
N CYS B 189 22.29 10.50 29.60
CA CYS B 189 21.73 11.25 28.48
C CYS B 189 20.53 10.50 27.92
N ILE B 190 19.76 11.20 27.10
CA ILE B 190 18.54 10.64 26.54
C ILE B 190 18.55 10.73 25.04
N TYR B 191 17.62 10.04 24.38
CA TYR B 191 17.47 10.13 22.94
C TYR B 191 16.01 10.36 22.59
N LYS B 192 15.79 11.13 21.52
CA LYS B 192 14.47 11.51 21.01
C LYS B 192 14.53 11.57 19.48
N PRO B 193 13.39 11.68 18.80
CA PRO B 193 13.43 11.78 17.33
C PRO B 193 13.96 13.13 16.86
N VAL B 194 14.49 13.13 15.64
CA VAL B 194 15.08 14.33 15.07
C VAL B 194 14.01 15.36 14.74
N ALA B 195 12.82 14.92 14.34
CA ALA B 195 11.75 15.83 13.95
C ALA B 195 10.47 15.61 14.77
N GLY B 196 10.57 14.99 15.93
CA GLY B 196 9.41 14.62 16.69
C GLY B 196 8.70 13.41 16.09
N GLY B 197 7.83 12.81 16.90
CA GLY B 197 7.08 11.64 16.46
C GLY B 197 7.11 10.49 17.44
N ALA B 198 7.69 10.71 18.61
CA ALA B 198 7.75 9.72 19.67
C ALA B 198 8.18 10.41 20.95
N ARG B 199 7.73 9.88 22.09
CA ARG B 199 8.13 10.45 23.37
C ARG B 199 9.58 10.08 23.68
N THR B 200 10.25 10.99 24.39
CA THR B 200 11.68 10.82 24.66
C THR B 200 11.92 9.56 25.47
N ARG B 201 13.01 8.88 25.16
CA ARG B 201 13.38 7.63 25.85
C ARG B 201 14.80 7.75 26.39
N LYS B 202 14.98 7.36 27.64
CA LYS B 202 16.28 7.46 28.29
C LYS B 202 17.25 6.43 27.71
N LEU B 203 18.43 6.91 27.29
CA LEU B 203 19.44 6.04 26.72
C LEU B 203 20.11 5.25 27.84
N GLU B 204 19.92 3.93 27.83
CA GLU B 204 20.61 3.04 28.75
C GLU B 204 21.57 2.15 27.98
N ALA B 205 22.37 1.40 28.74
CA ALA B 205 23.45 0.62 28.15
C ALA B 205 22.94 -0.40 27.14
N LYS B 206 21.75 -0.97 27.37
CA LYS B 206 21.22 -1.95 26.43
C LYS B 206 20.86 -1.32 25.08
N ASP B 207 20.73 0.01 25.03
CA ASP B 207 20.55 0.70 23.75
C ASP B 207 21.88 0.88 23.03
N LEU B 208 22.97 1.08 23.76
CA LEU B 208 24.32 1.13 23.20
C LEU B 208 24.83 -0.22 22.74
N GLU B 209 24.00 -1.26 22.84
CA GLU B 209 24.39 -2.59 22.36
C GLU B 209 24.42 -2.61 20.84
N ALA B 210 25.32 -3.44 20.29
CA ALA B 210 25.45 -3.56 18.84
C ALA B 210 24.17 -4.03 18.16
N ASP B 211 23.23 -4.59 18.92
CA ASP B 211 21.96 -5.04 18.33
C ASP B 211 21.18 -3.87 17.74
N ARG B 212 20.91 -2.84 18.54
CA ARG B 212 20.08 -1.73 18.10
C ARG B 212 20.84 -0.47 17.77
N ILE B 213 22.04 -0.27 18.34
CA ILE B 213 22.80 0.93 18.00
C ILE B 213 23.25 0.90 16.54
N GLU B 214 23.26 -0.27 15.91
CA GLU B 214 23.53 -0.32 14.48
C GLU B 214 22.35 0.17 13.66
N ARG B 215 21.16 0.19 14.25
CA ARG B 215 19.95 0.56 13.51
C ARG B 215 19.87 2.05 13.21
N LEU B 216 20.79 2.86 13.74
CA LEU B 216 20.96 4.22 13.22
C LEU B 216 21.26 4.21 11.73
N SER B 217 21.63 3.05 11.18
CA SER B 217 21.79 2.90 9.74
C SER B 217 20.52 3.24 8.97
N ALA B 218 19.34 3.06 9.59
CA ALA B 218 18.10 3.29 8.86
C ALA B 218 17.59 4.73 8.96
N ALA B 219 18.00 5.47 9.99
CA ALA B 219 17.59 6.86 10.17
C ALA B 219 18.41 7.50 11.29
N PRO B 220 18.62 8.80 11.27
CA PRO B 220 19.34 9.47 12.36
C PRO B 220 18.46 9.69 13.58
N VAL B 221 19.13 9.90 14.72
CA VAL B 221 18.48 10.09 16.01
C VAL B 221 19.11 11.29 16.70
N CYS B 222 18.32 11.97 17.54
CA CYS B 222 18.82 13.04 18.39
C CYS B 222 19.18 12.46 19.75
N PHE B 223 20.37 12.80 20.24
CA PHE B 223 20.81 12.44 21.59
C PHE B 223 21.19 13.72 22.31
N GLN B 224 20.62 13.94 23.49
CA GLN B 224 20.95 15.11 24.28
C GLN B 224 21.38 14.66 25.66
N GLU B 225 22.15 15.53 26.33
CA GLU B 225 22.47 15.27 27.73
C GLU B 225 21.19 15.26 28.56
N LEU B 226 21.27 14.65 29.74
CA LEU B 226 20.11 14.46 30.60
C LEU B 226 20.03 15.63 31.58
N LEU B 227 19.14 16.56 31.27
CA LEU B 227 18.96 17.73 32.14
C LEU B 227 18.09 17.31 33.30
N THR B 228 18.33 17.90 34.45
CA THR B 228 17.71 17.42 35.68
C THR B 228 16.76 18.42 36.32
N GLY B 229 16.94 19.71 36.08
CA GLY B 229 16.13 20.74 36.72
C GLY B 229 14.68 20.77 36.28
N ASP B 230 14.04 21.92 36.48
CA ASP B 230 12.61 22.06 36.26
C ASP B 230 12.30 22.45 34.82
N ASP B 231 11.07 22.15 34.41
CA ASP B 231 10.55 22.56 33.12
C ASP B 231 9.88 23.92 33.25
N VAL B 232 10.33 24.90 32.47
CA VAL B 232 9.72 26.22 32.45
C VAL B 232 9.36 26.57 31.01
N ARG B 233 8.27 27.31 30.85
CA ARG B 233 7.75 27.67 29.54
C ARG B 233 7.45 29.17 29.52
N VAL B 234 8.01 29.86 28.52
CA VAL B 234 7.99 31.31 28.44
C VAL B 234 7.27 31.73 27.17
N TYR B 235 6.14 32.41 27.30
CA TYR B 235 5.41 32.90 26.14
C TYR B 235 5.92 34.27 25.73
N VAL B 236 6.25 34.44 24.45
CA VAL B 236 6.73 35.70 23.90
C VAL B 236 5.83 36.10 22.74
N ILE B 237 5.23 37.29 22.83
CA ILE B 237 4.31 37.81 21.83
C ILE B 237 4.79 39.21 21.45
N ASP B 238 5.45 39.33 20.30
CA ASP B 238 5.88 40.61 19.73
C ASP B 238 6.78 41.37 20.70
N ASP B 239 7.89 40.72 21.08
CA ASP B 239 8.92 41.33 21.93
C ASP B 239 8.35 41.78 23.28
N GLN B 240 7.43 40.98 23.83
CA GLN B 240 6.89 41.20 25.17
C GLN B 240 6.73 39.85 25.84
N VAL B 241 7.60 39.54 26.81
CA VAL B 241 7.43 38.31 27.58
C VAL B 241 6.13 38.41 28.35
N ILE B 242 5.18 37.51 28.04
CA ILE B 242 3.85 37.60 28.63
C ILE B 242 3.80 36.92 30.00
N CYS B 243 4.56 35.85 30.19
CA CYS B 243 4.70 35.18 31.48
C CYS B 243 5.75 34.07 31.33
N ALA B 244 6.11 33.49 32.46
CA ALA B 244 7.02 32.34 32.49
C ALA B 244 6.48 31.39 33.54
N LEU B 245 6.10 30.19 33.11
CA LEU B 245 5.35 29.28 33.97
C LEU B 245 6.16 28.02 34.24
N ARG B 246 6.16 27.59 35.50
CA ARG B 246 6.76 26.33 35.92
C ARG B 246 5.73 25.22 35.81
N ILE B 247 6.17 24.05 35.37
CA ILE B 247 5.29 22.90 35.19
C ILE B 247 5.87 21.75 35.99
N VAL B 248 5.34 21.51 37.19
CA VAL B 248 5.77 20.38 38.01
C VAL B 248 4.65 19.36 38.00
N THR B 249 4.96 18.11 38.34
CA THR B 249 3.97 17.04 38.32
C THR B 249 3.79 16.44 39.70
N ASP B 250 2.53 16.17 40.04
CA ASP B 250 2.19 15.45 41.26
C ASP B 250 1.51 14.14 40.88
N GLU B 251 2.01 13.04 41.41
CA GLU B 251 1.47 11.71 41.13
C GLU B 251 0.23 11.48 41.97
N ILE B 252 -0.92 11.32 41.30
CA ILE B 252 -2.22 11.20 41.99
C ILE B 252 -2.97 9.88 41.93
N ASP B 253 -2.60 8.99 41.02
CA ASP B 253 -3.27 7.71 40.89
C ASP B 253 -2.29 6.69 40.35
N PHE B 254 -2.78 5.50 40.04
CA PHE B 254 -1.89 4.47 39.55
C PHE B 254 -1.45 4.86 38.20
N ARG B 255 -0.15 5.11 38.05
CA ARG B 255 0.41 5.51 36.79
C ARG B 255 -0.34 6.69 36.17
N GLN B 256 -0.90 7.56 37.00
CA GLN B 256 -1.58 8.75 36.52
C GLN B 256 -1.12 9.91 37.36
N ALA B 257 -0.49 10.90 36.77
CA ALA B 257 -0.03 12.10 37.44
C ALA B 257 -0.59 13.31 36.72
N GLU B 258 -0.62 14.42 37.42
CA GLU B 258 -1.21 15.64 36.89
C GLU B 258 -0.24 16.79 37.02
N GLU B 259 -0.24 17.68 36.03
CA GLU B 259 0.63 18.84 36.02
C GLU B 259 0.05 19.96 36.88
N ARG B 260 0.96 20.71 37.50
CA ARG B 260 0.66 21.92 38.24
C ARG B 260 1.51 23.03 37.66
N ILE B 261 0.84 24.08 37.17
CA ILE B 261 1.49 25.22 36.54
C ILE B 261 1.55 26.36 37.56
N GLU B 262 2.67 27.05 37.60
CA GLU B 262 2.90 28.14 38.55
C GLU B 262 3.43 29.35 37.81
N ALA B 263 2.72 30.48 37.94
CA ALA B 263 3.23 31.73 37.37
C ALA B 263 4.49 32.16 38.11
N ILE B 264 5.53 32.42 37.33
CA ILE B 264 6.81 32.85 37.91
C ILE B 264 7.42 34.06 37.23
N GLU B 265 8.30 34.75 37.93
CA GLU B 265 9.03 35.89 37.40
C GLU B 265 10.49 35.52 37.17
N ILE B 266 11.10 36.15 36.17
CA ILE B 266 12.37 35.73 35.60
C ILE B 266 13.33 36.90 35.54
N SER B 267 14.63 36.65 35.66
CA SER B 267 15.59 37.71 35.49
C SER B 267 15.34 38.46 34.20
N ASP B 268 15.39 39.79 34.24
CA ASP B 268 15.18 40.59 33.05
C ASP B 268 16.19 40.29 31.97
N GLU B 269 17.35 39.81 32.36
CA GLU B 269 18.35 39.43 31.38
C GLU B 269 17.73 38.37 30.53
N VAL B 270 17.09 37.41 31.17
CA VAL B 270 16.54 36.31 30.43
C VAL B 270 15.20 36.67 29.84
N LYS B 271 14.58 37.72 30.34
CA LYS B 271 13.33 38.16 29.74
C LYS B 271 13.63 38.97 28.51
N ASP B 272 14.88 38.98 28.09
CA ASP B 272 15.24 39.66 26.87
C ASP B 272 16.02 38.63 26.10
N GLN B 273 16.62 37.69 26.81
CA GLN B 273 17.36 36.65 26.14
C GLN B 273 16.34 35.86 25.39
N CYS B 274 15.17 35.70 25.98
CA CYS B 274 14.11 35.01 25.31
C CYS B 274 13.67 35.78 24.08
N VAL B 275 13.42 37.06 24.24
CA VAL B 275 12.93 37.87 23.13
C VAL B 275 13.90 37.77 21.95
N ARG B 276 15.19 37.66 22.25
CA ARG B 276 16.22 37.51 21.17
C ARG B 276 15.98 36.18 20.46
N ALA B 277 15.63 35.13 21.20
CA ALA B 277 15.37 33.83 20.58
C ALA B 277 14.15 33.88 19.67
N ALA B 278 13.08 34.52 20.15
CA ALA B 278 11.87 34.63 19.33
C ALA B 278 12.16 35.39 18.03
N LYS B 279 12.85 36.53 18.15
CA LYS B 279 13.12 37.34 16.96
C LYS B 279 14.16 36.71 16.04
N LEU B 280 15.07 35.89 16.58
CA LEU B 280 16.08 35.27 15.72
C LEU B 280 15.52 34.06 14.99
N VAL B 281 14.59 33.33 15.61
CA VAL B 281 13.93 32.24 14.93
C VAL B 281 12.87 32.77 13.96
N GLY B 282 12.26 33.90 14.27
CA GLY B 282 11.28 34.51 13.40
C GLY B 282 9.84 34.27 13.79
N LEU B 283 9.55 34.18 15.08
CA LEU B 283 8.19 33.91 15.56
C LEU B 283 7.64 35.16 16.22
N ARG B 284 6.40 35.51 15.90
CA ARG B 284 5.76 36.59 16.63
C ARG B 284 5.24 36.09 17.98
N TYR B 285 4.42 35.05 17.96
CA TYR B 285 3.87 34.42 19.16
C TYR B 285 4.49 33.04 19.31
N THR B 286 5.30 32.88 20.36
CA THR B 286 6.03 31.63 20.58
C THR B 286 5.89 31.17 22.02
N GLY B 287 6.03 29.86 22.19
CA GLY B 287 6.17 29.25 23.50
C GLY B 287 7.55 28.64 23.62
N MET B 288 8.46 29.33 24.31
CA MET B 288 9.79 28.82 24.56
C MET B 288 9.76 27.75 25.64
N ASP B 289 10.57 26.70 25.45
CA ASP B 289 10.70 25.62 26.42
C ASP B 289 12.12 25.61 26.95
N ILE B 290 12.26 25.88 28.25
CA ILE B 290 13.55 25.88 28.92
C ILE B 290 13.53 24.85 30.04
N LYS B 291 14.71 24.33 30.36
CA LYS B 291 14.83 23.37 31.44
C LYS B 291 16.11 23.67 32.21
N ALA B 292 16.03 23.63 33.54
CA ALA B 292 17.20 23.88 34.38
C ALA B 292 18.01 22.60 34.54
N ASP B 295 23.95 22.15 37.77
CA ASP B 295 23.92 23.63 37.63
C ASP B 295 22.73 24.24 38.39
N GLY B 296 21.68 24.66 37.69
CA GLY B 296 20.55 25.28 38.41
C GLY B 296 20.07 26.51 37.66
N ASN B 297 20.59 26.67 36.44
CA ASN B 297 20.32 27.73 35.48
C ASN B 297 19.76 27.13 34.19
N TYR B 298 18.83 27.86 33.57
CA TYR B 298 18.01 27.31 32.52
C TYR B 298 18.76 27.24 31.19
N ARG B 299 18.34 26.30 30.35
CA ARG B 299 18.92 26.13 29.02
C ARG B 299 17.74 25.98 28.06
N VAL B 300 17.83 26.50 26.84
CA VAL B 300 16.74 26.49 25.88
C VAL B 300 16.77 25.20 25.08
N LEU B 301 15.62 24.52 25.00
CA LEU B 301 15.55 23.27 24.26
C LEU B 301 14.84 23.41 22.92
N GLU B 302 13.73 24.15 22.87
CA GLU B 302 12.96 24.28 21.64
C GLU B 302 12.07 25.51 21.72
N LEU B 303 11.96 26.21 20.60
CA LEU B 303 10.92 27.21 20.41
C LEU B 303 9.80 26.61 19.57
N ASN B 304 8.56 26.85 19.97
CA ASN B 304 7.41 26.21 19.37
C ASN B 304 6.65 27.19 18.49
N ALA B 305 6.51 26.86 17.22
CA ALA B 305 5.84 27.72 16.25
C ALA B 305 4.33 27.73 16.40
N SER B 306 3.76 26.89 17.26
CA SER B 306 2.33 26.94 17.50
C SER B 306 2.03 26.27 18.83
N ALA B 307 2.59 26.81 19.90
CA ALA B 307 2.36 26.28 21.24
C ALA B 307 0.90 26.47 21.62
N MET B 308 0.37 25.49 22.35
CA MET B 308 -0.96 25.62 22.93
C MET B 308 -0.88 26.44 24.21
N PHE B 309 -2.03 26.81 24.76
CA PHE B 309 -2.03 27.56 26.00
C PHE B 309 -3.14 27.20 26.98
N ARG B 310 -4.28 26.64 26.56
CA ARG B 310 -5.42 26.48 27.46
C ARG B 310 -5.04 25.70 28.71
N GLY B 311 -4.16 24.71 28.57
CA GLY B 311 -3.68 23.97 29.73
C GLY B 311 -3.07 24.88 30.79
N PHE B 312 -2.16 25.76 30.37
CA PHE B 312 -1.54 26.70 31.32
C PHE B 312 -2.55 27.75 31.78
N GLU B 313 -3.33 28.31 30.84
CA GLU B 313 -4.39 29.26 31.15
C GLU B 313 -5.27 28.78 32.30
N GLY B 314 -5.39 27.47 32.46
CA GLY B 314 -6.26 26.99 33.55
C GLY B 314 -5.48 26.47 34.74
N ARG B 315 -4.27 25.95 34.57
CA ARG B 315 -3.56 25.37 35.70
C ARG B 315 -2.83 26.39 36.58
N ALA B 316 -2.81 27.67 36.20
CA ALA B 316 -2.17 28.77 36.95
C ALA B 316 -2.98 30.06 36.87
N ASN B 317 -4.17 30.00 36.28
CA ASN B 317 -5.07 31.16 36.06
C ASN B 317 -4.26 32.35 35.56
N VAL B 318 -3.54 32.15 34.46
CA VAL B 318 -2.69 33.15 33.74
C VAL B 318 -3.39 33.48 32.41
N ASP B 319 -3.15 34.64 31.81
CA ASP B 319 -3.83 34.87 30.51
C ASP B 319 -2.82 34.92 29.38
N ILE B 320 -3.05 34.17 28.30
CA ILE B 320 -2.20 34.18 27.12
C ILE B 320 -3.03 34.50 25.89
N CYS B 321 -4.23 33.89 25.83
CA CYS B 321 -5.19 34.21 24.77
C CYS B 321 -5.46 35.71 24.72
N GLY B 322 -5.51 36.35 25.88
CA GLY B 322 -5.71 37.79 25.97
C GLY B 322 -4.68 38.58 25.20
N PRO B 323 -3.41 38.48 25.61
CA PRO B 323 -2.36 39.19 24.86
C PRO B 323 -2.27 38.79 23.39
N LEU B 324 -2.59 37.54 23.04
CA LEU B 324 -2.59 37.17 21.64
C LEU B 324 -3.64 37.97 20.87
N CYS B 325 -4.86 37.99 21.38
CA CYS B 325 -5.91 38.81 20.77
C CYS B 325 -5.51 40.28 20.73
N ASP B 326 -4.83 40.75 21.77
CA ASP B 326 -4.34 42.12 21.79
C ASP B 326 -3.42 42.37 20.60
N ALA B 327 -2.40 41.53 20.44
CA ALA B 327 -1.45 41.71 19.35
C ALA B 327 -2.17 41.63 18.00
N LEU B 328 -3.18 40.77 17.89
CA LEU B 328 -3.92 40.66 16.65
C LEU B 328 -4.68 41.94 16.34
N ILE B 329 -5.51 42.40 17.27
CA ILE B 329 -6.29 43.61 17.07
C ILE B 329 -5.40 44.84 16.90
N ALA B 330 -4.15 44.76 17.37
CA ALA B 330 -3.24 45.90 17.20
C ALA B 330 -2.97 46.15 15.71
N GLN B 331 -2.67 45.09 14.96
CA GLN B 331 -2.27 45.25 13.56
C GLN B 331 -3.36 45.88 12.70
N THR B 332 -4.61 45.84 13.15
CA THR B 332 -5.69 46.54 12.46
C THR B 332 -5.59 48.06 12.60
N LYS B 333 -4.62 48.57 13.35
CA LYS B 333 -4.43 50.00 13.54
C LYS B 333 -2.98 50.42 13.29
N LEU C 24 -3.27 -27.84 11.27
CA LEU C 24 -3.89 -26.88 12.22
C LEU C 24 -3.99 -27.50 13.61
N ASP C 25 -2.99 -27.27 14.46
CA ASP C 25 -3.02 -27.82 15.84
C ASP C 25 -3.75 -26.83 16.74
N THR C 26 -4.67 -27.31 17.56
CA THR C 26 -5.40 -26.42 18.46
C THR C 26 -5.35 -27.03 19.85
N SER C 27 -4.29 -26.69 20.59
CA SER C 27 -4.19 -26.98 22.02
C SER C 27 -4.08 -25.71 22.83
N ILE C 28 -3.19 -24.80 22.44
CA ILE C 28 -3.15 -23.44 22.96
C ILE C 28 -3.67 -22.52 21.86
N VAL C 29 -4.75 -21.82 22.13
CA VAL C 29 -5.34 -20.92 21.14
C VAL C 29 -5.17 -19.50 21.66
N VAL C 30 -4.77 -18.56 20.81
CA VAL C 30 -4.56 -17.21 21.25
C VAL C 30 -5.61 -16.32 20.62
N VAL C 31 -6.67 -16.03 21.35
CA VAL C 31 -7.68 -15.15 20.81
C VAL C 31 -7.15 -13.75 20.75
N GLY C 32 -6.98 -13.23 19.56
CA GLY C 32 -6.44 -11.91 19.40
C GLY C 32 -5.95 -11.69 18.00
N SER C 33 -5.93 -10.44 17.56
CA SER C 33 -5.43 -10.14 16.24
C SER C 33 -3.96 -10.25 16.35
N PRO C 34 -3.32 -10.96 15.41
CA PRO C 34 -1.87 -11.09 15.39
C PRO C 34 -1.13 -9.77 15.34
N ASP C 35 -1.83 -8.70 15.03
CA ASP C 35 -1.21 -7.39 15.01
C ASP C 35 -1.03 -6.84 16.42
N ASP C 36 -1.60 -7.50 17.42
CA ASP C 36 -1.35 -7.07 18.79
C ASP C 36 0.03 -7.53 19.09
N LEU C 37 0.76 -6.73 19.84
CA LEU C 37 2.12 -7.09 20.10
C LEU C 37 2.21 -7.99 21.29
N HIS C 38 1.12 -8.16 22.01
CA HIS C 38 1.16 -9.12 23.11
C HIS C 38 0.81 -10.53 22.63
N VAL C 39 -0.13 -10.67 21.70
CA VAL C 39 -0.47 -11.99 21.16
C VAL C 39 0.72 -12.61 20.42
N GLN C 40 1.65 -11.80 19.95
CA GLN C 40 2.87 -12.32 19.32
C GLN C 40 4.04 -12.41 20.30
N SER C 41 4.11 -11.53 21.30
CA SER C 41 5.10 -11.70 22.35
C SER C 41 4.88 -13.00 23.10
N VAL C 42 3.62 -13.41 23.24
CA VAL C 42 3.31 -14.72 23.79
C VAL C 42 3.80 -15.82 22.85
N THR C 43 3.43 -15.72 21.57
CA THR C 43 3.71 -16.82 20.64
C THR C 43 5.21 -17.04 20.44
N GLU C 44 6.00 -16.00 20.64
CA GLU C 44 7.46 -16.19 20.46
C GLU C 44 7.95 -17.17 21.53
N GLY C 45 7.61 -16.91 22.79
CA GLY C 45 7.98 -17.84 23.85
C GLY C 45 7.28 -19.18 23.70
N LEU C 46 6.04 -19.17 23.18
CA LEU C 46 5.32 -20.42 23.01
C LEU C 46 5.98 -21.32 21.97
N ARG C 47 6.47 -20.74 20.87
CA ARG C 47 7.27 -21.48 19.91
C ARG C 47 8.60 -21.89 20.51
N ALA C 48 9.22 -21.00 21.29
CA ALA C 48 10.47 -21.33 21.97
C ALA C 48 10.33 -22.51 22.91
N ARG C 49 9.11 -22.80 23.36
CA ARG C 49 8.83 -24.01 24.13
C ARG C 49 8.26 -25.14 23.28
N GLY C 50 8.22 -24.95 21.95
CA GLY C 50 7.80 -26.03 21.07
C GLY C 50 6.31 -26.28 20.99
N HIS C 51 5.50 -25.21 20.97
CA HIS C 51 4.05 -25.35 20.83
C HIS C 51 3.57 -24.35 19.80
N GLU C 52 2.87 -24.84 18.77
CA GLU C 52 2.29 -23.96 17.76
C GLU C 52 0.89 -23.56 18.18
N PRO C 53 0.64 -22.30 18.51
CA PRO C 53 -0.70 -21.89 18.93
C PRO C 53 -1.54 -21.34 17.79
N TYR C 54 -2.80 -21.76 17.70
CA TYR C 54 -3.70 -21.21 16.69
C TYR C 54 -4.12 -19.82 17.15
N VAL C 55 -3.50 -18.81 16.54
CA VAL C 55 -3.83 -17.43 16.86
C VAL C 55 -5.22 -17.09 16.35
N PHE C 56 -6.23 -17.46 17.11
CA PHE C 56 -7.60 -17.13 16.76
C PHE C 56 -7.77 -15.62 16.66
N ASP C 57 -7.92 -15.11 15.44
CA ASP C 57 -8.22 -13.70 15.24
C ASP C 57 -9.73 -13.53 15.20
N THR C 58 -10.24 -12.53 15.92
CA THR C 58 -11.66 -12.23 15.94
C THR C 58 -12.06 -11.12 14.99
N GLN C 59 -11.16 -10.16 14.74
CA GLN C 59 -11.49 -8.99 13.93
C GLN C 59 -11.96 -9.36 12.55
N ARG C 60 -11.45 -10.47 12.01
CA ARG C 60 -11.73 -10.88 10.65
C ARG C 60 -12.93 -11.82 10.53
N PHE C 61 -13.79 -11.90 11.57
CA PHE C 61 -14.80 -12.94 11.60
C PHE C 61 -15.78 -12.89 10.43
N PRO C 62 -16.57 -11.83 10.24
CA PRO C 62 -17.64 -11.91 9.24
C PRO C 62 -17.12 -12.11 7.82
N GLU C 63 -15.90 -11.64 7.54
CA GLU C 63 -15.37 -11.70 6.19
C GLU C 63 -14.48 -12.92 5.97
N GLU C 64 -13.28 -12.90 6.56
CA GLU C 64 -12.23 -13.92 6.30
C GLU C 64 -12.27 -15.09 7.30
N MET C 65 -13.44 -15.56 7.69
CA MET C 65 -13.48 -16.67 8.65
C MET C 65 -14.85 -17.33 8.63
N THR C 66 -14.91 -18.57 8.17
CA THR C 66 -16.05 -19.42 8.45
C THR C 66 -16.02 -19.82 9.92
N VAL C 67 -17.15 -19.66 10.60
CA VAL C 67 -17.31 -20.13 11.98
C VAL C 67 -18.70 -20.77 12.06
N SER C 68 -18.72 -22.07 12.26
CA SER C 68 -19.96 -22.84 12.32
C SER C 68 -20.11 -23.45 13.70
N LEU C 69 -21.33 -23.44 14.23
CA LEU C 69 -21.65 -24.01 15.53
C LEU C 69 -22.99 -24.71 15.45
N GLY C 70 -23.11 -25.82 16.18
CA GLY C 70 -24.28 -26.66 16.08
C GLY C 70 -24.95 -26.86 17.43
N GLU C 71 -26.08 -27.59 17.39
CA GLU C 71 -26.89 -27.79 18.58
C GLU C 71 -26.11 -28.46 19.70
N GLN C 72 -25.37 -29.51 19.37
CA GLN C 72 -24.46 -30.12 20.34
C GLN C 72 -23.27 -29.19 20.54
N GLY C 73 -22.87 -28.99 21.80
CA GLY C 73 -21.88 -27.99 22.11
C GLY C 73 -20.53 -28.26 21.46
N ALA C 74 -20.15 -29.54 21.36
CA ALA C 74 -18.81 -29.88 20.90
C ALA C 74 -18.54 -29.38 19.47
N SER C 75 -19.57 -29.25 18.66
CA SER C 75 -19.40 -28.92 17.24
C SER C 75 -19.08 -27.43 17.08
N ILE C 76 -17.79 -27.13 16.83
CA ILE C 76 -17.34 -25.75 16.57
C ILE C 76 -16.31 -25.86 15.45
N PHE C 77 -16.52 -25.23 14.29
CA PHE C 77 -15.64 -25.35 13.14
C PHE C 77 -15.19 -23.96 12.71
N VAL C 78 -13.89 -23.72 12.75
CA VAL C 78 -13.29 -22.45 12.37
C VAL C 78 -12.50 -22.67 11.09
N ASP C 79 -12.90 -21.99 10.02
CA ASP C 79 -12.28 -22.13 8.71
C ASP C 79 -12.21 -23.60 8.29
N GLY C 80 -13.12 -24.41 8.81
CA GLY C 80 -13.17 -25.83 8.52
C GLY C 80 -12.66 -26.69 9.67
N GLN C 81 -11.51 -26.31 10.22
CA GLN C 81 -10.90 -27.08 11.29
C GLN C 81 -11.82 -27.13 12.52
N GLN C 82 -12.20 -28.35 12.93
CA GLN C 82 -13.06 -28.51 14.09
C GLN C 82 -12.24 -28.32 15.36
N ILE C 83 -12.75 -27.47 16.25
CA ILE C 83 -12.05 -27.12 17.49
C ILE C 83 -13.08 -27.24 18.61
N ALA C 84 -13.23 -28.46 19.17
CA ALA C 84 -14.20 -28.68 20.24
C ALA C 84 -13.67 -28.21 21.59
N ARG C 85 -12.41 -28.54 21.90
CA ARG C 85 -11.81 -28.15 23.18
C ARG C 85 -10.31 -27.95 23.11
N PRO C 86 -9.87 -26.69 22.98
CA PRO C 86 -8.44 -26.42 23.18
C PRO C 86 -8.07 -26.71 24.63
N ALA C 87 -6.76 -26.91 24.86
CA ALA C 87 -6.32 -27.17 26.22
C ALA C 87 -6.37 -25.90 27.06
N ALA C 88 -5.80 -24.81 26.56
CA ALA C 88 -5.74 -23.54 27.27
C ALA C 88 -5.75 -22.42 26.25
N VAL C 89 -6.65 -21.44 26.43
CA VAL C 89 -6.81 -20.33 25.51
C VAL C 89 -6.39 -19.05 26.21
N TYR C 90 -5.57 -18.25 25.53
CA TYR C 90 -5.17 -16.92 26.02
C TYR C 90 -5.96 -15.86 25.27
N LEU C 91 -6.89 -15.22 25.98
CA LEU C 91 -7.73 -14.18 25.39
C LEU C 91 -7.08 -12.82 25.63
N ARG C 92 -6.71 -12.13 24.54
CA ARG C 92 -6.14 -10.77 24.64
C ARG C 92 -7.28 -9.76 24.55
N SER C 93 -8.20 -10.00 23.62
CA SER C 93 -9.40 -9.19 23.49
C SER C 93 -10.34 -9.88 22.52
N LEU C 94 -11.62 -9.92 22.88
CA LEU C 94 -12.64 -10.39 21.96
C LEU C 94 -13.05 -9.31 20.96
N TYR C 95 -12.58 -8.08 21.14
CA TYR C 95 -12.81 -6.95 20.23
C TYR C 95 -14.29 -6.86 19.83
N GLN C 96 -15.11 -6.56 20.84
CA GLN C 96 -16.55 -6.59 20.70
C GLN C 96 -17.20 -5.21 20.64
N SER C 97 -16.57 -4.20 21.15
CA SER C 97 -17.20 -2.89 21.08
C SER C 97 -16.64 -2.09 19.91
N PRO C 98 -17.46 -1.22 19.31
CA PRO C 98 -16.93 -0.33 18.26
C PRO C 98 -16.03 0.76 18.83
N GLY C 99 -15.60 0.63 20.08
CA GLY C 99 -14.71 1.59 20.69
C GLY C 99 -13.65 0.95 21.56
N ALA C 100 -13.49 -0.37 21.45
CA ALA C 100 -12.51 -1.10 22.25
C ALA C 100 -11.11 -0.91 21.66
N TYR C 101 -10.11 -1.47 22.35
CA TYR C 101 -8.73 -1.32 21.93
C TYR C 101 -8.45 -2.11 20.64
N MET C 109 -20.13 3.01 10.15
CA MET C 109 -19.42 3.34 11.37
C MET C 109 -20.01 4.60 11.94
N GLN C 110 -19.59 5.74 11.40
CA GLN C 110 -20.15 7.00 11.86
C GLN C 110 -21.31 7.26 10.94
N ASP C 111 -21.41 6.49 9.86
CA ASP C 111 -22.54 6.64 8.95
C ASP C 111 -23.81 6.10 9.60
N ASN C 112 -23.87 4.81 9.86
CA ASN C 112 -25.03 4.25 10.55
C ASN C 112 -24.59 3.76 11.90
N TRP C 113 -25.53 3.61 12.82
CA TRP C 113 -25.13 3.05 14.10
C TRP C 113 -26.14 2.00 14.56
N ARG C 114 -27.43 2.19 14.25
CA ARG C 114 -28.39 1.12 14.50
C ARG C 114 -28.12 -0.11 13.65
N ARG C 115 -27.18 -0.04 12.71
CA ARG C 115 -26.77 -1.15 11.87
C ARG C 115 -25.42 -1.72 12.30
N THR C 116 -24.42 -0.85 12.48
CA THR C 116 -23.09 -1.32 12.90
C THR C 116 -23.07 -1.80 14.35
N LEU C 117 -24.03 -1.33 15.14
CA LEU C 117 -24.10 -1.81 16.55
C LEU C 117 -24.53 -3.27 16.46
N LEU C 118 -25.56 -3.55 15.68
CA LEU C 118 -26.00 -4.93 15.50
C LEU C 118 -24.94 -5.78 14.80
N ALA C 119 -24.08 -5.17 13.98
CA ALA C 119 -22.96 -5.90 13.39
C ALA C 119 -22.04 -6.42 14.49
N PHE C 120 -21.48 -5.50 15.28
CA PHE C 120 -20.63 -5.91 16.40
C PHE C 120 -21.37 -6.82 17.37
N ARG C 121 -22.68 -6.61 17.52
CA ARG C 121 -23.47 -7.37 18.47
C ARG C 121 -23.58 -8.83 18.04
N GLU C 122 -24.01 -9.07 16.79
CA GLU C 122 -24.11 -10.42 16.30
C GLU C 122 -22.74 -11.08 16.14
N ARG C 123 -21.67 -10.30 16.00
CA ARG C 123 -20.34 -10.90 16.03
C ARG C 123 -20.01 -11.40 17.43
N SER C 124 -20.06 -10.50 18.41
CA SER C 124 -19.70 -10.86 19.77
C SER C 124 -20.59 -11.96 20.32
N THR C 125 -21.86 -11.95 19.95
CA THR C 125 -22.74 -12.97 20.49
C THR C 125 -22.21 -14.33 20.10
N LEU C 126 -21.68 -14.47 18.90
CA LEU C 126 -21.23 -15.77 18.41
C LEU C 126 -19.82 -16.12 18.86
N MET C 127 -18.91 -15.13 18.85
CA MET C 127 -17.56 -15.38 19.34
C MET C 127 -17.56 -15.68 20.83
N SER C 128 -18.42 -15.00 21.58
CA SER C 128 -18.53 -15.28 23.01
C SER C 128 -19.08 -16.65 23.20
N ALA C 129 -20.09 -17.00 22.41
CA ALA C 129 -20.66 -18.34 22.53
C ALA C 129 -19.60 -19.40 22.32
N VAL C 130 -18.69 -19.17 21.37
CA VAL C 130 -17.55 -20.07 21.16
C VAL C 130 -16.71 -20.17 22.43
N LEU C 131 -16.40 -19.01 23.03
CA LEU C 131 -15.55 -19.01 24.23
C LEU C 131 -16.27 -19.66 25.42
N LEU C 132 -17.57 -19.40 25.57
CA LEU C 132 -18.33 -20.01 26.64
C LEU C 132 -18.34 -21.52 26.50
N ARG C 133 -18.59 -22.00 25.28
CA ARG C 133 -18.54 -23.43 24.99
C ARG C 133 -17.19 -24.02 25.36
N TRP C 134 -16.12 -23.43 24.85
CA TRP C 134 -14.78 -23.92 25.16
C TRP C 134 -14.58 -24.03 26.67
N GLU C 135 -14.91 -22.96 27.39
CA GLU C 135 -14.72 -22.96 28.85
C GLU C 135 -15.52 -24.09 29.50
N GLU C 136 -16.82 -24.15 29.20
CA GLU C 136 -17.67 -25.19 29.76
C GLU C 136 -17.16 -26.59 29.41
N ALA C 137 -16.44 -26.71 28.30
CA ALA C 137 -15.83 -27.98 27.92
C ALA C 137 -14.54 -28.27 28.68
N GLY C 138 -14.25 -27.48 29.72
CA GLY C 138 -13.07 -27.74 30.52
C GLY C 138 -11.80 -27.07 30.02
N THR C 139 -11.88 -26.25 28.98
CA THR C 139 -10.73 -25.48 28.54
C THR C 139 -10.29 -24.52 29.64
N ALA C 140 -8.98 -24.36 29.77
CA ALA C 140 -8.39 -23.42 30.71
C ALA C 140 -8.36 -22.04 30.05
N VAL C 141 -9.46 -21.29 30.20
CA VAL C 141 -9.57 -19.97 29.61
C VAL C 141 -8.94 -18.96 30.56
N TYR C 142 -7.74 -18.49 30.21
CA TYR C 142 -7.02 -17.58 31.09
C TYR C 142 -7.71 -16.22 31.07
N ASN C 143 -8.53 -16.01 32.10
CA ASN C 143 -9.51 -14.94 32.24
C ASN C 143 -10.61 -15.11 31.20
N SER C 144 -11.65 -15.86 31.57
CA SER C 144 -12.79 -16.07 30.70
C SER C 144 -13.69 -14.85 30.69
N PRO C 145 -14.35 -14.57 29.56
CA PRO C 145 -15.21 -13.38 29.50
C PRO C 145 -16.33 -13.34 30.53
N ARG C 146 -16.51 -14.40 31.33
CA ARG C 146 -17.49 -14.33 32.40
C ARG C 146 -17.02 -13.39 33.51
N ALA C 147 -15.71 -13.39 33.80
CA ALA C 147 -15.16 -12.55 34.86
C ALA C 147 -15.42 -11.06 34.62
N SER C 148 -15.86 -10.68 33.42
CA SER C 148 -16.22 -9.29 33.17
C SER C 148 -17.27 -8.80 34.14
N ALA C 149 -18.22 -9.66 34.52
CA ALA C 149 -19.26 -9.26 35.45
C ALA C 149 -18.66 -8.86 36.80
N ASN C 150 -17.58 -9.54 37.22
CA ASN C 150 -16.96 -9.22 38.49
C ASN C 150 -15.96 -8.08 38.41
N ILE C 151 -15.40 -7.81 37.22
CA ILE C 151 -14.45 -6.69 37.14
C ILE C 151 -15.13 -5.33 37.18
N THR C 152 -16.47 -5.29 37.16
CA THR C 152 -17.24 -4.05 37.27
C THR C 152 -16.66 -3.30 38.46
N LYS C 153 -15.91 -2.23 38.23
CA LYS C 153 -15.19 -1.55 39.33
C LYS C 153 -15.97 -1.29 40.63
N PRO C 154 -17.19 -0.69 40.59
CA PRO C 154 -17.89 -0.60 41.89
C PRO C 154 -18.10 -1.93 42.58
N PHE C 155 -18.68 -2.91 41.88
CA PHE C 155 -18.91 -4.21 42.50
C PHE C 155 -17.59 -4.91 42.84
N GLN C 156 -16.58 -4.77 41.97
CA GLN C 156 -15.29 -5.40 42.20
C GLN C 156 -14.65 -4.86 43.49
N LEU C 157 -14.68 -3.55 43.68
CA LEU C 157 -14.06 -2.97 44.86
C LEU C 157 -14.86 -3.29 46.12
N ALA C 158 -16.19 -3.31 46.01
CA ALA C 158 -17.00 -3.73 47.14
C ALA C 158 -16.75 -5.19 47.49
N LEU C 159 -16.49 -6.02 46.47
CA LEU C 159 -16.24 -7.43 46.68
C LEU C 159 -14.91 -7.65 47.39
N LEU C 160 -13.88 -6.91 46.98
CA LEU C 160 -12.59 -7.00 47.65
C LEU C 160 -12.65 -6.45 49.06
N ARG C 161 -13.30 -5.28 49.24
CA ARG C 161 -13.41 -4.66 50.55
C ARG C 161 -14.16 -5.55 51.53
N ASP C 162 -15.37 -5.98 51.15
CA ASP C 162 -16.19 -6.81 52.03
C ASP C 162 -15.57 -8.18 52.30
N ALA C 163 -14.45 -8.50 51.66
CA ALA C 163 -13.72 -9.72 51.95
C ALA C 163 -12.56 -9.51 52.92
N GLY C 164 -12.28 -8.26 53.29
CA GLY C 164 -11.22 -7.95 54.21
C GLY C 164 -9.97 -7.37 53.58
N LEU C 165 -10.02 -7.00 52.32
CA LEU C 165 -8.85 -6.43 51.67
C LEU C 165 -8.96 -4.91 51.60
N PRO C 166 -7.83 -4.20 51.73
CA PRO C 166 -7.88 -2.74 51.77
C PRO C 166 -8.17 -2.13 50.41
N VAL C 167 -8.99 -1.10 50.42
CA VAL C 167 -9.34 -0.33 49.22
C VAL C 167 -9.27 1.15 49.55
N PRO C 168 -9.15 2.00 48.53
CA PRO C 168 -9.30 3.43 48.76
C PRO C 168 -10.71 3.73 49.23
N ARG C 169 -10.86 4.84 49.94
CA ARG C 169 -12.20 5.35 50.25
C ARG C 169 -12.84 5.80 48.95
N SER C 170 -13.93 5.14 48.56
CA SER C 170 -14.50 5.29 47.22
C SER C 170 -15.96 5.70 47.29
N LEU C 171 -16.42 6.35 46.21
CA LEU C 171 -17.78 6.85 46.12
C LEU C 171 -18.20 6.95 44.66
N TRP C 172 -19.17 6.16 44.25
CA TRP C 172 -19.72 6.22 42.90
C TRP C 172 -21.05 6.95 42.97
N THR C 173 -21.16 8.11 42.30
CA THR C 173 -22.30 8.95 42.59
C THR C 173 -22.70 9.82 41.40
N ASN C 174 -23.97 10.24 41.43
CA ASN C 174 -24.51 11.35 40.65
C ASN C 174 -25.11 12.41 41.57
N ASP C 175 -24.77 12.36 42.86
CA ASP C 175 -25.39 13.17 43.92
C ASP C 175 -24.40 14.21 44.42
N PRO C 176 -24.51 15.47 44.00
CA PRO C 176 -23.52 16.48 44.38
C PRO C 176 -23.37 16.67 45.87
N GLU C 177 -24.43 16.47 46.66
CA GLU C 177 -24.29 16.60 48.11
C GLU C 177 -23.46 15.46 48.69
N ALA C 178 -23.68 14.23 48.20
CA ALA C 178 -22.81 13.12 48.56
C ALA C 178 -21.37 13.44 48.20
N VAL C 179 -21.16 14.10 47.05
CA VAL C 179 -19.82 14.49 46.62
C VAL C 179 -19.18 15.43 47.63
N ARG C 180 -19.90 16.51 47.96
CA ARG C 180 -19.36 17.52 48.87
C ARG C 180 -19.04 16.91 50.22
N ARG C 181 -19.88 15.99 50.69
CA ARG C 181 -19.65 15.32 52.01
C ARG C 181 -18.41 14.41 51.90
N PHE C 182 -18.27 13.70 50.79
CA PHE C 182 -17.09 12.85 50.63
C PHE C 182 -15.81 13.67 50.64
N HIS C 183 -15.81 14.79 49.91
CA HIS C 183 -14.64 15.65 49.90
C HIS C 183 -14.35 16.20 51.29
N ALA C 184 -15.38 16.64 52.01
CA ALA C 184 -15.17 17.21 53.33
C ALA C 184 -14.65 16.19 54.32
N GLU C 185 -15.01 14.91 54.15
CA GLU C 185 -14.59 13.86 55.07
C GLU C 185 -13.23 13.27 54.72
N VAL C 186 -12.86 13.27 53.44
CA VAL C 186 -11.67 12.54 52.99
C VAL C 186 -10.49 13.49 52.80
N GLY C 187 -10.76 14.71 52.34
CA GLY C 187 -9.68 15.65 52.10
C GLY C 187 -9.38 15.80 50.63
N ASP C 188 -8.15 15.48 50.23
CA ASP C 188 -7.78 15.57 48.81
C ASP C 188 -8.35 14.39 48.04
N CYS C 189 -8.93 14.68 46.88
CA CYS C 189 -9.72 13.70 46.15
C CYS C 189 -9.37 13.73 44.67
N ILE C 190 -9.72 12.62 44.00
CA ILE C 190 -9.57 12.47 42.56
C ILE C 190 -10.87 11.87 42.03
N TYR C 191 -11.19 12.20 40.78
CA TYR C 191 -12.35 11.64 40.13
C TYR C 191 -11.97 10.99 38.81
N LYS C 192 -12.74 9.97 38.44
CA LYS C 192 -12.51 9.19 37.23
C LYS C 192 -13.84 8.67 36.75
N PRO C 193 -13.87 8.07 35.55
CA PRO C 193 -15.11 7.45 35.08
C PRO C 193 -15.39 6.13 35.79
N VAL C 194 -16.66 5.73 35.75
CA VAL C 194 -17.11 4.58 36.51
C VAL C 194 -16.57 3.28 35.92
N ALA C 195 -16.51 3.19 34.59
CA ALA C 195 -15.99 2.01 33.92
C ALA C 195 -14.75 2.27 33.10
N GLY C 196 -14.42 3.53 32.80
CA GLY C 196 -13.18 3.82 32.09
C GLY C 196 -13.38 4.60 30.81
N GLY C 197 -12.37 5.39 30.45
CA GLY C 197 -12.42 6.16 29.22
C GLY C 197 -11.97 7.60 29.37
N ALA C 198 -11.20 7.87 30.42
CA ALA C 198 -10.74 9.24 30.69
C ALA C 198 -9.63 9.17 31.72
N ARG C 199 -8.82 10.22 31.74
CA ARG C 199 -7.72 10.32 32.70
C ARG C 199 -8.22 10.83 34.04
N THR C 200 -7.74 10.22 35.11
CA THR C 200 -8.10 10.65 36.46
C THR C 200 -7.67 12.09 36.68
N ARG C 201 -8.55 12.88 37.30
CA ARG C 201 -8.26 14.29 37.54
C ARG C 201 -8.43 14.62 39.01
N LYS C 202 -7.77 15.69 39.45
CA LYS C 202 -7.86 16.13 40.84
C LYS C 202 -9.16 16.88 41.07
N LEU C 203 -9.67 16.74 42.29
CA LEU C 203 -10.92 17.43 42.65
C LEU C 203 -10.52 18.83 43.09
N GLU C 204 -10.72 19.78 42.19
CA GLU C 204 -10.34 21.15 42.47
C GLU C 204 -11.51 21.94 43.03
N ALA C 205 -11.20 23.10 43.61
CA ALA C 205 -12.24 23.98 44.12
C ALA C 205 -13.25 24.33 43.04
N LYS C 206 -12.75 24.68 41.84
CA LYS C 206 -13.64 25.04 40.75
C LYS C 206 -14.60 23.91 40.37
N ASP C 207 -14.23 22.67 40.70
CA ASP C 207 -15.10 21.53 40.38
C ASP C 207 -16.26 21.42 41.36
N LEU C 208 -16.08 21.88 42.60
CA LEU C 208 -17.10 21.69 43.64
C LEU C 208 -18.27 22.66 43.50
N GLU C 209 -18.20 23.58 42.55
CA GLU C 209 -19.28 24.53 42.36
C GLU C 209 -20.41 23.95 41.56
N ALA C 210 -21.62 24.42 41.82
CA ALA C 210 -22.80 23.91 41.14
C ALA C 210 -22.79 24.07 39.65
N ASP C 211 -21.97 24.96 39.14
CA ASP C 211 -21.83 25.09 37.71
C ASP C 211 -21.59 23.75 37.07
N ARG C 212 -20.74 22.94 37.68
CA ARG C 212 -20.44 21.68 37.07
C ARG C 212 -20.59 20.49 37.99
N ILE C 213 -20.89 20.68 39.27
CA ILE C 213 -21.14 19.49 40.07
C ILE C 213 -22.52 19.05 39.58
N GLU C 214 -23.30 20.01 39.15
CA GLU C 214 -24.64 19.66 38.74
C GLU C 214 -24.64 18.89 37.44
N ARG C 215 -23.51 18.81 36.75
CA ARG C 215 -23.48 18.01 35.54
C ARG C 215 -23.58 16.52 35.84
N LEU C 216 -23.43 16.14 37.11
CA LEU C 216 -23.51 14.75 37.54
C LEU C 216 -24.84 14.12 37.15
N SER C 217 -25.82 14.94 36.76
CA SER C 217 -27.14 14.47 36.38
C SER C 217 -27.19 13.92 34.96
N ALA C 218 -26.10 14.03 34.19
CA ALA C 218 -26.04 13.41 32.87
C ALA C 218 -25.36 12.05 32.86
N ALA C 219 -24.46 11.81 33.81
CA ALA C 219 -23.76 10.53 33.99
C ALA C 219 -23.02 10.54 35.33
N PRO C 220 -23.05 9.44 36.07
CA PRO C 220 -22.33 9.40 37.36
C PRO C 220 -20.83 9.33 37.15
N VAL C 221 -20.09 9.62 38.23
CA VAL C 221 -18.64 9.51 38.22
C VAL C 221 -18.16 8.83 39.49
N CYS C 222 -16.91 8.36 39.44
CA CYS C 222 -16.25 7.71 40.57
C CYS C 222 -15.35 8.71 41.28
N PHE C 223 -15.37 8.66 42.61
CA PHE C 223 -14.60 9.54 43.47
C PHE C 223 -13.74 8.70 44.41
N GLN C 224 -12.52 9.16 44.64
CA GLN C 224 -11.61 8.42 45.52
C GLN C 224 -10.73 9.38 46.27
N GLU C 225 -10.22 8.89 47.41
CA GLU C 225 -9.18 9.61 48.14
C GLU C 225 -7.91 9.67 47.30
N LEU C 226 -7.12 10.71 47.55
CA LEU C 226 -5.83 10.86 46.89
C LEU C 226 -4.78 10.13 47.71
N LEU C 227 -4.22 9.06 47.13
CA LEU C 227 -3.17 8.30 47.78
C LEU C 227 -1.81 8.85 47.31
N THR C 228 -0.92 9.09 48.28
CA THR C 228 0.37 9.71 48.01
C THR C 228 1.51 8.71 47.87
N GLY C 229 1.29 7.45 48.24
CA GLY C 229 2.35 6.46 48.28
C GLY C 229 2.89 6.04 46.93
N ASP C 230 3.36 4.80 46.84
CA ASP C 230 4.08 4.32 45.67
C ASP C 230 3.27 3.27 44.93
N ASP C 231 3.20 3.42 43.60
CA ASP C 231 2.55 2.42 42.76
C ASP C 231 3.30 1.09 42.81
N VAL C 232 2.56 -0.01 42.86
CA VAL C 232 3.12 -1.36 42.72
C VAL C 232 2.13 -2.20 41.92
N ARG C 233 2.60 -2.82 40.85
CA ARG C 233 1.79 -3.68 40.00
C ARG C 233 2.18 -5.14 40.24
N VAL C 234 1.20 -6.00 40.50
CA VAL C 234 1.44 -7.38 40.90
C VAL C 234 0.74 -8.31 39.91
N TYR C 235 1.46 -9.34 39.47
CA TYR C 235 0.92 -10.33 38.55
C TYR C 235 0.69 -11.64 39.29
N VAL C 236 -0.48 -12.24 39.07
CA VAL C 236 -0.86 -13.51 39.68
C VAL C 236 -1.25 -14.47 38.57
N ILE C 237 -0.51 -15.56 38.41
CA ILE C 237 -0.74 -16.54 37.35
C ILE C 237 -1.09 -17.86 38.02
N ASP C 238 -2.38 -18.20 38.03
CA ASP C 238 -2.88 -19.46 38.59
C ASP C 238 -2.44 -19.64 40.04
N ASP C 239 -2.84 -18.68 40.88
CA ASP C 239 -2.61 -18.71 42.32
C ASP C 239 -1.12 -18.63 42.67
N GLN C 240 -0.38 -17.81 41.93
CA GLN C 240 1.04 -17.61 42.18
C GLN C 240 1.40 -16.17 41.89
N VAL C 241 1.86 -15.44 42.91
CA VAL C 241 2.47 -14.14 42.68
C VAL C 241 3.72 -14.37 41.85
N ILE C 242 3.68 -13.98 40.58
CA ILE C 242 4.82 -14.20 39.71
C ILE C 242 5.88 -13.13 39.93
N CYS C 243 5.47 -11.86 39.99
CA CYS C 243 6.39 -10.76 40.23
C CYS C 243 5.61 -9.60 40.81
N ALA C 244 6.32 -8.77 41.58
CA ALA C 244 5.77 -7.55 42.15
C ALA C 244 6.75 -6.42 41.82
N LEU C 245 6.26 -5.39 41.13
CA LEU C 245 7.10 -4.31 40.65
C LEU C 245 6.60 -2.99 41.21
N ARG C 246 7.57 -2.14 41.56
CA ARG C 246 7.25 -0.82 42.03
C ARG C 246 7.41 0.07 40.84
N ILE C 247 6.81 1.25 40.86
CA ILE C 247 6.82 2.15 39.72
C ILE C 247 7.08 3.56 40.22
N VAL C 248 8.02 4.26 39.57
CA VAL C 248 8.27 5.67 39.89
C VAL C 248 8.47 6.46 38.61
N THR C 249 8.41 7.78 38.74
CA THR C 249 8.53 8.69 37.60
C THR C 249 9.78 9.55 37.78
N ASP C 250 10.72 9.45 36.83
CA ASP C 250 11.92 10.26 36.81
C ASP C 250 11.90 11.12 35.54
N GLU C 251 12.09 12.43 35.71
CA GLU C 251 12.05 13.41 34.60
C GLU C 251 13.00 13.02 33.47
N ILE C 252 12.47 12.76 32.29
CA ILE C 252 13.33 12.47 31.16
C ILE C 252 13.55 13.79 30.42
N ASP C 253 12.47 14.42 29.95
CA ASP C 253 12.64 15.63 29.17
C ASP C 253 11.69 16.73 29.64
N PHE C 254 11.55 17.77 28.82
CA PHE C 254 10.64 18.87 29.12
C PHE C 254 9.21 18.34 29.15
N ARG C 255 8.61 18.30 30.33
CA ARG C 255 7.24 17.83 30.54
C ARG C 255 7.09 16.34 30.25
N GLN C 256 8.18 15.64 30.00
CA GLN C 256 8.17 14.20 29.83
C GLN C 256 8.96 13.54 30.96
N ALA C 257 8.41 12.47 31.50
CA ALA C 257 9.10 11.62 32.47
C ALA C 257 9.05 10.19 31.98
N GLU C 258 10.01 9.40 32.43
CA GLU C 258 10.04 7.98 32.13
C GLU C 258 9.85 7.19 33.43
N GLU C 259 9.22 6.02 33.30
CA GLU C 259 8.93 5.17 34.44
C GLU C 259 10.11 4.25 34.74
N ARG C 260 10.51 4.22 36.00
CA ARG C 260 11.47 3.25 36.51
C ARG C 260 10.68 2.13 37.17
N ILE C 261 10.86 0.91 36.67
CA ILE C 261 10.16 -0.28 37.12
C ILE C 261 11.15 -1.12 37.90
N GLU C 262 11.01 -1.11 39.23
CA GLU C 262 11.95 -1.87 40.11
C GLU C 262 11.24 -3.05 40.75
N ALA C 263 11.78 -4.23 40.51
CA ALA C 263 11.20 -5.44 41.09
C ALA C 263 11.47 -5.48 42.59
N ILE C 264 10.43 -5.76 43.37
CA ILE C 264 10.51 -5.82 44.82
C ILE C 264 9.92 -7.14 45.28
N GLU C 265 10.22 -7.50 46.52
CA GLU C 265 9.69 -8.71 47.11
C GLU C 265 8.68 -8.35 48.16
N ILE C 266 7.48 -8.90 48.04
CA ILE C 266 6.38 -8.62 48.95
C ILE C 266 6.21 -9.78 49.93
N SER C 267 5.69 -9.47 51.11
CA SER C 267 5.55 -10.46 52.16
C SER C 267 4.56 -11.55 51.76
N ASP C 268 4.67 -12.70 52.45
CA ASP C 268 3.77 -13.82 52.18
C ASP C 268 2.32 -13.47 52.50
N GLU C 269 2.13 -12.57 53.47
CA GLU C 269 0.76 -12.19 53.86
C GLU C 269 0.05 -11.47 52.70
N VAL C 270 0.67 -10.43 52.17
CA VAL C 270 0.05 -9.72 51.06
C VAL C 270 0.13 -10.54 49.77
N LYS C 271 1.05 -11.50 49.68
CA LYS C 271 1.02 -12.46 48.58
C LYS C 271 -0.28 -13.24 48.59
N ASP C 272 -0.61 -13.84 49.74
CA ASP C 272 -1.90 -14.51 49.88
C ASP C 272 -3.06 -13.55 49.63
N GLN C 273 -2.91 -12.29 50.03
CA GLN C 273 -3.95 -11.30 49.75
C GLN C 273 -4.19 -11.18 48.24
N CYS C 274 -3.10 -11.04 47.48
CA CYS C 274 -3.22 -10.90 46.03
C CYS C 274 -3.81 -12.15 45.40
N VAL C 275 -3.37 -13.33 45.84
CA VAL C 275 -3.92 -14.57 45.30
C VAL C 275 -5.41 -14.68 45.65
N ARG C 276 -5.80 -14.21 46.84
CA ARG C 276 -7.19 -14.30 47.25
C ARG C 276 -8.05 -13.32 46.47
N ALA C 277 -7.52 -12.13 46.16
CA ALA C 277 -8.25 -11.19 45.32
C ALA C 277 -8.42 -11.73 43.90
N ALA C 278 -7.40 -12.43 43.39
CA ALA C 278 -7.52 -13.09 42.10
C ALA C 278 -8.61 -14.15 42.13
N LYS C 279 -8.59 -15.00 43.16
CA LYS C 279 -9.64 -16.02 43.31
C LYS C 279 -11.02 -15.39 43.46
N LEU C 280 -11.10 -14.20 44.07
CA LEU C 280 -12.38 -13.53 44.20
C LEU C 280 -12.93 -13.11 42.84
N VAL C 281 -12.18 -12.22 42.15
CA VAL C 281 -12.69 -11.69 40.89
C VAL C 281 -12.86 -12.80 39.86
N GLY C 282 -12.09 -13.88 39.97
CA GLY C 282 -12.26 -15.00 39.08
C GLY C 282 -11.32 -14.97 37.90
N LEU C 283 -10.07 -14.57 38.15
CA LEU C 283 -9.06 -14.50 37.10
C LEU C 283 -8.03 -15.61 37.30
N ARG C 284 -7.45 -16.06 36.20
CA ARG C 284 -6.34 -17.01 36.24
C ARG C 284 -4.99 -16.34 36.01
N TYR C 285 -4.95 -15.32 35.16
CA TYR C 285 -3.79 -14.46 34.98
C TYR C 285 -4.24 -13.02 35.20
N THR C 286 -3.74 -12.37 36.23
CA THR C 286 -4.16 -11.02 36.55
C THR C 286 -2.95 -10.10 36.72
N GLY C 287 -3.15 -8.85 36.31
CA GLY C 287 -2.27 -7.76 36.68
C GLY C 287 -3.05 -6.75 37.50
N MET C 288 -2.83 -6.75 38.82
CA MET C 288 -3.59 -5.92 39.73
C MET C 288 -2.73 -4.76 40.21
N ASP C 289 -3.34 -3.57 40.25
CA ASP C 289 -2.69 -2.35 40.69
C ASP C 289 -2.91 -2.17 42.18
N ILE C 290 -1.82 -1.95 42.91
CA ILE C 290 -1.88 -1.63 44.32
C ILE C 290 -1.07 -0.35 44.52
N LYS C 291 -1.35 0.34 45.63
CA LYS C 291 -0.66 1.59 45.89
C LYS C 291 -0.71 1.88 47.38
N ALA C 292 0.44 2.12 47.99
CA ALA C 292 0.44 2.56 49.37
C ALA C 292 -0.23 3.93 49.48
N GLY C 293 -0.73 4.23 50.68
CA GLY C 293 -1.43 5.48 50.91
C GLY C 293 -0.51 6.57 51.44
N ALA C 294 -0.88 7.16 52.57
CA ALA C 294 0.01 8.08 53.28
C ALA C 294 0.85 7.34 54.31
N ASP C 295 0.26 6.39 55.02
CA ASP C 295 1.00 5.65 56.04
C ASP C 295 2.08 4.79 55.41
N GLY C 296 1.77 4.12 54.31
CA GLY C 296 2.65 3.14 53.70
C GLY C 296 2.05 1.77 53.52
N ASN C 297 0.91 1.48 54.13
CA ASN C 297 0.22 0.22 53.89
C ASN C 297 -0.67 0.34 52.66
N TYR C 298 -0.72 -0.73 51.87
CA TYR C 298 -1.18 -0.66 50.50
C TYR C 298 -2.70 -0.82 50.38
N ARG C 299 -3.19 -0.30 49.28
CA ARG C 299 -4.62 -0.40 48.94
C ARG C 299 -4.71 -1.03 47.57
N VAL C 300 -5.67 -1.91 47.43
CA VAL C 300 -5.94 -2.56 46.16
C VAL C 300 -6.83 -1.63 45.34
N LEU C 301 -6.36 -1.26 44.14
CA LEU C 301 -7.11 -0.32 43.31
C LEU C 301 -8.01 -1.01 42.30
N GLU C 302 -7.49 -2.01 41.57
CA GLU C 302 -8.31 -2.74 40.61
C GLU C 302 -7.52 -3.96 40.13
N LEU C 303 -8.24 -4.84 39.45
CA LEU C 303 -7.67 -6.00 38.78
C LEU C 303 -8.07 -5.96 37.32
N ASN C 304 -7.09 -6.10 36.42
CA ASN C 304 -7.37 -6.04 34.98
C ASN C 304 -7.63 -7.43 34.44
N ALA C 305 -8.66 -7.53 33.60
CA ALA C 305 -8.99 -8.79 32.94
C ALA C 305 -7.80 -9.31 32.14
N SER C 306 -7.33 -8.52 31.18
CA SER C 306 -6.15 -8.87 30.39
C SER C 306 -5.14 -7.73 30.55
N ALA C 307 -4.24 -7.88 31.51
CA ALA C 307 -3.22 -6.87 31.74
C ALA C 307 -2.12 -6.99 30.69
N MET C 308 -1.29 -5.95 30.62
CA MET C 308 -0.14 -5.89 29.76
C MET C 308 1.11 -6.17 30.57
N PHE C 309 2.18 -6.55 29.87
CA PHE C 309 3.40 -6.91 30.56
C PHE C 309 4.68 -6.58 29.81
N ARG C 310 4.67 -6.51 28.47
CA ARG C 310 5.90 -6.38 27.70
C ARG C 310 6.75 -5.21 28.19
N GLY C 311 6.11 -4.09 28.50
CA GLY C 311 6.83 -2.94 29.01
C GLY C 311 7.55 -3.23 30.32
N PHE C 312 6.77 -3.58 31.35
CA PHE C 312 7.32 -3.95 32.66
C PHE C 312 8.47 -4.94 32.53
N GLU C 313 8.31 -5.93 31.66
CA GLU C 313 9.33 -6.93 31.36
C GLU C 313 10.61 -6.24 30.93
N GLY C 314 10.54 -5.49 29.84
CA GLY C 314 11.76 -4.90 29.29
C GLY C 314 12.45 -3.97 30.27
N ARG C 315 11.69 -3.28 31.10
CA ARG C 315 12.29 -2.28 32.01
C ARG C 315 12.89 -2.90 33.26
N ALA C 316 12.20 -3.85 33.88
CA ALA C 316 12.72 -4.43 35.12
C ALA C 316 13.54 -5.69 34.88
N ASN C 317 13.57 -6.21 33.64
CA ASN C 317 14.19 -7.48 33.33
C ASN C 317 13.61 -8.59 34.20
N VAL C 318 12.27 -8.65 34.23
CA VAL C 318 11.53 -9.74 34.83
C VAL C 318 10.79 -10.48 33.72
N ASP C 319 10.70 -11.80 33.86
CA ASP C 319 10.05 -12.64 32.85
C ASP C 319 8.62 -12.90 33.31
N ILE C 320 7.66 -12.29 32.63
CA ILE C 320 6.24 -12.53 32.88
C ILE C 320 5.64 -13.46 31.82
N CYS C 321 5.98 -13.20 30.55
CA CYS C 321 5.53 -14.05 29.46
C CYS C 321 5.95 -15.50 29.66
N GLY C 322 7.12 -15.72 30.26
CA GLY C 322 7.55 -17.05 30.61
C GLY C 322 6.52 -17.80 31.42
N PRO C 323 6.33 -17.37 32.67
CA PRO C 323 5.28 -17.98 33.51
C PRO C 323 3.92 -18.09 32.84
N LEU C 324 3.49 -17.08 32.10
CA LEU C 324 2.21 -17.20 31.39
C LEU C 324 2.23 -18.37 30.41
N CYS C 325 3.33 -18.51 29.65
CA CYS C 325 3.42 -19.56 28.64
C CYS C 325 3.48 -20.94 29.28
N ASP C 326 4.29 -21.11 30.31
CA ASP C 326 4.37 -22.43 30.93
C ASP C 326 3.06 -22.74 31.66
N ALA C 327 2.35 -21.72 32.14
CA ALA C 327 1.01 -21.95 32.67
C ALA C 327 0.09 -22.50 31.58
N LEU C 328 0.12 -21.88 30.39
CA LEU C 328 -0.68 -22.40 29.28
C LEU C 328 -0.30 -23.84 28.95
N ILE C 329 1.00 -24.11 28.84
CA ILE C 329 1.46 -25.41 28.38
C ILE C 329 1.16 -26.50 29.40
N ALA C 330 1.26 -26.17 30.69
CA ALA C 330 1.04 -27.16 31.74
C ALA C 330 -0.40 -27.68 31.74
N GLN C 331 -1.33 -26.98 31.08
CA GLN C 331 -2.68 -27.49 30.95
C GLN C 331 -2.83 -28.46 29.79
N THR C 332 -1.76 -28.61 29.01
CA THR C 332 -1.73 -29.55 27.91
C THR C 332 -0.98 -30.74 28.48
N LYS C 333 -1.37 -31.15 29.67
CA LYS C 333 -0.74 -32.29 30.31
C LYS C 333 -1.73 -32.95 31.27
N LEU D 24 -37.50 2.79 55.74
CA LEU D 24 -37.71 2.34 54.34
C LEU D 24 -38.13 0.89 54.37
N ASP D 25 -39.00 0.48 53.46
CA ASP D 25 -39.41 -0.94 53.33
C ASP D 25 -38.73 -1.45 52.07
N THR D 26 -37.65 -2.20 52.21
CA THR D 26 -36.88 -2.65 51.07
C THR D 26 -36.67 -4.14 51.10
N SER D 27 -37.63 -4.87 51.62
CA SER D 27 -37.51 -6.31 51.63
C SER D 27 -37.75 -6.82 50.24
N ILE D 28 -38.75 -6.26 49.61
CA ILE D 28 -39.09 -6.74 48.32
C ILE D 28 -38.87 -5.54 47.39
N VAL D 29 -38.06 -5.72 46.36
CA VAL D 29 -37.75 -4.60 45.48
C VAL D 29 -38.12 -4.97 44.06
N VAL D 30 -38.85 -4.08 43.39
CA VAL D 30 -39.21 -4.25 41.99
C VAL D 30 -38.50 -3.18 41.19
N VAL D 31 -37.88 -3.58 40.07
CA VAL D 31 -37.13 -2.68 39.22
C VAL D 31 -37.88 -2.48 37.91
N GLY D 32 -38.07 -1.23 37.51
CA GLY D 32 -38.74 -0.92 36.26
C GLY D 32 -39.55 0.36 36.40
N SER D 33 -40.17 0.74 35.28
CA SER D 33 -41.02 1.92 35.42
C SER D 33 -42.42 1.50 35.87
N PRO D 34 -43.09 2.35 36.72
CA PRO D 34 -44.44 1.89 37.06
C PRO D 34 -45.37 1.87 35.88
N ASP D 35 -45.05 2.60 34.82
CA ASP D 35 -45.87 2.49 33.62
C ASP D 35 -45.96 1.07 33.12
N ASP D 36 -44.90 0.28 33.32
CA ASP D 36 -44.88 -1.11 32.86
C ASP D 36 -45.97 -1.91 33.56
N LEU D 37 -46.86 -2.50 32.75
CA LEU D 37 -48.02 -3.20 33.31
C LEU D 37 -47.61 -4.40 34.15
N HIS D 38 -46.43 -4.98 33.89
CA HIS D 38 -45.99 -6.11 34.70
C HIS D 38 -45.40 -5.66 36.02
N VAL D 39 -44.64 -4.55 36.02
CA VAL D 39 -44.28 -3.89 37.27
C VAL D 39 -45.53 -3.63 38.11
N GLN D 40 -46.55 -3.05 37.49
CA GLN D 40 -47.85 -2.90 38.13
C GLN D 40 -48.31 -4.22 38.74
N SER D 41 -48.59 -5.22 37.89
CA SER D 41 -49.07 -6.53 38.32
C SER D 41 -48.39 -7.04 39.58
N VAL D 42 -47.05 -7.06 39.57
CA VAL D 42 -46.31 -7.59 40.70
C VAL D 42 -46.51 -6.71 41.93
N THR D 43 -46.56 -5.38 41.73
CA THR D 43 -46.72 -4.48 42.86
C THR D 43 -48.09 -4.63 43.52
N GLU D 44 -49.14 -4.68 42.71
CA GLU D 44 -50.47 -4.87 43.29
C GLU D 44 -50.59 -6.22 43.97
N GLY D 45 -49.96 -7.25 43.42
CA GLY D 45 -50.00 -8.56 44.04
C GLY D 45 -49.35 -8.54 45.40
N LEU D 46 -48.14 -7.95 45.45
CA LEU D 46 -47.45 -7.82 46.74
C LEU D 46 -48.22 -6.92 47.70
N ARG D 47 -48.94 -5.95 47.17
CA ARG D 47 -49.70 -5.05 48.02
C ARG D 47 -50.81 -5.77 48.75
N ALA D 48 -51.78 -6.29 48.00
CA ALA D 48 -52.88 -7.01 48.62
C ALA D 48 -52.44 -8.23 49.42
N ARG D 49 -51.14 -8.55 49.38
CA ARG D 49 -50.62 -9.71 50.10
C ARG D 49 -49.96 -9.34 51.42
N GLY D 50 -49.77 -8.06 51.69
CA GLY D 50 -49.23 -7.59 52.95
C GLY D 50 -47.92 -6.85 52.89
N HIS D 51 -47.52 -6.35 51.72
CA HIS D 51 -46.27 -5.61 51.57
C HIS D 51 -46.54 -4.39 50.68
N GLU D 52 -45.49 -3.63 50.42
CA GLU D 52 -45.54 -2.43 49.54
C GLU D 52 -44.15 -2.33 48.92
N PRO D 53 -43.90 -3.02 47.76
CA PRO D 53 -42.52 -2.98 47.29
C PRO D 53 -41.94 -1.65 46.93
N TYR D 54 -40.62 -1.60 46.95
CA TYR D 54 -39.94 -0.37 46.58
C TYR D 54 -39.71 -0.37 45.07
N VAL D 55 -40.49 0.44 44.36
CA VAL D 55 -40.35 0.49 42.91
C VAL D 55 -39.09 1.20 42.55
N PHE D 56 -38.20 0.52 41.87
CA PHE D 56 -36.93 1.08 41.43
C PHE D 56 -37.06 1.47 39.95
N ASP D 57 -37.23 2.76 39.69
CA ASP D 57 -37.33 3.27 38.32
C ASP D 57 -35.93 3.63 37.85
N THR D 58 -35.23 2.63 37.32
CA THR D 58 -33.87 2.83 36.81
C THR D 58 -33.84 3.73 35.57
N GLN D 59 -34.99 3.91 34.90
CA GLN D 59 -35.03 4.83 33.77
C GLN D 59 -34.90 6.28 34.19
N ARG D 60 -35.16 6.59 35.47
CA ARG D 60 -35.03 7.95 35.99
C ARG D 60 -33.65 8.24 36.57
N PHE D 61 -32.77 7.23 36.63
CA PHE D 61 -31.50 7.35 37.34
C PHE D 61 -30.67 8.58 36.93
N PRO D 62 -30.41 8.85 35.63
CA PRO D 62 -29.47 9.93 35.31
C PRO D 62 -29.89 11.28 35.88
N GLU D 63 -31.11 11.72 35.58
CA GLU D 63 -31.50 13.11 35.83
C GLU D 63 -32.50 13.30 36.94
N GLU D 64 -33.38 12.33 37.20
CA GLU D 64 -34.45 12.50 38.18
C GLU D 64 -34.18 11.78 39.51
N MET D 65 -33.05 11.11 39.66
CA MET D 65 -32.83 10.24 40.80
C MET D 65 -31.36 10.24 41.18
N THR D 66 -31.09 10.11 42.47
CA THR D 66 -29.73 10.04 42.98
C THR D 66 -29.43 8.61 43.46
N VAL D 67 -28.24 8.13 43.09
CA VAL D 67 -27.75 6.83 43.55
C VAL D 67 -26.29 7.00 43.94
N SER D 68 -25.94 6.55 45.14
CA SER D 68 -24.59 6.69 45.68
C SER D 68 -24.13 5.37 46.26
N LEU D 69 -22.95 4.93 45.85
CA LEU D 69 -22.37 3.68 46.34
C LEU D 69 -21.03 3.96 47.01
N GLY D 70 -20.76 3.26 48.11
CA GLY D 70 -19.50 3.36 48.81
C GLY D 70 -18.68 2.08 48.64
N GLU D 71 -17.41 2.16 49.05
CA GLU D 71 -16.52 1.01 48.92
C GLU D 71 -17.00 -0.20 49.72
N GLN D 72 -17.84 0.00 50.72
CA GLN D 72 -18.45 -1.12 51.43
C GLN D 72 -19.70 -1.56 50.67
N GLY D 73 -19.82 -2.88 50.46
CA GLY D 73 -20.87 -3.43 49.62
C GLY D 73 -22.28 -3.12 50.07
N ALA D 74 -22.46 -2.60 51.30
CA ALA D 74 -23.79 -2.24 51.78
C ALA D 74 -24.10 -0.76 51.59
N SER D 75 -23.12 0.05 51.20
CA SER D 75 -23.27 1.50 51.17
C SER D 75 -23.99 1.96 49.89
N ILE D 76 -25.22 1.47 49.74
CA ILE D 76 -26.05 1.77 48.58
C ILE D 76 -27.18 2.69 49.02
N PHE D 77 -27.25 3.89 48.43
CA PHE D 77 -28.23 4.90 48.82
C PHE D 77 -28.97 5.38 47.58
N VAL D 78 -30.24 5.02 47.47
CA VAL D 78 -31.11 5.46 46.40
C VAL D 78 -31.97 6.61 46.91
N ASP D 79 -31.80 7.80 46.31
CA ASP D 79 -32.55 9.00 46.65
C ASP D 79 -32.53 9.29 48.16
N GLY D 80 -31.50 8.81 48.87
CA GLY D 80 -31.33 9.06 50.28
C GLY D 80 -31.42 7.81 51.14
N GLN D 81 -32.17 6.80 50.69
CA GLN D 81 -32.43 5.63 51.52
C GLN D 81 -31.38 4.55 51.28
N GLN D 82 -30.89 3.95 52.38
CA GLN D 82 -29.94 2.84 52.30
C GLN D 82 -30.69 1.56 51.98
N ILE D 83 -30.58 1.11 50.74
CA ILE D 83 -31.10 -0.19 50.33
C ILE D 83 -29.92 -1.14 50.21
N ALA D 84 -29.84 -2.09 51.15
CA ALA D 84 -28.79 -3.10 51.15
C ALA D 84 -29.42 -4.45 51.49
N ARG D 85 -29.06 -5.50 50.78
CA ARG D 85 -29.66 -6.83 50.97
C ARG D 85 -31.20 -6.96 50.98
N PRO D 86 -31.92 -6.48 49.91
CA PRO D 86 -33.35 -6.82 49.89
C PRO D 86 -33.54 -8.33 49.91
N ALA D 87 -34.67 -8.76 50.46
CA ALA D 87 -34.93 -10.20 50.50
C ALA D 87 -35.13 -10.78 49.11
N ALA D 88 -35.72 -10.00 48.20
CA ALA D 88 -35.99 -10.50 46.85
C ALA D 88 -36.12 -9.32 45.90
N VAL D 89 -35.78 -9.58 44.64
CA VAL D 89 -35.84 -8.57 43.59
C VAL D 89 -36.57 -9.16 42.38
N TYR D 90 -37.52 -8.40 41.84
CA TYR D 90 -38.15 -8.68 40.56
C TYR D 90 -37.57 -7.71 39.54
N LEU D 91 -36.67 -8.20 38.70
CA LEU D 91 -35.92 -7.39 37.75
C LEU D 91 -36.62 -7.45 36.39
N ARG D 92 -37.32 -6.41 36.00
CA ARG D 92 -37.97 -6.38 34.70
C ARG D 92 -37.09 -5.72 33.65
N SER D 93 -36.57 -4.53 33.94
CA SER D 93 -35.71 -3.81 32.99
C SER D 93 -34.89 -2.80 33.78
N LEU D 94 -33.87 -2.27 33.11
CA LEU D 94 -32.99 -1.27 33.72
C LEU D 94 -32.74 -0.09 32.79
N MET D 109 -27.87 10.20 18.93
CA MET D 109 -26.73 9.35 18.60
C MET D 109 -25.97 9.86 17.38
N GLN D 110 -26.68 10.15 16.29
CA GLN D 110 -25.99 10.68 15.11
C GLN D 110 -25.34 12.02 15.40
N ASP D 111 -25.83 12.75 16.42
CA ASP D 111 -25.10 13.89 16.93
C ASP D 111 -23.68 13.49 17.32
N ASN D 112 -23.55 12.44 18.13
CA ASN D 112 -22.25 11.93 18.54
C ASN D 112 -22.44 10.55 19.15
N TRP D 113 -21.68 9.56 18.65
CA TRP D 113 -21.91 8.18 19.09
C TRP D 113 -21.09 7.82 20.33
N ARG D 114 -19.85 8.29 20.41
CA ARG D 114 -18.98 7.88 21.51
C ARG D 114 -19.40 8.49 22.84
N ARG D 115 -19.72 9.79 22.87
CA ARG D 115 -20.27 10.38 24.08
C ARG D 115 -21.52 9.63 24.52
N THR D 116 -22.47 9.46 23.59
CA THR D 116 -23.72 8.79 23.89
C THR D 116 -23.51 7.36 24.38
N LEU D 117 -22.42 6.72 23.94
CA LEU D 117 -22.13 5.35 24.37
C LEU D 117 -21.53 5.32 25.77
N LEU D 118 -20.42 6.05 25.97
CA LEU D 118 -19.71 5.93 27.24
C LEU D 118 -20.50 6.53 28.40
N ALA D 119 -21.35 7.53 28.15
CA ALA D 119 -22.21 8.03 29.22
C ALA D 119 -23.21 6.96 29.67
N PHE D 120 -23.86 6.31 28.71
CA PHE D 120 -24.74 5.20 29.03
C PHE D 120 -23.99 4.11 29.78
N ARG D 121 -22.73 3.87 29.41
CA ARG D 121 -21.95 2.87 30.13
C ARG D 121 -21.74 3.27 31.57
N GLU D 122 -21.50 4.55 31.83
CA GLU D 122 -21.41 5.01 33.22
C GLU D 122 -22.68 4.66 33.99
N ARG D 123 -23.83 5.12 33.45
CA ARG D 123 -25.11 4.87 34.12
C ARG D 123 -25.34 3.38 34.36
N SER D 124 -25.11 2.57 33.33
CA SER D 124 -25.41 1.14 33.40
C SER D 124 -24.42 0.42 34.30
N THR D 125 -23.17 0.85 34.33
CA THR D 125 -22.21 0.28 35.28
C THR D 125 -22.71 0.46 36.70
N LEU D 126 -23.18 1.66 37.04
CA LEU D 126 -23.70 1.90 38.39
C LEU D 126 -24.87 0.99 38.71
N MET D 127 -25.87 0.92 37.81
CA MET D 127 -27.05 0.12 38.11
C MET D 127 -26.73 -1.37 38.23
N SER D 128 -25.91 -1.89 37.29
CA SER D 128 -25.52 -3.28 37.34
C SER D 128 -24.71 -3.59 38.60
N ALA D 129 -23.95 -2.63 39.08
CA ALA D 129 -23.23 -2.87 40.31
C ALA D 129 -24.26 -3.05 41.38
N VAL D 130 -25.23 -2.15 41.43
CA VAL D 130 -26.23 -2.24 42.51
C VAL D 130 -26.84 -3.64 42.56
N LEU D 131 -27.33 -4.12 41.41
CA LEU D 131 -27.94 -5.46 41.36
C LEU D 131 -26.94 -6.54 41.78
N LEU D 132 -25.70 -6.44 41.30
CA LEU D 132 -24.70 -7.43 41.67
C LEU D 132 -24.38 -7.37 43.16
N ARG D 133 -24.38 -6.14 43.72
CA ARG D 133 -24.11 -5.96 45.18
C ARG D 133 -25.20 -6.68 45.98
N TRP D 134 -26.45 -6.54 45.57
CA TRP D 134 -27.52 -7.24 46.29
C TRP D 134 -27.37 -8.74 46.16
N GLU D 135 -27.09 -9.24 44.94
CA GLU D 135 -26.94 -10.69 44.78
C GLU D 135 -25.77 -11.21 45.62
N GLU D 136 -24.75 -10.40 45.76
CA GLU D 136 -23.59 -10.82 46.60
C GLU D 136 -23.99 -10.80 48.06
N ALA D 137 -24.75 -9.78 48.47
CA ALA D 137 -25.17 -9.68 49.85
C ALA D 137 -26.09 -10.83 50.23
N GLY D 138 -26.83 -11.38 49.27
CA GLY D 138 -27.62 -12.56 49.52
C GLY D 138 -29.01 -12.50 48.94
N THR D 139 -29.33 -11.37 48.31
CA THR D 139 -30.64 -11.17 47.72
C THR D 139 -30.94 -12.25 46.70
N ALA D 140 -32.12 -12.86 46.81
CA ALA D 140 -32.62 -13.77 45.80
C ALA D 140 -33.20 -12.95 44.66
N VAL D 141 -32.29 -12.45 43.81
CA VAL D 141 -32.72 -11.73 42.61
C VAL D 141 -33.35 -12.71 41.65
N TYR D 142 -34.60 -12.42 41.28
CA TYR D 142 -35.32 -13.32 40.35
C TYR D 142 -34.90 -13.01 38.91
N ASN D 143 -34.15 -13.95 38.35
CA ASN D 143 -33.35 -13.71 37.16
C ASN D 143 -32.33 -12.62 37.44
N SER D 144 -31.17 -13.02 37.97
CA SER D 144 -30.09 -12.08 38.18
C SER D 144 -29.48 -11.70 36.83
N PRO D 145 -28.99 -10.47 36.70
CA PRO D 145 -28.28 -10.10 35.47
C PRO D 145 -27.11 -11.01 35.16
N ARG D 146 -26.53 -11.64 36.18
CA ARG D 146 -25.42 -12.56 35.98
C ARG D 146 -25.81 -13.79 35.16
N ALA D 147 -27.11 -13.99 34.90
CA ALA D 147 -27.57 -15.04 34.01
C ALA D 147 -27.57 -14.60 32.54
N SER D 148 -26.86 -13.51 32.22
CA SER D 148 -26.82 -13.03 30.84
C SER D 148 -25.92 -13.93 29.99
N ALA D 149 -24.77 -14.33 30.52
CA ALA D 149 -23.87 -15.20 29.77
C ALA D 149 -24.60 -16.45 29.28
N ASN D 150 -25.54 -16.95 30.07
CA ASN D 150 -26.24 -18.19 29.78
C ASN D 150 -27.48 -18.00 28.92
N ILE D 151 -27.80 -16.77 28.50
CA ILE D 151 -28.93 -16.60 27.59
C ILE D 151 -28.49 -16.46 26.15
N THR D 152 -27.22 -16.13 25.91
CA THR D 152 -26.66 -16.09 24.56
C THR D 152 -27.07 -17.38 23.86
N LYS D 153 -27.97 -17.27 22.88
CA LYS D 153 -28.65 -18.44 22.31
C LYS D 153 -27.68 -19.50 21.80
N PRO D 154 -26.62 -19.17 21.01
CA PRO D 154 -25.73 -20.23 20.51
C PRO D 154 -25.06 -21.04 21.61
N PHE D 155 -24.97 -20.46 22.80
CA PHE D 155 -24.51 -21.19 23.98
C PHE D 155 -25.64 -21.77 24.80
N GLN D 156 -26.73 -21.02 24.98
CA GLN D 156 -27.84 -21.48 25.82
C GLN D 156 -28.38 -22.81 25.33
N LEU D 157 -28.53 -22.96 24.02
CA LEU D 157 -29.09 -24.18 23.49
C LEU D 157 -28.08 -25.30 23.55
N ALA D 158 -26.81 -24.99 23.36
CA ALA D 158 -25.77 -26.00 23.52
C ALA D 158 -25.66 -26.46 24.97
N LEU D 159 -25.76 -25.51 25.92
CA LEU D 159 -25.77 -25.87 27.34
C LEU D 159 -26.92 -26.79 27.69
N LEU D 160 -27.93 -26.90 26.81
CA LEU D 160 -29.04 -27.81 27.00
C LEU D 160 -28.85 -29.13 26.25
N ARG D 161 -28.33 -29.08 25.03
CA ARG D 161 -28.10 -30.31 24.31
C ARG D 161 -27.09 -31.15 25.06
N ASP D 162 -25.94 -30.57 25.35
CA ASP D 162 -24.92 -31.36 26.03
C ASP D 162 -25.40 -31.86 27.38
N ALA D 163 -26.32 -31.13 28.01
CA ALA D 163 -26.85 -31.53 29.33
C ALA D 163 -27.89 -32.63 29.23
N GLY D 164 -28.23 -33.09 28.04
CA GLY D 164 -29.24 -34.11 27.86
C GLY D 164 -30.63 -33.61 27.58
N LEU D 165 -30.78 -32.42 26.99
CA LEU D 165 -32.09 -31.88 26.67
C LEU D 165 -32.35 -31.94 25.16
N PRO D 166 -33.60 -32.15 24.75
CA PRO D 166 -33.95 -32.06 23.33
C PRO D 166 -34.04 -30.61 22.89
N VAL D 167 -33.10 -30.21 22.03
CA VAL D 167 -33.12 -28.86 21.47
C VAL D 167 -33.27 -28.99 19.96
N PRO D 168 -33.94 -28.04 19.30
CA PRO D 168 -34.05 -28.11 17.84
C PRO D 168 -32.68 -28.07 17.18
N ARG D 169 -32.44 -29.04 16.28
CA ARG D 169 -31.20 -29.12 15.53
C ARG D 169 -30.90 -27.78 14.87
N SER D 170 -29.85 -27.11 15.34
CA SER D 170 -29.59 -25.73 14.97
C SER D 170 -28.20 -25.58 14.39
N LEU D 171 -27.97 -24.43 13.76
CA LEU D 171 -26.69 -24.15 13.11
C LEU D 171 -26.53 -22.64 13.02
N TRP D 172 -25.57 -22.10 13.77
CA TRP D 172 -25.17 -20.70 13.63
C TRP D 172 -23.92 -20.65 12.76
N THR D 173 -24.02 -20.02 11.61
CA THR D 173 -22.88 -19.99 10.71
C THR D 173 -22.99 -18.81 9.78
N ASN D 174 -21.84 -18.42 9.23
CA ASN D 174 -21.75 -17.59 8.03
C ASN D 174 -21.27 -18.40 6.84
N ASP D 175 -21.09 -19.72 7.00
CA ASP D 175 -20.54 -20.55 5.94
C ASP D 175 -21.64 -21.06 5.03
N PRO D 176 -21.60 -20.77 3.73
CA PRO D 176 -22.66 -21.17 2.83
C PRO D 176 -22.78 -22.69 2.78
N GLU D 177 -21.62 -23.33 2.60
CA GLU D 177 -21.64 -24.79 2.48
C GLU D 177 -21.99 -25.47 3.81
N ALA D 178 -21.68 -24.83 4.94
CA ALA D 178 -22.22 -25.34 6.20
C ALA D 178 -23.73 -25.35 6.15
N VAL D 179 -24.34 -24.23 5.75
CA VAL D 179 -25.79 -24.19 5.63
C VAL D 179 -26.28 -25.22 4.62
N ARG D 180 -25.52 -25.43 3.54
CA ARG D 180 -25.95 -26.39 2.51
C ARG D 180 -25.94 -27.80 3.07
N ARG D 181 -24.84 -28.21 3.70
CA ARG D 181 -24.76 -29.52 4.32
C ARG D 181 -25.87 -29.70 5.35
N PHE D 182 -26.12 -28.67 6.16
CA PHE D 182 -27.15 -28.76 7.19
C PHE D 182 -28.55 -28.89 6.59
N HIS D 183 -28.84 -28.09 5.56
CA HIS D 183 -30.12 -28.19 4.85
C HIS D 183 -30.31 -29.59 4.29
N ALA D 184 -29.25 -30.16 3.70
CA ALA D 184 -29.31 -31.53 3.23
C ALA D 184 -29.64 -32.48 4.37
N GLU D 185 -28.95 -32.35 5.49
CA GLU D 185 -29.14 -33.30 6.58
C GLU D 185 -30.52 -33.29 7.18
N VAL D 186 -31.13 -32.14 7.33
CA VAL D 186 -32.38 -32.07 8.06
C VAL D 186 -33.56 -31.65 7.20
N GLY D 187 -33.41 -31.61 5.87
CA GLY D 187 -34.50 -31.21 5.02
C GLY D 187 -34.74 -29.70 5.07
N ASP D 188 -36.02 -29.31 4.92
CA ASP D 188 -36.40 -27.92 4.96
C ASP D 188 -36.35 -27.38 6.40
N CYS D 189 -36.24 -26.06 6.51
CA CYS D 189 -35.85 -25.49 7.83
C CYS D 189 -36.44 -24.09 8.09
N ILE D 190 -35.75 -23.33 8.95
CA ILE D 190 -36.13 -21.95 9.22
C ILE D 190 -34.82 -21.24 9.46
N TYR D 191 -34.82 -19.91 9.42
CA TYR D 191 -33.65 -19.10 9.67
C TYR D 191 -34.06 -17.86 10.46
N LYS D 192 -33.34 -17.56 11.52
CA LYS D 192 -33.52 -16.35 12.31
C LYS D 192 -32.14 -15.79 12.60
N PRO D 193 -32.05 -14.52 13.07
CA PRO D 193 -30.72 -13.97 13.37
C PRO D 193 -30.11 -14.51 14.65
N VAL D 194 -28.94 -13.99 15.02
CA VAL D 194 -28.16 -14.57 16.11
C VAL D 194 -28.80 -14.23 17.46
N ALA D 195 -28.74 -12.96 17.85
CA ALA D 195 -29.27 -12.55 19.16
C ALA D 195 -30.52 -11.69 19.01
N GLY D 196 -31.57 -12.25 18.43
CA GLY D 196 -32.78 -11.50 18.19
C GLY D 196 -32.64 -10.45 17.11
N GLY D 197 -33.76 -10.14 16.45
CA GLY D 197 -33.75 -9.16 15.37
C GLY D 197 -35.06 -9.14 14.61
N ALA D 198 -35.00 -9.42 13.30
CA ALA D 198 -36.20 -9.48 12.50
C ALA D 198 -36.97 -10.76 12.85
N ARG D 199 -38.03 -11.04 12.11
CA ARG D 199 -38.77 -12.28 12.31
C ARG D 199 -38.01 -13.46 11.71
N THR D 200 -38.34 -14.66 12.23
CA THR D 200 -37.79 -15.90 11.70
C THR D 200 -38.28 -16.11 10.28
N ARG D 201 -37.41 -15.86 9.27
CA ARG D 201 -37.77 -16.10 7.88
C ARG D 201 -37.71 -17.59 7.57
N LYS D 202 -38.75 -18.11 6.93
CA LYS D 202 -38.78 -19.50 6.52
C LYS D 202 -37.80 -19.75 5.38
N LEU D 203 -37.28 -20.97 5.35
CA LEU D 203 -36.35 -21.32 4.26
C LEU D 203 -37.19 -21.99 3.20
N GLU D 204 -37.14 -21.43 1.99
CA GLU D 204 -37.88 -21.91 0.83
C GLU D 204 -36.91 -22.49 -0.18
N ALA D 205 -37.43 -22.79 -1.38
CA ALA D 205 -36.60 -23.32 -2.45
C ALA D 205 -35.58 -22.28 -2.91
N LYS D 206 -36.03 -21.03 -3.09
CA LYS D 206 -35.18 -20.02 -3.75
C LYS D 206 -34.05 -19.54 -2.85
N ASP D 207 -34.26 -19.55 -1.55
CA ASP D 207 -33.27 -18.95 -0.67
C ASP D 207 -31.83 -19.43 -0.82
N LEU D 208 -31.64 -20.66 -1.27
CA LEU D 208 -30.30 -21.20 -1.43
C LEU D 208 -29.60 -20.75 -2.71
N GLU D 209 -30.26 -19.98 -3.56
CA GLU D 209 -29.58 -19.47 -4.75
C GLU D 209 -28.35 -18.69 -4.27
N ALA D 210 -27.39 -18.52 -5.19
CA ALA D 210 -26.05 -18.06 -4.89
C ALA D 210 -26.00 -16.54 -4.62
N ASP D 211 -27.14 -15.87 -4.42
CA ASP D 211 -27.11 -14.43 -4.21
C ASP D 211 -27.18 -14.01 -2.74
N ARG D 212 -28.36 -14.17 -2.13
CA ARG D 212 -28.52 -13.80 -0.72
C ARG D 212 -27.44 -14.44 0.14
N ILE D 213 -27.18 -15.73 -0.09
CA ILE D 213 -26.06 -16.42 0.53
C ILE D 213 -24.75 -15.73 0.16
N ALA D 219 -22.51 -11.57 8.41
CA ALA D 219 -23.80 -11.74 9.05
C ALA D 219 -24.14 -13.20 9.29
N PRO D 220 -23.75 -13.73 10.44
CA PRO D 220 -24.10 -15.11 10.76
C PRO D 220 -25.58 -15.28 10.97
N VAL D 221 -26.12 -16.48 10.74
CA VAL D 221 -27.57 -16.67 10.84
C VAL D 221 -27.85 -18.01 11.51
N CYS D 222 -28.70 -18.01 12.53
CA CYS D 222 -29.17 -19.26 13.10
C CYS D 222 -30.14 -19.93 12.14
N PHE D 223 -29.95 -21.23 11.93
CA PHE D 223 -30.88 -22.06 11.18
C PHE D 223 -31.38 -23.18 12.07
N GLN D 224 -32.63 -23.57 11.90
CA GLN D 224 -33.24 -24.56 12.77
C GLN D 224 -34.12 -25.51 11.97
N GLU D 225 -34.20 -26.75 12.43
CA GLU D 225 -35.18 -27.68 11.87
C GLU D 225 -36.58 -27.15 12.12
N LEU D 226 -37.38 -27.07 11.06
CA LEU D 226 -38.75 -26.59 11.16
C LEU D 226 -39.59 -27.65 11.86
N LEU D 227 -39.88 -27.44 13.13
CA LEU D 227 -40.68 -28.40 13.86
C LEU D 227 -42.14 -28.35 13.40
N THR D 228 -42.91 -29.35 13.81
CA THR D 228 -44.25 -29.58 13.30
C THR D 228 -45.34 -29.46 14.35
N GLY D 229 -45.05 -29.84 15.59
CA GLY D 229 -46.07 -29.91 16.64
C GLY D 229 -46.62 -28.57 17.09
N ASP D 230 -47.15 -28.55 18.31
CA ASP D 230 -47.87 -27.39 18.83
C ASP D 230 -47.00 -26.61 19.82
N ASP D 231 -47.21 -25.30 19.85
CA ASP D 231 -46.47 -24.41 20.72
C ASP D 231 -47.00 -24.49 22.15
N VAL D 232 -46.09 -24.61 23.11
CA VAL D 232 -46.43 -24.60 24.53
C VAL D 232 -45.46 -23.67 25.24
N ARG D 233 -45.98 -22.92 26.21
CA ARG D 233 -45.17 -22.04 27.06
C ARG D 233 -45.29 -22.53 28.49
N VAL D 234 -44.16 -22.78 29.14
CA VAL D 234 -44.14 -23.34 30.48
C VAL D 234 -43.49 -22.34 31.42
N TYR D 235 -44.15 -22.04 32.53
CA TYR D 235 -43.59 -21.17 33.54
C TYR D 235 -42.98 -22.03 34.62
N VAL D 236 -41.71 -21.76 34.94
CA VAL D 236 -40.99 -22.46 36.00
C VAL D 236 -40.51 -21.42 37.00
N ILE D 237 -40.91 -21.59 38.26
CA ILE D 237 -40.53 -20.70 39.33
C ILE D 237 -39.92 -21.52 40.44
N ASP D 238 -38.63 -21.26 40.72
CA ASP D 238 -37.89 -21.91 41.81
C ASP D 238 -38.06 -23.44 41.75
N ASP D 239 -37.71 -23.98 40.58
CA ASP D 239 -37.74 -25.42 40.33
C ASP D 239 -39.14 -26.01 40.52
N GLN D 240 -40.17 -25.19 40.33
CA GLN D 240 -41.55 -25.66 40.33
C GLN D 240 -42.18 -25.30 39.00
N VAL D 241 -42.66 -26.32 38.28
CA VAL D 241 -43.50 -26.07 37.12
C VAL D 241 -44.82 -25.47 37.60
N ILE D 242 -45.19 -24.33 37.04
CA ILE D 242 -46.36 -23.60 37.48
C ILE D 242 -47.55 -23.95 36.59
N CYS D 243 -47.39 -23.78 35.28
CA CYS D 243 -48.44 -24.11 34.34
C CYS D 243 -47.82 -24.30 32.96
N ALA D 244 -48.57 -24.98 32.10
CA ALA D 244 -48.23 -25.15 30.69
C ALA D 244 -49.38 -24.62 29.86
N LEU D 245 -49.05 -23.82 28.83
CA LEU D 245 -50.06 -23.12 28.05
C LEU D 245 -49.84 -23.41 26.57
N ARG D 246 -50.81 -24.11 25.99
CA ARG D 246 -50.76 -24.42 24.57
C ARG D 246 -51.27 -23.21 23.86
N ILE D 247 -50.67 -22.86 22.73
CA ILE D 247 -51.00 -21.62 22.02
C ILE D 247 -51.39 -21.97 20.58
N VAL D 248 -52.68 -21.91 20.29
CA VAL D 248 -53.19 -22.18 18.96
C VAL D 248 -53.65 -20.88 18.33
N THR D 249 -53.97 -20.95 17.03
CA THR D 249 -54.46 -19.78 16.30
C THR D 249 -55.69 -20.14 15.47
N ILE D 252 -60.66 -13.81 13.30
CA ILE D 252 -60.05 -14.21 12.05
C ILE D 252 -60.79 -13.65 10.85
N ASP D 253 -60.04 -13.29 9.82
CA ASP D 253 -60.67 -12.71 8.64
C ASP D 253 -59.84 -13.03 7.46
N PHE D 254 -59.25 -12.00 6.85
CA PHE D 254 -58.45 -12.22 5.68
C PHE D 254 -57.04 -12.73 5.79
N ARG D 255 -56.15 -11.92 6.32
CA ARG D 255 -54.81 -12.40 6.48
C ARG D 255 -54.56 -12.25 7.94
N GLN D 256 -55.47 -12.79 8.74
CA GLN D 256 -55.36 -12.65 10.20
C GLN D 256 -56.16 -13.63 11.04
N ALA D 257 -55.61 -14.13 12.15
CA ALA D 257 -56.35 -14.96 13.11
C ALA D 257 -55.86 -14.57 14.48
N GLU D 258 -56.50 -15.07 15.52
CA GLU D 258 -56.19 -14.67 16.88
C GLU D 258 -55.38 -15.73 17.55
N GLU D 259 -54.82 -15.43 18.71
CA GLU D 259 -54.15 -16.45 19.48
C GLU D 259 -55.08 -16.90 20.62
N ARG D 260 -55.46 -18.17 20.60
CA ARG D 260 -56.09 -18.79 21.76
C ARG D 260 -55.00 -19.48 22.57
N ILE D 261 -55.10 -19.39 23.89
CA ILE D 261 -54.16 -20.03 24.79
C ILE D 261 -54.95 -20.81 25.83
N GLU D 262 -54.52 -22.03 26.11
CA GLU D 262 -55.25 -22.88 27.04
C GLU D 262 -54.28 -23.70 27.87
N ALA D 263 -54.69 -24.00 29.10
CA ALA D 263 -53.88 -24.83 29.99
C ALA D 263 -54.05 -26.30 29.61
N ILE D 264 -52.92 -27.00 29.49
CA ILE D 264 -52.91 -28.43 29.23
C ILE D 264 -51.96 -29.10 30.22
N GLU D 265 -52.35 -30.27 30.70
CA GLU D 265 -51.48 -31.06 31.56
C GLU D 265 -50.22 -31.46 30.81
N ILE D 266 -49.15 -31.72 31.56
CA ILE D 266 -47.88 -32.13 30.98
C ILE D 266 -47.31 -33.28 31.80
N SER D 267 -46.44 -34.05 31.15
CA SER D 267 -45.85 -35.23 31.77
C SER D 267 -44.68 -34.83 32.67
N ASP D 268 -44.52 -35.58 33.77
CA ASP D 268 -43.38 -35.35 34.66
C ASP D 268 -42.06 -35.50 33.92
N GLU D 269 -42.00 -36.43 32.96
CA GLU D 269 -40.78 -36.66 32.20
C GLU D 269 -40.23 -35.39 31.57
N VAL D 270 -41.11 -34.43 31.26
CA VAL D 270 -40.66 -33.17 30.69
C VAL D 270 -40.85 -31.98 31.63
N LYS D 271 -41.76 -32.06 32.60
CA LYS D 271 -41.76 -31.10 33.70
C LYS D 271 -40.39 -31.03 34.36
N ASP D 272 -39.86 -32.21 34.70
CA ASP D 272 -38.55 -32.29 35.33
C ASP D 272 -37.47 -31.67 34.46
N GLN D 273 -37.54 -31.89 33.14
CA GLN D 273 -36.52 -31.35 32.26
C GLN D 273 -36.66 -29.84 32.07
N CYS D 274 -37.88 -29.32 32.15
CA CYS D 274 -38.07 -27.87 32.21
C CYS D 274 -37.35 -27.30 33.43
N VAL D 275 -37.65 -27.87 34.60
CA VAL D 275 -36.99 -27.44 35.84
C VAL D 275 -35.47 -27.52 35.70
N ARG D 276 -34.99 -28.61 35.09
CA ARG D 276 -33.55 -28.84 34.98
C ARG D 276 -32.88 -27.88 33.99
N ALA D 277 -33.58 -27.49 32.92
CA ALA D 277 -33.03 -26.48 32.01
C ALA D 277 -32.96 -25.13 32.71
N ALA D 278 -33.97 -24.81 33.52
CA ALA D 278 -33.95 -23.56 34.28
C ALA D 278 -32.78 -23.53 35.26
N LYS D 279 -32.57 -24.63 35.98
CA LYS D 279 -31.49 -24.69 36.96
C LYS D 279 -30.12 -24.48 36.31
N LEU D 280 -29.96 -24.93 35.07
CA LEU D 280 -28.66 -24.79 34.40
C LEU D 280 -28.47 -23.38 33.87
N VAL D 281 -29.49 -22.82 33.21
CA VAL D 281 -29.36 -21.45 32.70
C VAL D 281 -29.17 -20.48 33.85
N GLY D 282 -29.74 -20.78 35.02
CA GLY D 282 -29.55 -19.92 36.18
C GLY D 282 -30.70 -18.95 36.36
N LEU D 283 -31.92 -19.43 36.14
CA LEU D 283 -33.10 -18.58 36.14
C LEU D 283 -34.02 -19.02 37.28
N ARG D 284 -34.26 -18.11 38.23
CA ARG D 284 -35.22 -18.38 39.28
C ARG D 284 -36.66 -18.32 38.79
N TYR D 285 -36.91 -17.56 37.72
CA TYR D 285 -38.26 -17.39 37.19
C TYR D 285 -38.15 -17.31 35.68
N THR D 286 -38.90 -18.15 34.97
CA THR D 286 -38.85 -18.09 33.52
C THR D 286 -40.16 -18.54 32.91
N GLY D 287 -40.53 -17.87 31.82
CA GLY D 287 -41.53 -18.39 30.91
C GLY D 287 -40.79 -18.91 29.69
N MET D 288 -40.60 -20.23 29.66
CA MET D 288 -39.77 -20.88 28.65
C MET D 288 -40.64 -21.42 27.52
N ASP D 289 -40.00 -21.48 26.36
CA ASP D 289 -40.69 -21.92 25.12
C ASP D 289 -40.37 -23.37 24.76
N ILE D 290 -41.40 -24.16 24.48
CA ILE D 290 -41.22 -25.51 23.99
C ILE D 290 -42.18 -25.76 22.84
N LYS D 291 -41.77 -26.63 21.93
CA LYS D 291 -42.64 -27.04 20.84
C LYS D 291 -42.26 -28.45 20.41
N ALA D 292 -43.27 -29.31 20.25
CA ALA D 292 -43.05 -30.65 19.76
C ALA D 292 -42.56 -30.63 18.31
N GLY D 293 -42.12 -31.79 17.82
CA GLY D 293 -41.65 -31.93 16.47
C GLY D 293 -42.59 -32.76 15.63
N ALA D 294 -42.05 -33.26 14.52
CA ALA D 294 -42.85 -34.10 13.62
C ALA D 294 -43.39 -35.32 14.35
N ASP D 295 -42.62 -35.87 15.28
CA ASP D 295 -43.06 -37.04 16.05
C ASP D 295 -43.93 -36.69 17.24
N GLY D 296 -43.93 -35.42 17.66
CA GLY D 296 -44.71 -35.01 18.81
C GLY D 296 -43.98 -35.03 20.14
N ASN D 297 -42.64 -35.01 20.12
CA ASN D 297 -41.85 -34.96 21.33
C ASN D 297 -41.35 -33.54 21.54
N TYR D 298 -41.65 -32.97 22.71
CA TYR D 298 -41.36 -31.56 22.96
C TYR D 298 -39.87 -31.30 22.90
N ARG D 299 -39.50 -30.19 22.25
CA ARG D 299 -38.14 -29.69 22.22
C ARG D 299 -38.12 -28.26 22.77
N VAL D 300 -37.00 -27.90 23.38
CA VAL D 300 -36.88 -26.66 24.14
C VAL D 300 -36.34 -25.56 23.23
N LEU D 301 -37.18 -24.58 22.90
CA LEU D 301 -36.75 -23.49 22.02
C LEU D 301 -35.76 -22.56 22.72
N GLU D 302 -36.15 -22.03 23.88
CA GLU D 302 -35.28 -21.13 24.64
C GLU D 302 -35.91 -20.85 25.99
N LEU D 303 -35.15 -20.13 26.82
CA LEU D 303 -35.61 -19.67 28.14
C LEU D 303 -35.39 -18.17 28.23
N ASN D 304 -36.46 -17.45 28.58
CA ASN D 304 -36.43 -15.99 28.58
C ASN D 304 -35.88 -15.45 29.89
N ALA D 305 -35.02 -14.43 29.78
CA ALA D 305 -34.46 -13.82 30.98
C ALA D 305 -35.54 -13.07 31.76
N SER D 306 -36.50 -12.46 31.07
CA SER D 306 -37.61 -11.77 31.72
C SER D 306 -38.84 -11.98 30.85
N ALA D 307 -39.59 -13.04 31.15
CA ALA D 307 -40.80 -13.33 30.40
C ALA D 307 -41.95 -12.47 30.90
N MET D 308 -42.98 -12.34 30.07
CA MET D 308 -44.13 -11.57 30.45
C MET D 308 -45.22 -12.60 30.65
N PHE D 309 -46.34 -12.22 31.28
CA PHE D 309 -47.39 -13.23 31.55
C PHE D 309 -48.79 -12.64 31.52
N ARG D 310 -48.95 -11.33 31.35
CA ARG D 310 -50.29 -10.75 31.36
C ARG D 310 -51.12 -11.24 30.18
N GLY D 311 -50.52 -11.26 28.98
CA GLY D 311 -51.22 -11.76 27.81
C GLY D 311 -51.67 -13.19 27.95
N PHE D 312 -50.93 -13.99 28.73
CA PHE D 312 -51.31 -15.38 29.00
C PHE D 312 -52.38 -15.51 30.09
N GLU D 313 -52.23 -14.77 31.19
CA GLU D 313 -53.27 -14.75 32.21
C GLU D 313 -54.60 -14.27 31.64
N GLY D 314 -54.57 -13.44 30.60
CA GLY D 314 -55.78 -12.98 29.95
C GLY D 314 -56.44 -14.04 29.09
N ARG D 315 -55.76 -14.47 28.04
CA ARG D 315 -56.40 -15.40 27.13
C ARG D 315 -56.34 -16.85 27.52
N ALA D 316 -55.83 -17.17 28.70
CA ALA D 316 -55.85 -18.56 29.15
C ALA D 316 -56.44 -18.76 30.52
N ASN D 317 -56.99 -17.70 31.08
CA ASN D 317 -57.62 -17.78 32.39
C ASN D 317 -56.77 -18.46 33.46
N VAL D 318 -55.48 -18.13 33.50
CA VAL D 318 -54.61 -18.65 34.55
C VAL D 318 -54.02 -17.46 35.29
N ASP D 319 -53.27 -17.75 36.36
CA ASP D 319 -52.63 -16.72 37.17
C ASP D 319 -51.17 -17.08 37.44
N ILE D 320 -50.26 -16.26 36.94
CA ILE D 320 -48.83 -16.46 37.11
C ILE D 320 -48.22 -15.42 38.04
N CYS D 321 -48.76 -14.20 38.01
CA CYS D 321 -48.32 -13.14 38.90
C CYS D 321 -48.46 -13.57 40.36
N GLY D 322 -49.54 -14.28 40.68
CA GLY D 322 -49.78 -14.75 42.01
C GLY D 322 -48.67 -15.61 42.57
N PRO D 323 -48.35 -16.70 41.87
CA PRO D 323 -47.21 -17.53 42.30
C PRO D 323 -45.90 -16.77 42.34
N LEU D 324 -45.65 -15.86 41.39
CA LEU D 324 -44.42 -15.08 41.42
C LEU D 324 -44.32 -14.27 42.71
N CYS D 325 -45.42 -13.61 43.08
CA CYS D 325 -45.45 -12.83 44.33
C CYS D 325 -45.31 -13.73 45.55
N ASP D 326 -45.90 -14.92 45.49
CA ASP D 326 -45.75 -15.89 46.58
C ASP D 326 -44.28 -16.21 46.83
N ALA D 327 -43.53 -16.43 45.75
CA ALA D 327 -42.11 -16.74 45.89
C ALA D 327 -41.32 -15.54 46.41
N LEU D 328 -41.68 -14.36 45.98
CA LEU D 328 -40.93 -13.20 46.40
C LEU D 328 -41.10 -13.02 47.90
N ILE D 329 -42.29 -13.28 48.40
CA ILE D 329 -42.50 -13.18 49.84
C ILE D 329 -41.91 -14.39 50.58
N ALA D 330 -41.85 -15.54 49.93
CA ALA D 330 -41.20 -16.70 50.52
C ALA D 330 -39.72 -16.45 50.73
N GLN D 331 -39.12 -15.56 49.94
CA GLN D 331 -37.76 -15.13 50.24
C GLN D 331 -37.69 -14.32 51.53
N THR D 332 -38.74 -13.59 51.86
CA THR D 332 -38.72 -12.74 53.05
C THR D 332 -38.76 -13.52 54.34
N LYS D 333 -38.48 -14.81 54.27
CA LYS D 333 -38.41 -15.61 55.47
C LYS D 333 -37.27 -15.11 56.34
N ASP E 25 -19.31 -19.17 -27.45
CA ASP E 25 -18.96 -18.24 -28.56
C ASP E 25 -17.46 -18.34 -28.80
N THR E 26 -16.93 -19.54 -28.61
CA THR E 26 -15.49 -19.90 -28.72
C THR E 26 -15.00 -19.99 -30.18
N SER E 27 -15.22 -18.97 -31.01
CA SER E 27 -14.77 -19.08 -32.41
C SER E 27 -13.87 -17.90 -32.73
N ILE E 28 -13.80 -16.93 -31.81
CA ILE E 28 -12.96 -15.75 -31.96
C ILE E 28 -12.19 -15.58 -30.64
N VAL E 29 -10.93 -15.21 -30.73
CA VAL E 29 -10.06 -15.16 -29.55
C VAL E 29 -9.25 -13.86 -29.55
N VAL E 30 -9.15 -13.24 -28.39
CA VAL E 30 -8.25 -12.12 -28.13
C VAL E 30 -7.14 -12.63 -27.22
N VAL E 31 -5.91 -12.22 -27.50
CA VAL E 31 -4.73 -12.79 -26.85
C VAL E 31 -4.03 -11.78 -25.93
N GLY E 32 -4.62 -10.62 -25.71
CA GLY E 32 -4.01 -9.59 -24.90
C GLY E 32 -4.34 -9.72 -23.42
N SER E 33 -4.01 -8.66 -22.68
CA SER E 33 -4.44 -8.51 -21.31
C SER E 33 -5.94 -8.18 -21.32
N PRO E 34 -6.63 -8.32 -20.19
CA PRO E 34 -7.99 -7.78 -20.11
C PRO E 34 -7.95 -6.28 -19.88
N ASP E 35 -6.90 -5.83 -19.19
CA ASP E 35 -6.72 -4.42 -18.85
C ASP E 35 -5.79 -3.72 -19.83
N ASP E 36 -5.92 -4.02 -21.12
CA ASP E 36 -5.27 -3.27 -22.19
C ASP E 36 -6.35 -2.54 -22.98
N LEU E 37 -6.20 -1.22 -23.12
CA LEU E 37 -7.22 -0.39 -23.75
C LEU E 37 -7.61 -0.90 -25.13
N HIS E 38 -6.73 -1.65 -25.82
CA HIS E 38 -7.06 -2.13 -27.15
C HIS E 38 -7.84 -3.43 -27.12
N VAL E 39 -7.54 -4.32 -26.17
CA VAL E 39 -8.45 -5.45 -25.94
C VAL E 39 -9.80 -4.93 -25.48
N GLN E 40 -9.81 -3.89 -24.64
CA GLN E 40 -11.06 -3.28 -24.19
C GLN E 40 -11.83 -2.67 -25.36
N SER E 41 -11.10 -2.08 -26.32
CA SER E 41 -11.75 -1.53 -27.49
C SER E 41 -12.39 -2.64 -28.32
N VAL E 42 -11.64 -3.71 -28.60
CA VAL E 42 -12.09 -4.68 -29.59
C VAL E 42 -13.11 -5.64 -29.02
N THR E 43 -13.04 -5.96 -27.73
CA THR E 43 -14.08 -6.79 -27.13
C THR E 43 -15.43 -6.12 -27.21
N GLU E 44 -15.51 -4.86 -26.78
CA GLU E 44 -16.77 -4.14 -26.86
C GLU E 44 -17.13 -3.80 -28.31
N GLY E 45 -16.15 -3.68 -29.20
CA GLY E 45 -16.45 -3.50 -30.60
C GLY E 45 -17.09 -4.72 -31.23
N LEU E 46 -16.65 -5.91 -30.81
CA LEU E 46 -17.31 -7.14 -31.21
C LEU E 46 -18.72 -7.21 -30.60
N ARG E 47 -18.84 -6.87 -29.31
CA ARG E 47 -20.13 -6.88 -28.64
C ARG E 47 -21.15 -6.03 -29.40
N ALA E 48 -20.76 -4.82 -29.78
CA ALA E 48 -21.63 -3.95 -30.56
C ALA E 48 -22.01 -4.57 -31.90
N ARG E 49 -21.31 -5.62 -32.33
CA ARG E 49 -21.61 -6.31 -33.56
C ARG E 49 -22.13 -7.71 -33.34
N GLY E 50 -22.30 -8.14 -32.08
CA GLY E 50 -23.01 -9.36 -31.75
C GLY E 50 -22.15 -10.54 -31.34
N HIS E 51 -20.83 -10.38 -31.28
CA HIS E 51 -19.94 -11.50 -30.97
C HIS E 51 -19.18 -11.23 -29.67
N GLU E 52 -18.69 -12.31 -29.08
CA GLU E 52 -17.90 -12.20 -27.85
C GLU E 52 -16.75 -13.19 -27.93
N PRO E 53 -15.50 -12.74 -27.86
CA PRO E 53 -14.38 -13.66 -28.01
C PRO E 53 -14.03 -14.36 -26.72
N TYR E 54 -13.39 -15.53 -26.87
CA TYR E 54 -12.65 -16.13 -25.77
C TYR E 54 -11.42 -15.29 -25.53
N VAL E 55 -11.38 -14.60 -24.39
CA VAL E 55 -10.25 -13.75 -24.07
C VAL E 55 -9.14 -14.61 -23.47
N PHE E 56 -7.90 -14.38 -23.94
CA PHE E 56 -6.75 -15.14 -23.46
C PHE E 56 -5.81 -14.23 -22.70
N ASP E 57 -6.12 -14.03 -21.43
CA ASP E 57 -5.23 -13.30 -20.54
C ASP E 57 -4.01 -14.18 -20.33
N THR E 58 -2.99 -14.03 -21.16
CA THR E 58 -1.75 -14.76 -20.97
C THR E 58 -0.85 -14.11 -19.93
N GLN E 59 -1.12 -12.86 -19.53
CA GLN E 59 -0.38 -12.24 -18.44
C GLN E 59 -0.48 -13.07 -17.17
N ARG E 60 -1.71 -13.42 -16.77
CA ARG E 60 -1.94 -14.26 -15.59
C ARG E 60 -1.78 -15.73 -15.99
N PHE E 61 -0.53 -16.10 -16.23
CA PHE E 61 -0.14 -17.50 -16.42
C PHE E 61 0.64 -18.05 -15.23
N PRO E 62 1.66 -17.33 -14.67
CA PRO E 62 2.57 -17.92 -13.68
C PRO E 62 1.94 -18.83 -12.64
N GLU E 63 0.97 -18.30 -11.88
CA GLU E 63 0.26 -19.10 -10.89
C GLU E 63 -1.25 -18.96 -10.99
N GLU E 64 -1.73 -18.47 -12.15
CA GLU E 64 -3.18 -18.18 -12.24
C GLU E 64 -3.85 -18.77 -13.49
N MET E 65 -3.19 -19.65 -14.22
CA MET E 65 -3.78 -20.30 -15.39
C MET E 65 -2.79 -21.34 -15.90
N THR E 66 -3.33 -22.34 -16.59
CA THR E 66 -2.52 -23.42 -17.13
C THR E 66 -3.16 -23.93 -18.42
N VAL E 67 -2.28 -24.35 -19.32
CA VAL E 67 -2.74 -24.86 -20.60
C VAL E 67 -2.05 -26.16 -20.83
N SER E 68 -2.59 -26.97 -21.75
CA SER E 68 -2.01 -28.27 -22.05
C SER E 68 -2.09 -28.52 -23.52
N LEU E 69 -1.15 -29.27 -24.04
CA LEU E 69 -1.12 -29.51 -25.46
C LEU E 69 -0.83 -30.97 -25.71
N GLY E 70 -1.52 -31.57 -26.67
CA GLY E 70 -1.27 -32.96 -27.01
C GLY E 70 -0.84 -33.16 -28.44
N GLU E 71 -0.34 -34.34 -28.79
CA GLU E 71 0.19 -34.60 -30.13
C GLU E 71 -0.64 -34.23 -31.37
N GLN E 72 -1.96 -34.39 -31.32
CA GLN E 72 -2.81 -34.02 -32.44
C GLN E 72 -2.92 -32.54 -32.35
N GLY E 73 -2.84 -31.81 -33.47
CA GLY E 73 -2.78 -30.37 -33.31
C GLY E 73 -3.93 -29.76 -32.53
N ALA E 74 -5.09 -30.41 -32.53
CA ALA E 74 -6.29 -29.84 -31.94
C ALA E 74 -6.40 -30.06 -30.43
N SER E 75 -5.43 -30.73 -29.81
CA SER E 75 -5.51 -31.09 -28.39
C SER E 75 -4.99 -29.93 -27.53
N ILE E 76 -5.74 -28.82 -27.56
CA ILE E 76 -5.34 -27.64 -26.84
C ILE E 76 -6.25 -27.45 -25.66
N PHE E 77 -5.73 -27.66 -24.49
CA PHE E 77 -6.49 -27.53 -23.25
C PHE E 77 -6.26 -26.16 -22.61
N VAL E 78 -7.35 -25.50 -22.24
CA VAL E 78 -7.28 -24.27 -21.46
C VAL E 78 -8.07 -24.41 -20.17
N GLN E 82 -10.71 -26.86 -22.18
CA GLN E 82 -10.28 -27.05 -23.54
C GLN E 82 -11.02 -26.15 -24.55
N ILE E 83 -10.27 -25.28 -25.20
CA ILE E 83 -10.73 -24.58 -26.38
C ILE E 83 -10.12 -25.24 -27.61
N ALA E 84 -10.70 -24.98 -28.78
CA ALA E 84 -10.19 -25.63 -29.98
C ALA E 84 -9.70 -24.63 -31.01
N ARG E 85 -9.65 -25.06 -32.25
CA ARG E 85 -9.25 -24.19 -33.36
C ARG E 85 -10.31 -23.11 -33.56
N PRO E 86 -9.99 -21.84 -33.33
CA PRO E 86 -11.00 -20.78 -33.52
C PRO E 86 -11.07 -20.34 -34.97
N ALA E 87 -11.97 -19.40 -35.26
CA ALA E 87 -12.11 -18.89 -36.62
C ALA E 87 -11.28 -17.64 -36.86
N ALA E 88 -11.09 -16.80 -35.84
CA ALA E 88 -10.32 -15.57 -35.96
C ALA E 88 -9.66 -15.25 -34.63
N VAL E 89 -8.47 -14.67 -34.69
CA VAL E 89 -7.68 -14.34 -33.53
C VAL E 89 -7.04 -12.98 -33.73
N TYR E 90 -7.23 -12.08 -32.78
CA TYR E 90 -6.54 -10.79 -32.74
C TYR E 90 -5.43 -10.87 -31.71
N LEU E 91 -4.19 -10.75 -32.16
CA LEU E 91 -3.02 -10.90 -31.29
C LEU E 91 -2.57 -9.53 -30.82
N ARG E 92 -2.56 -9.33 -29.51
CA ARG E 92 -2.06 -8.08 -28.93
C ARG E 92 -0.62 -8.28 -28.48
N SER E 93 -0.43 -8.93 -27.35
CA SER E 93 0.89 -9.23 -26.81
C SER E 93 0.98 -10.71 -26.48
N LEU E 94 2.20 -11.18 -26.27
CA LEU E 94 2.43 -12.57 -25.91
C LEU E 94 3.41 -12.79 -24.75
N TYR E 95 4.18 -11.79 -24.33
CA TYR E 95 5.10 -11.90 -23.19
C TYR E 95 6.19 -12.94 -23.39
N ALA E 105 8.46 -6.61 -13.27
CA ALA E 105 9.24 -7.51 -14.10
C ALA E 105 10.67 -7.67 -13.58
N ASP E 106 11.27 -6.54 -13.19
CA ASP E 106 12.67 -6.52 -12.76
C ASP E 106 12.89 -7.32 -11.49
N LYS E 107 11.88 -7.33 -10.61
CA LYS E 107 12.00 -7.88 -9.26
C LYS E 107 12.59 -9.28 -9.26
N ALA E 108 11.89 -10.22 -9.89
CA ALA E 108 12.35 -11.60 -9.90
C ALA E 108 13.64 -11.76 -10.71
N MET E 109 13.72 -11.07 -11.86
CA MET E 109 14.82 -11.32 -12.79
C MET E 109 16.17 -10.99 -12.17
N GLN E 110 16.26 -9.87 -11.45
CA GLN E 110 17.56 -9.48 -10.90
C GLN E 110 18.12 -10.55 -9.96
N ASP E 111 17.26 -11.15 -9.14
CA ASP E 111 17.66 -12.17 -8.17
C ASP E 111 18.48 -13.27 -8.83
N ASN E 112 17.84 -14.08 -9.68
CA ASN E 112 18.52 -15.07 -10.51
C ASN E 112 17.99 -14.91 -11.94
N TRP E 113 18.88 -15.07 -12.92
CA TRP E 113 18.50 -14.69 -14.27
C TRP E 113 18.56 -15.81 -15.29
N ARG E 114 19.55 -16.71 -15.21
CA ARG E 114 19.61 -17.79 -16.20
C ARG E 114 18.39 -18.69 -16.10
N ARG E 115 18.02 -19.05 -14.88
CA ARG E 115 16.76 -19.76 -14.63
C ARG E 115 15.58 -18.99 -15.19
N THR E 116 15.48 -17.73 -14.82
CA THR E 116 14.32 -16.90 -15.21
C THR E 116 14.18 -16.83 -16.72
N LEU E 117 15.30 -16.76 -17.41
CA LEU E 117 15.29 -16.71 -18.87
C LEU E 117 14.79 -18.03 -19.45
N LEU E 118 15.26 -19.16 -18.91
CA LEU E 118 14.71 -20.45 -19.32
C LEU E 118 13.23 -20.57 -18.99
N ALA E 119 12.79 -19.94 -17.89
CA ALA E 119 11.37 -19.97 -17.53
C ALA E 119 10.54 -19.25 -18.58
N PHE E 120 10.94 -18.02 -18.91
CA PHE E 120 10.28 -17.28 -19.98
C PHE E 120 10.28 -18.06 -21.28
N ARG E 121 11.38 -18.77 -21.56
CA ARG E 121 11.48 -19.49 -22.83
C ARG E 121 10.46 -20.64 -22.89
N GLU E 122 10.40 -21.44 -21.81
CA GLU E 122 9.42 -22.52 -21.77
C GLU E 122 8.00 -21.96 -21.91
N ARG E 123 7.65 -20.98 -21.05
CA ARG E 123 6.29 -20.49 -21.02
C ARG E 123 5.89 -19.83 -22.33
N SER E 124 6.85 -19.24 -23.06
CA SER E 124 6.52 -18.61 -24.33
C SER E 124 6.51 -19.62 -25.47
N THR E 125 7.36 -20.66 -25.41
CA THR E 125 7.31 -21.72 -26.40
C THR E 125 5.92 -22.35 -26.44
N LEU E 126 5.31 -22.53 -25.27
CA LEU E 126 3.99 -23.15 -25.26
C LEU E 126 2.97 -22.30 -26.00
N MET E 127 2.87 -21.01 -25.65
CA MET E 127 1.90 -20.12 -26.30
C MET E 127 2.19 -19.98 -27.78
N SER E 128 3.47 -19.87 -28.14
CA SER E 128 3.83 -19.76 -29.55
C SER E 128 3.40 -20.99 -30.32
N ALA E 129 3.63 -22.17 -29.75
CA ALA E 129 3.19 -23.41 -30.41
C ALA E 129 1.67 -23.49 -30.47
N VAL E 130 0.96 -22.87 -29.53
CA VAL E 130 -0.49 -22.87 -29.61
C VAL E 130 -0.88 -22.09 -30.84
N LEU E 131 -0.44 -20.86 -30.92
CA LEU E 131 -0.89 -20.02 -32.03
C LEU E 131 -0.37 -20.54 -33.37
N LEU E 132 0.76 -21.24 -33.37
CA LEU E 132 1.23 -21.87 -34.59
C LEU E 132 0.32 -23.00 -35.03
N ARG E 133 -0.16 -23.82 -34.08
CA ARG E 133 -1.14 -24.85 -34.43
C ARG E 133 -2.42 -24.24 -34.96
N TRP E 134 -2.90 -23.16 -34.32
CA TRP E 134 -4.11 -22.51 -34.79
C TRP E 134 -3.93 -22.01 -36.22
N GLU E 135 -2.86 -21.26 -36.49
CA GLU E 135 -2.65 -20.73 -37.83
C GLU E 135 -2.42 -21.84 -38.84
N GLU E 136 -1.80 -22.95 -38.41
CA GLU E 136 -1.57 -24.08 -39.30
C GLU E 136 -2.89 -24.74 -39.70
N ALA E 137 -3.68 -25.14 -38.70
CA ALA E 137 -5.02 -25.66 -38.96
C ALA E 137 -5.79 -24.75 -39.89
N GLY E 138 -5.64 -23.43 -39.72
CA GLY E 138 -6.19 -22.51 -40.68
C GLY E 138 -6.85 -21.29 -40.09
N THR E 139 -6.78 -21.16 -38.76
CA THR E 139 -7.37 -20.02 -38.08
C THR E 139 -6.79 -18.71 -38.61
N ALA E 140 -7.65 -17.69 -38.67
CA ALA E 140 -7.24 -16.35 -39.09
C ALA E 140 -6.70 -15.63 -37.86
N VAL E 141 -5.41 -15.82 -37.59
CA VAL E 141 -4.71 -15.07 -36.54
C VAL E 141 -4.23 -13.76 -37.16
N TYR E 142 -4.77 -12.65 -36.67
CA TYR E 142 -4.45 -11.35 -37.25
C TYR E 142 -3.12 -10.90 -36.67
N ASN E 143 -2.08 -10.99 -37.53
CA ASN E 143 -0.66 -10.88 -37.22
C ASN E 143 -0.15 -12.11 -36.51
N SER E 144 0.38 -13.05 -37.29
CA SER E 144 0.97 -14.27 -36.78
C SER E 144 2.37 -14.00 -36.23
N PRO E 145 2.76 -14.65 -35.14
CA PRO E 145 4.15 -14.51 -34.68
C PRO E 145 5.18 -14.89 -35.73
N ARG E 146 4.83 -15.74 -36.70
CA ARG E 146 5.78 -16.07 -37.77
C ARG E 146 6.16 -14.84 -38.58
N ALA E 147 5.43 -13.74 -38.43
CA ALA E 147 5.72 -12.51 -39.15
C ALA E 147 6.89 -11.75 -38.54
N SER E 148 7.21 -11.99 -37.26
CA SER E 148 8.26 -11.21 -36.63
C SER E 148 9.61 -11.39 -37.30
N ALA E 149 9.87 -12.59 -37.81
CA ALA E 149 11.10 -12.82 -38.56
C ALA E 149 11.24 -11.80 -39.68
N ASN E 150 10.13 -11.46 -40.32
CA ASN E 150 10.15 -10.52 -41.42
C ASN E 150 10.14 -9.05 -40.99
N ILE E 151 9.91 -8.75 -39.71
CA ILE E 151 9.94 -7.36 -39.29
C ILE E 151 11.27 -6.98 -38.67
N THR E 152 12.28 -7.86 -38.74
CA THR E 152 13.65 -7.52 -38.41
C THR E 152 13.98 -6.32 -39.30
N LYS E 153 14.11 -5.14 -38.74
CA LYS E 153 14.25 -3.93 -39.55
C LYS E 153 15.34 -3.97 -40.63
N PRO E 154 16.61 -4.36 -40.32
CA PRO E 154 17.57 -4.40 -41.43
C PRO E 154 17.27 -5.48 -42.45
N PHE E 155 16.24 -6.29 -42.24
CA PHE E 155 15.71 -7.16 -43.29
C PHE E 155 14.45 -6.62 -43.92
N GLN E 156 13.54 -6.07 -43.11
CA GLN E 156 12.29 -5.53 -43.61
C GLN E 156 12.54 -4.42 -44.61
N LEU E 157 13.46 -3.50 -44.28
CA LEU E 157 13.72 -2.39 -45.19
C LEU E 157 14.31 -2.87 -46.50
N ALA E 158 15.25 -3.82 -46.45
CA ALA E 158 15.85 -4.33 -47.68
C ALA E 158 14.82 -5.07 -48.52
N LEU E 159 13.91 -5.81 -47.87
CA LEU E 159 12.83 -6.46 -48.59
C LEU E 159 12.00 -5.45 -49.37
N LEU E 160 11.52 -4.42 -48.66
CA LEU E 160 10.69 -3.41 -49.31
C LEU E 160 11.44 -2.72 -50.45
N ARG E 161 12.70 -2.36 -50.22
CA ARG E 161 13.48 -1.70 -51.26
C ARG E 161 13.63 -2.58 -52.49
N ASP E 162 13.92 -3.87 -52.31
CA ASP E 162 14.12 -4.75 -53.45
C ASP E 162 12.83 -5.05 -54.18
N ALA E 163 11.67 -4.88 -53.53
CA ALA E 163 10.38 -5.00 -54.20
C ALA E 163 9.87 -3.69 -54.76
N GLY E 164 10.77 -2.77 -55.15
CA GLY E 164 10.34 -1.52 -55.75
C GLY E 164 9.59 -0.57 -54.84
N LEU E 165 9.85 -0.62 -53.53
CA LEU E 165 9.21 0.33 -52.61
C LEU E 165 10.23 1.33 -52.08
N PRO E 166 9.79 2.54 -51.73
CA PRO E 166 10.75 3.59 -51.32
C PRO E 166 11.05 3.58 -49.83
N VAL E 167 12.34 3.51 -49.48
CA VAL E 167 12.75 3.45 -48.08
C VAL E 167 13.89 4.45 -47.87
N PRO E 168 14.10 4.89 -46.64
CA PRO E 168 15.19 5.83 -46.37
C PRO E 168 16.54 5.18 -46.62
N ARG E 169 17.49 5.98 -47.10
CA ARG E 169 18.89 5.52 -47.16
C ARG E 169 19.36 5.16 -45.77
N SER E 170 19.88 3.95 -45.61
CA SER E 170 20.17 3.41 -44.30
C SER E 170 21.49 2.66 -44.29
N LEU E 171 22.07 2.56 -43.10
CA LEU E 171 23.32 1.84 -42.88
C LEU E 171 23.29 1.27 -41.47
N TRP E 172 23.14 -0.05 -41.35
CA TRP E 172 23.23 -0.74 -40.08
C TRP E 172 24.67 -1.24 -39.93
N THR E 173 25.41 -0.73 -38.94
CA THR E 173 26.82 -1.10 -38.92
C THR E 173 27.44 -0.93 -37.54
N ASN E 174 28.56 -1.61 -37.35
CA ASN E 174 29.54 -1.33 -36.30
C ASN E 174 30.84 -0.82 -36.89
N ASP E 175 30.82 -0.35 -38.14
CA ASP E 175 32.02 0.03 -38.87
C ASP E 175 32.12 1.54 -38.93
N PRO E 176 33.01 2.17 -38.15
CA PRO E 176 33.05 3.63 -38.10
C PRO E 176 33.39 4.28 -39.43
N GLU E 177 34.23 3.65 -40.24
CA GLU E 177 34.56 4.24 -41.53
C GLU E 177 33.35 4.19 -42.47
N ALA E 178 32.54 3.13 -42.37
CA ALA E 178 31.29 3.10 -43.12
C ALA E 178 30.36 4.20 -42.65
N VAL E 179 30.34 4.46 -41.35
CA VAL E 179 29.54 5.58 -40.83
C VAL E 179 30.01 6.90 -41.45
N ARG E 180 31.32 7.11 -41.48
CA ARG E 180 31.85 8.38 -42.00
C ARG E 180 31.50 8.56 -43.47
N ARG E 181 31.63 7.49 -44.26
CA ARG E 181 31.33 7.60 -45.68
C ARG E 181 29.83 7.80 -45.91
N PHE E 182 28.99 7.12 -45.13
CA PHE E 182 27.55 7.33 -45.24
C PHE E 182 27.17 8.75 -44.89
N HIS E 183 27.80 9.31 -43.84
CA HIS E 183 27.54 10.69 -43.49
C HIS E 183 27.91 11.62 -44.64
N ALA E 184 29.08 11.40 -45.23
CA ALA E 184 29.52 12.22 -46.37
C ALA E 184 28.51 12.16 -47.50
N GLU E 185 28.13 10.96 -47.93
CA GLU E 185 27.22 10.84 -49.06
C GLU E 185 25.86 11.45 -48.75
N VAL E 186 25.25 11.04 -47.63
CA VAL E 186 23.84 11.38 -47.40
C VAL E 186 23.68 12.82 -46.95
N GLY E 187 24.58 13.32 -46.10
CA GLY E 187 24.45 14.66 -45.58
C GLY E 187 24.01 14.70 -44.14
N ASP E 188 22.74 14.99 -43.91
CA ASP E 188 22.19 15.03 -42.56
C ASP E 188 21.62 13.67 -42.20
N CYS E 189 22.04 13.15 -41.05
CA CYS E 189 21.76 11.77 -40.66
C CYS E 189 21.26 11.69 -39.23
N ILE E 190 20.47 10.65 -38.98
CA ILE E 190 20.04 10.26 -37.64
C ILE E 190 20.69 8.92 -37.33
N TYR E 191 20.71 8.58 -36.05
CA TYR E 191 21.07 7.26 -35.60
C TYR E 191 20.10 6.79 -34.51
N LYS E 192 19.98 5.47 -34.42
CA LYS E 192 19.00 4.83 -33.55
C LYS E 192 19.43 3.39 -33.35
N PRO E 193 18.82 2.68 -32.39
CA PRO E 193 19.16 1.27 -32.20
C PRO E 193 18.73 0.41 -33.38
N VAL E 194 19.44 -0.71 -33.55
CA VAL E 194 19.15 -1.63 -34.64
C VAL E 194 17.77 -2.24 -34.48
N ALA E 195 17.48 -2.77 -33.29
CA ALA E 195 16.18 -3.36 -32.99
C ALA E 195 15.24 -2.40 -32.26
N GLY E 196 15.75 -1.65 -31.31
CA GLY E 196 14.95 -0.67 -30.59
C GLY E 196 15.38 -0.60 -29.13
N GLY E 197 14.98 0.47 -28.47
CA GLY E 197 15.28 0.62 -27.06
C GLY E 197 15.85 1.98 -26.71
N ALA E 198 15.65 2.95 -27.60
CA ALA E 198 16.14 4.32 -27.37
C ALA E 198 15.58 5.22 -28.44
N ARG E 199 15.40 6.49 -28.08
CA ARG E 199 14.90 7.48 -29.01
C ARG E 199 15.91 7.74 -30.14
N THR E 200 15.41 8.24 -31.25
CA THR E 200 16.26 8.57 -32.38
C THR E 200 16.96 9.90 -32.14
N ARG E 201 18.24 9.96 -32.50
CA ARG E 201 19.03 11.15 -32.27
C ARG E 201 19.65 11.64 -33.57
N LYS E 202 19.99 12.92 -33.61
CA LYS E 202 20.70 13.48 -34.75
C LYS E 202 22.20 13.20 -34.63
N LEU E 203 22.84 12.93 -35.76
CA LEU E 203 24.27 12.62 -35.76
C LEU E 203 25.05 13.93 -35.79
N GLU E 204 25.53 14.36 -34.62
CA GLU E 204 26.32 15.57 -34.51
C GLU E 204 27.80 15.22 -34.60
N ALA E 205 28.64 16.25 -34.73
CA ALA E 205 30.07 16.01 -34.95
C ALA E 205 30.70 15.27 -33.78
N LYS E 206 30.22 15.52 -32.55
CA LYS E 206 30.76 14.83 -31.39
C LYS E 206 30.62 13.32 -31.55
N ASP E 207 29.58 12.86 -32.25
CA ASP E 207 29.42 11.44 -32.50
C ASP E 207 30.46 10.91 -33.48
N LEU E 208 30.92 11.75 -34.40
CA LEU E 208 31.95 11.34 -35.35
C LEU E 208 33.35 11.39 -34.76
N GLU E 209 33.55 12.13 -33.66
CA GLU E 209 34.85 12.11 -32.98
C GLU E 209 35.26 10.68 -32.66
N ALA E 210 36.52 10.36 -32.93
CA ALA E 210 37.04 9.00 -32.83
C ALA E 210 36.65 8.32 -31.53
N ASP E 211 36.64 9.05 -30.44
CA ASP E 211 36.31 8.44 -29.17
C ASP E 211 34.88 7.92 -29.14
N ARG E 212 33.91 8.73 -29.56
CA ARG E 212 32.54 8.24 -29.63
C ARG E 212 32.40 7.15 -30.67
N ILE E 213 32.85 7.42 -31.89
CA ILE E 213 32.66 6.48 -32.99
C ILE E 213 33.22 5.10 -32.71
N GLU E 214 34.32 5.04 -31.99
CA GLU E 214 34.92 3.74 -31.76
C GLU E 214 34.09 2.85 -30.84
N ARG E 215 32.98 3.36 -30.33
CA ARG E 215 32.19 2.59 -29.41
C ARG E 215 31.32 1.63 -30.15
N LEU E 216 31.25 1.74 -31.47
CA LEU E 216 30.56 0.75 -32.28
C LEU E 216 31.09 -0.66 -32.04
N SER E 217 32.26 -0.80 -31.42
CA SER E 217 32.78 -2.13 -31.14
C SER E 217 31.88 -2.87 -30.14
N ALA E 218 31.13 -2.13 -29.34
CA ALA E 218 30.27 -2.76 -28.34
C ALA E 218 28.97 -3.29 -28.93
N ALA E 219 28.44 -2.61 -29.96
CA ALA E 219 27.21 -3.00 -30.63
C ALA E 219 26.99 -2.15 -31.87
N PRO E 220 26.41 -2.69 -32.93
CA PRO E 220 26.13 -1.90 -34.11
C PRO E 220 24.88 -1.04 -33.91
N VAL E 221 24.81 0.04 -34.67
CA VAL E 221 23.65 0.92 -34.63
C VAL E 221 23.18 1.20 -36.04
N CYS E 222 21.93 1.64 -36.15
CA CYS E 222 21.33 2.02 -37.41
C CYS E 222 21.51 3.51 -37.63
N PHE E 223 22.00 3.87 -38.82
CA PHE E 223 22.08 5.26 -39.27
C PHE E 223 21.14 5.40 -40.46
N GLN E 224 20.51 6.56 -40.58
CA GLN E 224 19.57 6.79 -41.67
C GLN E 224 19.67 8.24 -42.12
N GLU E 225 19.15 8.51 -43.31
CA GLU E 225 19.06 9.88 -43.77
C GLU E 225 17.93 10.61 -43.03
N LEU E 226 18.20 11.84 -42.62
CA LEU E 226 17.18 12.67 -42.00
C LEU E 226 16.20 13.15 -43.06
N LEU E 227 14.96 12.67 -42.99
CA LEU E 227 13.91 13.14 -43.87
C LEU E 227 13.19 14.33 -43.26
N THR E 228 12.92 15.34 -44.08
CA THR E 228 12.33 16.58 -43.58
C THR E 228 10.82 16.65 -43.72
N GLY E 229 10.20 15.71 -44.44
CA GLY E 229 8.77 15.74 -44.66
C GLY E 229 7.99 15.45 -43.37
N ASP E 230 6.72 15.16 -43.55
CA ASP E 230 5.80 14.98 -42.44
C ASP E 230 5.41 13.51 -42.28
N ASP E 231 5.16 13.13 -41.02
CA ASP E 231 4.85 11.76 -40.65
C ASP E 231 3.42 11.40 -41.05
N VAL E 232 3.23 10.20 -41.59
CA VAL E 232 1.90 9.70 -41.92
C VAL E 232 1.81 8.24 -41.49
N ARG E 233 0.75 7.91 -40.77
CA ARG E 233 0.45 6.53 -40.40
C ARG E 233 -0.69 6.05 -41.29
N VAL E 234 -0.38 5.11 -42.15
CA VAL E 234 -1.39 4.44 -42.96
C VAL E 234 -1.82 3.18 -42.23
N TYR E 235 -3.12 2.90 -42.24
CA TYR E 235 -3.62 1.64 -41.71
C TYR E 235 -4.08 0.75 -42.85
N VAL E 236 -3.79 -0.55 -42.73
CA VAL E 236 -4.13 -1.53 -43.75
C VAL E 236 -4.62 -2.79 -43.04
N ILE E 237 -5.89 -3.13 -43.23
CA ILE E 237 -6.45 -4.38 -42.72
C ILE E 237 -6.87 -5.23 -43.91
N ASP E 238 -6.26 -6.41 -44.03
CA ASP E 238 -6.54 -7.38 -45.08
C ASP E 238 -6.52 -6.74 -46.47
N ASP E 239 -5.36 -6.23 -46.88
CA ASP E 239 -5.15 -5.67 -48.21
C ASP E 239 -6.08 -4.49 -48.51
N GLN E 240 -6.55 -3.79 -47.48
CA GLN E 240 -7.48 -2.68 -47.64
C GLN E 240 -6.99 -1.50 -46.81
N VAL E 241 -6.71 -0.38 -47.48
CA VAL E 241 -6.36 0.84 -46.77
C VAL E 241 -7.54 1.32 -45.96
N ILE E 242 -7.33 1.47 -44.66
CA ILE E 242 -8.42 1.92 -43.80
C ILE E 242 -8.44 3.43 -43.66
N CYS E 243 -7.28 4.06 -43.49
CA CYS E 243 -7.15 5.50 -43.43
C CYS E 243 -5.66 5.86 -43.51
N ALA E 244 -5.40 7.18 -43.53
CA ALA E 244 -4.03 7.69 -43.74
C ALA E 244 -3.92 8.99 -42.95
N LEU E 245 -3.45 8.88 -41.71
CA LEU E 245 -3.49 9.96 -40.75
C LEU E 245 -2.13 10.66 -40.70
N ARG E 246 -2.09 11.93 -41.09
CA ARG E 246 -0.88 12.72 -40.95
C ARG E 246 -0.77 13.27 -39.53
N ILE E 247 0.44 13.23 -38.99
CA ILE E 247 0.73 13.64 -37.62
C ILE E 247 1.63 14.85 -37.65
N VAL E 248 1.21 15.92 -36.97
CA VAL E 248 2.03 17.11 -36.76
C VAL E 248 2.05 17.39 -35.26
N THR E 249 2.80 18.43 -34.88
CA THR E 249 2.96 18.75 -33.47
C THR E 249 2.75 20.25 -33.27
N ASP E 250 1.78 20.60 -32.44
CA ASP E 250 1.52 21.98 -32.07
C ASP E 250 2.10 22.21 -30.67
N GLU E 251 2.70 23.37 -30.47
CA GLU E 251 3.31 23.69 -29.19
C GLU E 251 2.29 24.19 -28.19
N ILE E 252 2.25 23.58 -27.02
CA ILE E 252 1.25 23.93 -26.02
C ILE E 252 1.85 24.50 -24.74
N ASP E 253 3.17 24.47 -24.57
CA ASP E 253 3.78 25.01 -23.36
C ASP E 253 5.28 25.15 -23.62
N PHE E 254 5.98 25.65 -22.61
CA PHE E 254 7.44 25.72 -22.64
C PHE E 254 8.01 24.33 -22.78
N ARG E 255 8.58 24.03 -23.94
CA ARG E 255 9.18 22.73 -24.23
C ARG E 255 8.16 21.59 -24.09
N GLN E 256 6.92 21.84 -24.51
CA GLN E 256 5.89 20.81 -24.52
C GLN E 256 5.03 20.98 -25.75
N ALA E 257 4.85 19.89 -26.50
CA ALA E 257 3.99 19.90 -27.68
C ALA E 257 2.99 18.75 -27.59
N GLU E 258 1.90 18.90 -28.33
CA GLU E 258 0.89 17.87 -28.47
C GLU E 258 0.76 17.48 -29.93
N GLU E 259 0.60 16.18 -30.17
CA GLU E 259 0.38 15.69 -31.52
C GLU E 259 -1.02 16.07 -32.00
N ARG E 260 -1.10 16.57 -33.23
CA ARG E 260 -2.34 16.84 -33.92
C ARG E 260 -2.42 15.94 -35.14
N ILE E 261 -3.48 15.15 -35.22
CA ILE E 261 -3.63 14.11 -36.23
C ILE E 261 -4.80 14.46 -37.12
N GLU E 262 -4.57 14.50 -38.43
CA GLU E 262 -5.65 14.76 -39.38
C GLU E 262 -5.60 13.75 -40.52
N ALA E 263 -6.77 13.27 -40.93
CA ALA E 263 -6.86 12.38 -42.08
C ALA E 263 -6.62 13.17 -43.35
N ILE E 264 -5.48 12.93 -44.00
CA ILE E 264 -5.27 13.44 -45.35
C ILE E 264 -5.82 12.41 -46.33
N GLU E 265 -5.72 12.70 -47.63
CA GLU E 265 -6.03 11.75 -48.68
C GLU E 265 -4.75 11.41 -49.43
N ILE E 266 -4.43 10.12 -49.49
CA ILE E 266 -3.21 9.67 -50.15
C ILE E 266 -3.56 9.12 -51.52
N SER E 267 -2.64 9.27 -52.47
CA SER E 267 -2.89 8.80 -53.83
C SER E 267 -3.02 7.27 -53.85
N ASP E 268 -3.81 6.77 -54.80
CA ASP E 268 -4.06 5.34 -54.88
C ASP E 268 -2.78 4.56 -55.12
N GLU E 269 -1.79 5.16 -55.78
CA GLU E 269 -0.48 4.53 -55.88
C GLU E 269 0.10 4.25 -54.50
N VAL E 270 0.07 5.23 -53.62
CA VAL E 270 0.62 5.05 -52.31
C VAL E 270 -0.23 4.04 -51.60
N LYS E 271 -1.52 4.06 -51.88
CA LYS E 271 -2.42 3.15 -51.20
C LYS E 271 -2.05 1.74 -51.53
N ASP E 272 -1.64 1.49 -52.77
CA ASP E 272 -1.27 0.16 -53.16
C ASP E 272 0.08 -0.17 -52.63
N GLN E 273 1.03 0.74 -52.74
CA GLN E 273 2.33 0.50 -52.16
C GLN E 273 2.19 0.03 -50.73
N CYS E 274 1.20 0.53 -50.02
CA CYS E 274 1.01 0.17 -48.63
C CYS E 274 0.44 -1.22 -48.45
N VAL E 275 -0.50 -1.64 -49.27
CA VAL E 275 -0.97 -3.03 -49.20
C VAL E 275 0.14 -3.99 -49.66
N ARG E 276 0.96 -3.55 -50.63
CA ARG E 276 2.08 -4.36 -51.09
C ARG E 276 3.06 -4.64 -49.97
N ALA E 277 3.46 -3.59 -49.25
CA ALA E 277 4.37 -3.78 -48.12
C ALA E 277 3.73 -4.63 -47.04
N ALA E 278 2.43 -4.43 -46.80
CA ALA E 278 1.74 -5.22 -45.79
C ALA E 278 1.84 -6.71 -46.10
N LYS E 279 1.69 -7.08 -47.38
CA LYS E 279 1.74 -8.50 -47.73
C LYS E 279 3.18 -9.01 -47.81
N LEU E 280 4.11 -8.20 -48.32
CA LEU E 280 5.51 -8.58 -48.33
C LEU E 280 5.98 -8.97 -46.93
N VAL E 281 5.69 -8.11 -45.96
CA VAL E 281 6.01 -8.46 -44.58
C VAL E 281 5.15 -9.63 -44.13
N GLY E 282 3.90 -9.69 -44.57
CA GLY E 282 3.02 -10.78 -44.21
C GLY E 282 2.10 -10.44 -43.05
N LEU E 283 1.46 -9.27 -43.10
CA LEU E 283 0.55 -8.82 -42.05
C LEU E 283 -0.84 -8.62 -42.63
N ARG E 284 -1.85 -9.13 -41.93
CA ARG E 284 -3.23 -8.81 -42.31
C ARG E 284 -3.58 -7.40 -41.85
N TYR E 285 -3.34 -7.10 -40.58
CA TYR E 285 -3.61 -5.79 -40.00
C TYR E 285 -2.29 -5.14 -39.63
N THR E 286 -2.04 -3.95 -40.17
CA THR E 286 -0.81 -3.23 -39.86
C THR E 286 -1.06 -1.73 -39.89
N GLY E 287 -0.50 -1.04 -38.90
CA GLY E 287 -0.38 0.40 -38.93
C GLY E 287 1.04 0.77 -39.27
N MET E 288 1.29 1.16 -40.52
CA MET E 288 2.64 1.42 -41.01
C MET E 288 2.95 2.91 -40.97
N ASP E 289 4.24 3.20 -40.74
CA ASP E 289 4.75 4.56 -40.61
C ASP E 289 5.52 4.90 -41.88
N ILE E 290 5.04 5.91 -42.61
CA ILE E 290 5.67 6.44 -43.79
C ILE E 290 6.00 7.90 -43.51
N LYS E 291 6.99 8.42 -44.23
CA LYS E 291 7.43 9.80 -44.03
C LYS E 291 8.06 10.32 -45.31
N ALA E 292 7.64 11.51 -45.73
CA ALA E 292 8.15 12.09 -46.96
C ALA E 292 9.51 12.74 -46.72
N GLY E 293 10.28 12.89 -47.79
CA GLY E 293 11.51 13.65 -47.78
C GLY E 293 11.29 15.04 -48.31
N ALA E 294 12.40 15.74 -48.53
CA ALA E 294 12.32 17.11 -49.06
C ALA E 294 11.58 17.15 -50.38
N ASP E 295 11.68 16.07 -51.17
CA ASP E 295 11.03 15.97 -52.47
C ASP E 295 9.52 15.79 -52.37
N GLY E 296 8.98 15.63 -51.17
CA GLY E 296 7.55 15.47 -51.01
C GLY E 296 6.98 14.13 -51.38
N ASN E 297 7.81 13.17 -51.78
CA ASN E 297 7.38 11.81 -52.02
C ASN E 297 7.64 10.97 -50.78
N TYR E 298 6.68 10.12 -50.45
CA TYR E 298 6.77 9.34 -49.23
C TYR E 298 7.77 8.19 -49.38
N ARG E 299 8.27 7.75 -48.21
CA ARG E 299 9.18 6.64 -48.13
C ARG E 299 8.66 5.79 -46.97
N VAL E 300 8.71 4.47 -47.10
CA VAL E 300 8.21 3.59 -46.06
C VAL E 300 9.25 3.50 -44.94
N LEU E 301 8.84 3.84 -43.72
CA LEU E 301 9.78 3.77 -42.61
C LEU E 301 9.71 2.43 -41.91
N GLU E 302 8.52 2.00 -41.49
CA GLU E 302 8.42 0.66 -40.89
C GLU E 302 6.98 0.20 -40.85
N LEU E 303 6.83 -1.11 -40.63
CA LEU E 303 5.53 -1.76 -40.44
C LEU E 303 5.51 -2.39 -39.05
N ASN E 304 4.62 -1.92 -38.20
CA ASN E 304 4.48 -2.47 -36.87
C ASN E 304 3.50 -3.63 -36.89
N ALA E 305 3.80 -4.65 -36.09
CA ALA E 305 3.00 -5.87 -36.10
C ALA E 305 1.80 -5.81 -35.17
N SER E 306 1.88 -5.01 -34.11
CA SER E 306 0.75 -4.78 -33.21
C SER E 306 0.65 -3.28 -32.96
N ALA E 307 0.32 -2.56 -34.03
CA ALA E 307 0.17 -1.12 -33.91
C ALA E 307 -1.00 -0.76 -33.00
N MET E 308 -1.02 0.49 -32.56
CA MET E 308 -2.11 1.02 -31.77
C MET E 308 -3.01 1.88 -32.63
N PHE E 309 -4.17 2.21 -32.09
CA PHE E 309 -5.11 3.05 -32.84
C PHE E 309 -5.98 3.91 -31.92
N ARG E 310 -5.85 3.77 -30.61
CA ARG E 310 -6.75 4.48 -29.69
C ARG E 310 -6.54 5.98 -29.80
N GLY E 311 -5.29 6.41 -29.66
CA GLY E 311 -4.97 7.83 -29.72
C GLY E 311 -5.21 8.42 -31.09
N PHE E 312 -5.08 7.63 -32.15
CA PHE E 312 -5.41 8.10 -33.49
C PHE E 312 -6.91 8.28 -33.66
N GLU E 313 -7.70 7.32 -33.16
CA GLU E 313 -9.15 7.35 -33.30
C GLU E 313 -9.75 8.53 -32.55
N GLY E 314 -9.42 8.65 -31.26
CA GLY E 314 -10.01 9.73 -30.46
C GLY E 314 -9.68 11.12 -30.99
N ARG E 315 -8.50 11.28 -31.60
CA ARG E 315 -7.98 12.58 -31.98
C ARG E 315 -8.11 12.89 -33.47
N ALA E 316 -8.71 11.99 -34.26
CA ALA E 316 -9.01 12.32 -35.65
C ALA E 316 -10.40 11.87 -36.07
N ASN E 317 -11.10 11.14 -35.21
CA ASN E 317 -12.51 10.72 -35.47
C ASN E 317 -12.67 9.90 -36.76
N VAL E 318 -11.63 9.14 -37.05
CA VAL E 318 -11.79 8.03 -38.02
C VAL E 318 -12.03 6.79 -37.14
N ASP E 319 -12.39 5.68 -37.76
CA ASP E 319 -12.63 4.44 -37.04
C ASP E 319 -11.74 3.35 -37.61
N ILE E 320 -10.96 2.71 -36.74
CA ILE E 320 -10.04 1.64 -37.11
C ILE E 320 -10.41 0.33 -36.43
N CYS E 321 -10.68 0.39 -35.12
CA CYS E 321 -11.21 -0.75 -34.40
C CYS E 321 -12.44 -1.32 -35.10
N GLY E 322 -13.23 -0.46 -35.73
CA GLY E 322 -14.38 -0.88 -36.50
C GLY E 322 -14.03 -1.90 -37.56
N PRO E 323 -13.31 -1.47 -38.61
CA PRO E 323 -12.92 -2.43 -39.65
C PRO E 323 -12.08 -3.59 -39.13
N LEU E 324 -11.36 -3.40 -38.03
CA LEU E 324 -10.65 -4.53 -37.41
C LEU E 324 -11.64 -5.62 -37.00
N CYS E 325 -12.58 -5.27 -36.13
CA CYS E 325 -13.62 -6.21 -35.71
C CYS E 325 -14.39 -6.75 -36.92
N ASP E 326 -14.55 -5.91 -37.95
CA ASP E 326 -15.23 -6.33 -39.17
C ASP E 326 -14.51 -7.51 -39.82
N ALA E 327 -13.20 -7.34 -40.05
CA ALA E 327 -12.41 -8.41 -40.66
C ALA E 327 -12.35 -9.64 -39.77
N LEU E 328 -12.38 -9.44 -38.45
CA LEU E 328 -12.33 -10.59 -37.54
C LEU E 328 -13.59 -11.44 -37.65
N ILE E 329 -14.76 -10.81 -37.59
CA ILE E 329 -16.02 -11.53 -37.77
C ILE E 329 -16.18 -12.03 -39.20
N ALA E 330 -15.57 -11.35 -40.18
CA ALA E 330 -15.60 -11.79 -41.56
C ALA E 330 -14.87 -13.11 -41.79
N GLN E 331 -14.15 -13.61 -40.79
CA GLN E 331 -13.54 -14.93 -40.85
C GLN E 331 -14.35 -15.97 -40.08
N THR E 332 -15.58 -15.61 -39.69
CA THR E 332 -16.48 -16.54 -39.01
C THR E 332 -17.72 -16.80 -39.86
N LEU F 24 38.32 -13.47 -51.22
CA LEU F 24 38.07 -14.82 -50.81
C LEU F 24 36.83 -15.32 -51.49
N ASP F 25 36.64 -16.62 -51.54
CA ASP F 25 35.48 -17.18 -52.18
C ASP F 25 34.36 -17.17 -51.19
N THR F 26 33.19 -16.76 -51.64
CA THR F 26 32.07 -16.65 -50.74
C THR F 26 30.93 -17.40 -51.33
N SER F 27 31.21 -18.50 -51.99
CA SER F 27 30.17 -19.32 -52.56
C SER F 27 29.60 -20.15 -51.47
N ILE F 28 30.43 -20.94 -50.83
CA ILE F 28 29.97 -21.71 -49.68
C ILE F 28 30.43 -20.99 -48.43
N VAL F 29 29.50 -20.74 -47.52
CA VAL F 29 29.82 -20.07 -46.29
C VAL F 29 29.47 -20.90 -45.09
N VAL F 30 30.46 -21.29 -44.33
CA VAL F 30 30.25 -21.99 -43.08
C VAL F 30 30.18 -20.94 -41.98
N VAL F 31 29.11 -20.97 -41.20
CA VAL F 31 28.83 -19.98 -40.18
C VAL F 31 29.12 -20.63 -38.83
N GLY F 32 30.19 -20.20 -38.19
CA GLY F 32 30.57 -20.74 -36.90
C GLY F 32 32.05 -20.53 -36.64
N SER F 33 32.48 -21.07 -35.51
CA SER F 33 33.87 -20.92 -35.10
C SER F 33 34.74 -21.99 -35.74
N PRO F 34 35.94 -21.64 -36.25
CA PRO F 34 36.83 -22.66 -36.81
C PRO F 34 37.42 -23.55 -35.74
N ASP F 35 36.88 -23.46 -34.52
CA ASP F 35 37.13 -24.41 -33.46
C ASP F 35 36.17 -25.60 -33.51
N ASP F 36 34.89 -25.33 -33.78
CA ASP F 36 33.90 -26.38 -33.94
C ASP F 36 34.43 -27.39 -34.95
N LEU F 37 34.72 -28.59 -34.45
CA LEU F 37 35.31 -29.63 -35.28
C LEU F 37 34.47 -29.93 -36.50
N HIS F 38 33.22 -29.51 -36.52
CA HIS F 38 32.43 -29.66 -37.74
C HIS F 38 32.79 -28.57 -38.75
N VAL F 39 33.06 -27.35 -38.27
CA VAL F 39 33.60 -26.33 -39.15
C VAL F 39 34.93 -26.82 -39.72
N GLN F 40 35.78 -27.42 -38.88
CA GLN F 40 37.03 -27.99 -39.35
C GLN F 40 36.79 -29.12 -40.37
N SER F 41 35.80 -29.99 -40.09
CA SER F 41 35.56 -31.14 -40.95
C SER F 41 35.06 -30.72 -42.31
N VAL F 42 34.02 -29.89 -42.33
CA VAL F 42 33.45 -29.40 -43.58
C VAL F 42 34.46 -28.53 -44.30
N THR F 43 35.24 -27.73 -43.56
CA THR F 43 36.30 -26.96 -44.18
C THR F 43 37.30 -27.86 -44.89
N GLU F 44 37.76 -28.92 -44.24
CA GLU F 44 38.72 -29.83 -44.88
C GLU F 44 38.08 -30.62 -46.01
N GLY F 45 36.78 -30.94 -45.90
CA GLY F 45 36.11 -31.67 -46.97
C GLY F 45 35.87 -30.84 -48.22
N LEU F 46 35.24 -29.68 -48.04
CA LEU F 46 35.13 -28.72 -49.13
C LEU F 46 36.50 -28.43 -49.73
N ARG F 47 37.52 -28.31 -48.87
CA ARG F 47 38.88 -28.12 -49.35
C ARG F 47 39.36 -29.32 -50.17
N ALA F 48 38.96 -30.52 -49.76
CA ALA F 48 39.36 -31.73 -50.45
C ALA F 48 38.71 -31.84 -51.83
N ARG F 49 37.59 -31.14 -52.04
CA ARG F 49 36.95 -31.11 -53.36
C ARG F 49 37.30 -29.84 -54.14
N GLY F 50 38.34 -29.12 -53.72
CA GLY F 50 38.74 -27.92 -54.43
C GLY F 50 37.87 -26.70 -54.15
N HIS F 51 37.47 -26.50 -52.89
CA HIS F 51 36.66 -25.35 -52.53
C HIS F 51 37.08 -24.88 -51.14
N GLU F 52 37.52 -23.63 -51.03
CA GLU F 52 37.91 -23.11 -49.74
C GLU F 52 36.80 -22.23 -49.21
N PRO F 53 36.06 -22.65 -48.17
CA PRO F 53 34.92 -21.92 -47.75
C PRO F 53 35.22 -20.66 -46.94
N TYR F 54 34.34 -19.68 -47.08
CA TYR F 54 34.41 -18.53 -46.19
C TYR F 54 33.95 -18.95 -44.81
N VAL F 55 34.84 -18.85 -43.83
CA VAL F 55 34.52 -19.20 -42.44
C VAL F 55 34.03 -17.92 -41.75
N PHE F 56 32.71 -17.79 -41.64
CA PHE F 56 32.09 -16.60 -41.05
C PHE F 56 32.09 -16.76 -39.54
N ASP F 57 33.08 -16.16 -38.87
CA ASP F 57 33.29 -16.36 -37.44
C ASP F 57 32.44 -15.34 -36.66
N THR F 58 31.13 -15.58 -36.66
CA THR F 58 30.20 -14.54 -36.19
C THR F 58 30.41 -14.19 -34.73
N GLN F 59 30.86 -15.14 -33.91
CA GLN F 59 30.96 -14.85 -32.50
C GLN F 59 32.06 -13.84 -32.18
N ARG F 60 32.92 -13.51 -33.14
CA ARG F 60 33.88 -12.42 -32.97
C ARG F 60 33.36 -11.11 -33.55
N PHE F 61 32.05 -11.01 -33.84
CA PHE F 61 31.46 -9.91 -34.58
C PHE F 61 31.72 -8.53 -34.00
N PRO F 62 31.13 -8.16 -32.86
CA PRO F 62 31.00 -6.72 -32.57
C PRO F 62 32.37 -6.10 -32.35
N GLU F 63 33.27 -6.84 -31.70
CA GLU F 63 34.55 -6.29 -31.27
C GLU F 63 35.70 -6.60 -32.21
N GLU F 64 35.63 -7.66 -33.03
CA GLU F 64 36.76 -8.07 -33.85
C GLU F 64 36.51 -8.06 -35.34
N MET F 65 35.27 -7.83 -35.78
CA MET F 65 34.97 -7.80 -37.21
C MET F 65 33.85 -6.81 -37.46
N THR F 66 33.95 -6.07 -38.55
CA THR F 66 32.91 -5.12 -38.91
C THR F 66 31.89 -5.81 -39.79
N VAL F 67 30.63 -5.38 -39.70
CA VAL F 67 29.58 -5.86 -40.61
C VAL F 67 28.75 -4.62 -40.91
N SER F 68 28.48 -4.33 -42.17
CA SER F 68 27.71 -3.17 -42.62
C SER F 68 26.63 -3.61 -43.59
N LEU F 69 25.42 -3.10 -43.41
CA LEU F 69 24.30 -3.38 -44.30
C LEU F 69 23.71 -2.07 -44.78
N GLY F 70 23.35 -2.01 -46.07
CA GLY F 70 22.67 -0.88 -46.64
C GLY F 70 21.21 -1.21 -46.93
N GLU F 71 20.46 -0.18 -47.30
CA GLU F 71 19.05 -0.40 -47.57
C GLU F 71 18.83 -1.26 -48.81
N GLN F 72 19.82 -1.32 -49.70
CA GLN F 72 19.75 -2.30 -50.77
C GLN F 72 20.09 -3.69 -50.24
N GLY F 73 19.47 -4.72 -50.85
CA GLY F 73 19.60 -6.06 -50.31
C GLY F 73 21.01 -6.59 -50.36
N ALA F 74 21.72 -6.33 -51.46
CA ALA F 74 23.08 -6.86 -51.65
C ALA F 74 24.14 -6.02 -50.97
N SER F 75 23.77 -4.97 -50.24
CA SER F 75 24.75 -4.19 -49.48
C SER F 75 25.03 -4.93 -48.17
N ILE F 76 25.86 -5.96 -48.28
CA ILE F 76 26.33 -6.72 -47.12
C ILE F 76 27.85 -6.74 -47.18
N PHE F 77 28.50 -6.19 -46.15
CA PHE F 77 29.95 -5.96 -46.17
C PHE F 77 30.59 -6.52 -44.91
N VAL F 78 31.04 -7.77 -44.99
CA VAL F 78 31.70 -8.42 -43.86
C VAL F 78 33.20 -8.17 -43.96
N ASP F 79 33.77 -7.57 -42.92
CA ASP F 79 35.17 -7.16 -42.89
C ASP F 79 35.61 -6.50 -44.18
N GLY F 80 34.75 -5.65 -44.73
CA GLY F 80 35.07 -4.87 -45.91
C GLY F 80 34.69 -5.51 -47.23
N GLN F 81 34.63 -6.84 -47.29
CA GLN F 81 34.33 -7.51 -48.55
C GLN F 81 32.83 -7.74 -48.69
N GLN F 82 32.33 -7.56 -49.91
CA GLN F 82 30.91 -7.58 -50.18
C GLN F 82 30.45 -9.01 -50.47
N ILE F 83 29.57 -9.52 -49.61
CA ILE F 83 29.03 -10.87 -49.75
C ILE F 83 27.53 -10.70 -49.97
N ALA F 84 27.14 -10.56 -51.24
CA ALA F 84 25.71 -10.38 -51.57
C ALA F 84 24.96 -11.69 -51.43
N ARG F 85 25.35 -12.70 -52.20
CA ARG F 85 24.63 -13.97 -52.16
C ARG F 85 25.58 -15.16 -52.25
N PRO F 86 25.76 -15.90 -51.15
CA PRO F 86 26.49 -17.17 -51.24
C PRO F 86 25.62 -18.22 -51.91
N ALA F 87 26.28 -19.11 -52.66
CA ALA F 87 25.55 -20.20 -53.29
C ALA F 87 24.92 -21.12 -52.25
N ALA F 88 25.62 -21.35 -51.15
CA ALA F 88 25.11 -22.22 -50.09
C ALA F 88 25.79 -21.85 -48.77
N VAL F 89 25.09 -22.19 -47.69
CA VAL F 89 25.58 -21.87 -46.36
C VAL F 89 25.37 -22.96 -45.33
N TYR F 90 26.42 -23.55 -44.78
CA TYR F 90 26.31 -24.46 -43.65
C TYR F 90 26.19 -23.61 -42.39
N LEU F 91 25.15 -23.84 -41.61
CA LEU F 91 24.85 -23.00 -40.45
C LEU F 91 25.04 -23.84 -39.19
N ARG F 92 26.23 -23.76 -38.61
CA ARG F 92 26.48 -24.43 -37.34
C ARG F 92 25.81 -23.66 -36.20
N SER F 93 26.17 -22.39 -36.03
CA SER F 93 25.57 -21.57 -34.99
C SER F 93 25.90 -20.10 -35.23
N LEU F 94 25.11 -19.25 -34.58
CA LEU F 94 25.34 -17.81 -34.60
C LEU F 94 25.87 -17.34 -33.25
N ASP F 106 30.45 -12.45 -20.15
CA ASP F 106 29.05 -12.84 -20.10
C ASP F 106 28.43 -12.48 -18.74
N LYS F 107 29.27 -11.93 -17.85
CA LYS F 107 28.84 -11.60 -16.49
C LYS F 107 28.30 -10.17 -16.38
N ALA F 108 27.78 -9.63 -17.47
CA ALA F 108 27.13 -8.34 -17.48
C ALA F 108 25.65 -8.41 -17.17
N MET F 109 25.15 -9.64 -17.01
CA MET F 109 23.76 -9.81 -16.53
C MET F 109 23.78 -9.31 -15.09
N GLN F 110 24.69 -9.83 -14.29
CA GLN F 110 24.90 -9.40 -12.91
C GLN F 110 25.10 -7.89 -12.82
N ASP F 111 25.73 -7.28 -13.82
CA ASP F 111 25.87 -5.84 -13.83
C ASP F 111 24.53 -5.19 -14.17
N ASN F 112 24.18 -5.15 -15.46
CA ASN F 112 22.89 -4.62 -15.91
C ASN F 112 22.32 -5.57 -16.96
N TRP F 113 21.51 -6.53 -16.49
CA TRP F 113 20.84 -7.46 -17.40
C TRP F 113 20.10 -6.73 -18.52
N ARG F 114 19.48 -5.59 -18.24
CA ARG F 114 18.68 -4.91 -19.24
C ARG F 114 19.55 -4.39 -20.39
N ARG F 115 20.64 -3.70 -20.06
CA ARG F 115 21.56 -3.24 -21.09
C ARG F 115 22.19 -4.42 -21.81
N THR F 116 22.53 -5.48 -21.07
CA THR F 116 23.16 -6.63 -21.71
C THR F 116 22.22 -7.29 -22.72
N LEU F 117 20.95 -7.47 -22.35
CA LEU F 117 19.98 -8.07 -23.26
C LEU F 117 19.78 -7.21 -24.50
N LEU F 118 19.63 -5.90 -24.31
CA LEU F 118 19.44 -5.03 -25.46
C LEU F 118 20.66 -5.05 -26.38
N ALA F 119 21.86 -5.11 -25.82
CA ALA F 119 23.06 -5.14 -26.65
C ALA F 119 23.17 -6.44 -27.45
N PHE F 120 22.97 -7.58 -26.76
CA PHE F 120 22.99 -8.84 -27.48
C PHE F 120 21.88 -8.91 -28.52
N ARG F 121 20.77 -8.22 -28.29
CA ARG F 121 19.73 -8.19 -29.31
C ARG F 121 20.17 -7.38 -30.52
N GLU F 122 20.84 -6.24 -30.31
CA GLU F 122 21.38 -5.49 -31.44
C GLU F 122 22.24 -6.38 -32.32
N ARG F 123 23.22 -7.05 -31.71
CA ARG F 123 24.14 -7.88 -32.48
C ARG F 123 23.40 -9.03 -33.17
N SER F 124 22.57 -9.74 -32.39
CA SER F 124 21.82 -10.87 -32.95
C SER F 124 20.90 -10.43 -34.08
N THR F 125 20.25 -9.28 -33.95
CA THR F 125 19.38 -8.78 -35.03
C THR F 125 20.18 -8.55 -36.30
N LEU F 126 21.38 -7.98 -36.18
CA LEU F 126 22.17 -7.72 -37.39
C LEU F 126 22.56 -9.02 -38.07
N MET F 127 23.02 -10.00 -37.29
CA MET F 127 23.44 -11.27 -37.90
C MET F 127 22.26 -12.02 -38.50
N SER F 128 21.14 -12.03 -37.80
CA SER F 128 19.91 -12.58 -38.34
C SER F 128 19.54 -11.94 -39.66
N ALA F 129 19.69 -10.61 -39.75
CA ALA F 129 19.39 -9.92 -40.99
C ALA F 129 20.30 -10.39 -42.12
N VAL F 130 21.58 -10.61 -41.82
CA VAL F 130 22.49 -11.13 -42.84
C VAL F 130 21.98 -12.47 -43.37
N LEU F 131 21.61 -13.37 -42.46
CA LEU F 131 21.11 -14.68 -42.89
C LEU F 131 19.82 -14.55 -43.71
N LEU F 132 18.89 -13.73 -43.23
CA LEU F 132 17.61 -13.56 -43.91
C LEU F 132 17.79 -12.99 -45.31
N ARG F 133 18.69 -12.01 -45.46
CA ARG F 133 18.97 -11.43 -46.77
C ARG F 133 19.53 -12.48 -47.73
N TRP F 134 20.56 -13.20 -47.27
CA TRP F 134 21.13 -14.24 -48.12
C TRP F 134 20.04 -15.20 -48.61
N GLU F 135 19.22 -15.71 -47.68
CA GLU F 135 18.18 -16.65 -48.08
C GLU F 135 17.20 -16.01 -49.06
N GLU F 136 16.78 -14.77 -48.79
CA GLU F 136 15.88 -14.07 -49.69
C GLU F 136 16.47 -13.96 -51.09
N ALA F 137 17.80 -13.93 -51.20
CA ALA F 137 18.46 -13.84 -52.49
C ALA F 137 18.69 -15.20 -53.13
N GLY F 138 17.97 -16.24 -52.68
CA GLY F 138 18.09 -17.56 -53.25
C GLY F 138 19.15 -18.45 -52.64
N THR F 139 19.98 -17.93 -51.74
CA THR F 139 21.03 -18.71 -51.11
C THR F 139 20.45 -19.94 -50.43
N ALA F 140 21.10 -21.08 -50.65
CA ALA F 140 20.73 -22.33 -49.98
C ALA F 140 21.37 -22.33 -48.60
N VAL F 141 20.65 -21.80 -47.62
CA VAL F 141 21.09 -21.86 -46.23
C VAL F 141 20.68 -23.23 -45.71
N TYR F 142 21.66 -24.10 -45.50
CA TYR F 142 21.37 -25.45 -45.01
C TYR F 142 20.97 -25.36 -43.55
N ASN F 143 19.65 -25.44 -43.34
CA ASN F 143 18.93 -25.04 -42.14
C ASN F 143 18.90 -23.52 -42.02
N SER F 144 17.93 -22.89 -42.66
CA SER F 144 17.71 -21.47 -42.43
C SER F 144 17.16 -21.26 -41.04
N PRO F 145 17.50 -20.15 -40.37
CA PRO F 145 16.94 -19.90 -39.04
C PRO F 145 15.43 -19.70 -39.05
N ARG F 146 14.82 -19.50 -40.21
CA ARG F 146 13.37 -19.35 -40.26
C ARG F 146 12.67 -20.59 -39.71
N ALA F 147 13.28 -21.76 -39.87
CA ALA F 147 12.62 -23.00 -39.49
C ALA F 147 12.57 -23.24 -37.99
N SER F 148 13.10 -22.32 -37.17
CA SER F 148 12.98 -22.47 -35.72
C SER F 148 11.52 -22.49 -35.29
N ALA F 149 10.68 -21.69 -35.94
CA ALA F 149 9.25 -21.69 -35.64
C ALA F 149 8.68 -23.10 -35.76
N ASN F 150 9.09 -23.85 -36.77
CA ASN F 150 8.66 -25.23 -36.91
C ASN F 150 9.48 -26.21 -36.10
N ILE F 151 10.61 -25.77 -35.53
CA ILE F 151 11.37 -26.63 -34.64
C ILE F 151 10.79 -26.62 -33.23
N THR F 152 10.01 -25.59 -32.89
CA THR F 152 9.25 -25.54 -31.65
C THR F 152 8.68 -26.92 -31.39
N LYS F 153 9.08 -27.59 -30.31
CA LYS F 153 8.75 -28.99 -30.01
C LYS F 153 7.22 -29.20 -30.00
N PRO F 154 6.45 -28.44 -29.18
CA PRO F 154 5.01 -28.69 -29.09
C PRO F 154 4.27 -28.37 -30.38
N PHE F 155 5.00 -27.89 -31.37
CA PHE F 155 4.44 -27.67 -32.69
C PHE F 155 5.00 -28.61 -33.74
N GLN F 156 6.29 -28.93 -33.67
CA GLN F 156 6.89 -29.89 -34.60
C GLN F 156 6.17 -31.23 -34.50
N LEU F 157 5.80 -31.60 -33.28
CA LEU F 157 5.13 -32.86 -33.10
C LEU F 157 3.74 -32.81 -33.71
N ALA F 158 2.97 -31.78 -33.42
CA ALA F 158 1.64 -31.67 -34.00
C ALA F 158 1.71 -31.61 -35.52
N LEU F 159 2.71 -30.91 -36.05
CA LEU F 159 2.86 -30.81 -37.50
C LEU F 159 3.13 -32.15 -38.13
N LEU F 160 3.84 -33.03 -37.41
CA LEU F 160 4.08 -34.38 -37.92
C LEU F 160 2.87 -35.30 -37.72
N ARG F 161 2.09 -35.08 -36.64
CA ARG F 161 0.95 -35.95 -36.35
C ARG F 161 -0.25 -35.69 -37.25
N ASP F 162 -0.54 -34.42 -37.52
CA ASP F 162 -1.66 -34.10 -38.41
C ASP F 162 -1.32 -34.29 -39.89
N ALA F 163 -0.07 -34.63 -40.20
CA ALA F 163 0.30 -35.05 -41.55
C ALA F 163 0.30 -36.57 -41.71
N GLY F 164 0.05 -37.30 -40.62
CA GLY F 164 -0.08 -38.74 -40.68
C GLY F 164 1.22 -39.49 -40.44
N LEU F 165 1.95 -39.13 -39.39
CA LEU F 165 3.21 -39.76 -39.04
C LEU F 165 3.19 -40.19 -37.59
N PRO F 166 4.01 -41.21 -37.24
CA PRO F 166 3.99 -41.79 -35.91
C PRO F 166 4.55 -40.89 -34.82
N VAL F 167 3.66 -40.23 -34.05
CA VAL F 167 4.14 -39.31 -33.02
C VAL F 167 3.99 -39.96 -31.65
N PRO F 168 4.94 -39.76 -30.74
CA PRO F 168 4.77 -40.32 -29.38
C PRO F 168 3.66 -39.56 -28.67
N ARG F 169 2.72 -40.28 -28.11
CA ARG F 169 1.69 -39.62 -27.37
C ARG F 169 2.38 -38.74 -26.36
N SER F 170 2.25 -37.43 -26.53
CA SER F 170 2.92 -36.51 -25.64
C SER F 170 2.00 -35.45 -25.12
N LEU F 171 2.39 -34.81 -24.02
CA LEU F 171 1.58 -33.74 -23.44
C LEU F 171 2.47 -32.70 -22.80
N TRP F 172 2.30 -31.45 -23.20
CA TRP F 172 3.11 -30.37 -22.63
C TRP F 172 2.17 -29.56 -21.79
N THR F 173 2.39 -29.49 -20.48
CA THR F 173 1.42 -28.79 -19.65
C THR F 173 1.87 -28.27 -18.31
N ASN F 174 1.16 -27.29 -17.79
CA ASN F 174 1.47 -26.74 -16.49
C ASN F 174 0.31 -27.09 -15.60
N ASP F 175 -0.60 -27.91 -16.12
CA ASP F 175 -1.79 -28.28 -15.38
C ASP F 175 -1.47 -29.46 -14.46
N PRO F 176 -1.70 -29.35 -13.15
CA PRO F 176 -1.40 -30.48 -12.26
C PRO F 176 -2.37 -31.65 -12.39
N GLU F 177 -3.61 -31.43 -12.83
CA GLU F 177 -4.59 -32.51 -12.92
C GLU F 177 -4.57 -33.21 -14.27
N ALA F 178 -4.25 -32.47 -15.34
CA ALA F 178 -4.16 -33.09 -16.65
C ALA F 178 -3.05 -34.13 -16.71
N VAL F 179 -2.01 -33.96 -15.89
CA VAL F 179 -0.94 -34.95 -15.89
C VAL F 179 -1.41 -36.24 -15.22
N ARG F 180 -2.29 -36.14 -14.24
CA ARG F 180 -2.90 -37.35 -13.68
C ARG F 180 -3.77 -38.04 -14.72
N ARG F 181 -4.57 -37.25 -15.44
CA ARG F 181 -5.43 -37.81 -16.49
C ARG F 181 -4.60 -38.42 -17.62
N PHE F 182 -3.33 -38.04 -17.72
CA PHE F 182 -2.49 -38.57 -18.83
C PHE F 182 -1.73 -39.77 -18.30
N HIS F 183 -1.26 -39.68 -17.06
CA HIS F 183 -0.55 -40.80 -16.45
C HIS F 183 -1.46 -42.02 -16.32
N ALA F 184 -2.74 -41.79 -15.98
CA ALA F 184 -3.69 -42.89 -15.97
C ALA F 184 -3.88 -43.47 -17.36
N GLU F 185 -3.86 -42.62 -18.38
CA GLU F 185 -4.21 -43.07 -19.73
C GLU F 185 -3.10 -43.88 -20.37
N VAL F 186 -1.84 -43.54 -20.10
CA VAL F 186 -0.71 -44.19 -20.76
C VAL F 186 0.07 -45.09 -19.83
N GLY F 187 0.31 -44.64 -18.60
CA GLY F 187 1.08 -45.43 -17.65
C GLY F 187 2.55 -45.04 -17.54
N ASP F 188 3.43 -45.84 -18.13
CA ASP F 188 4.85 -45.54 -18.10
C ASP F 188 5.14 -44.34 -18.99
N CYS F 189 5.65 -43.27 -18.40
CA CYS F 189 5.81 -42.01 -19.09
C CYS F 189 7.13 -41.37 -18.70
N ILE F 190 7.46 -40.28 -19.40
CA ILE F 190 8.67 -39.51 -19.19
C ILE F 190 8.31 -38.03 -19.08
N TYR F 191 9.19 -37.26 -18.45
CA TYR F 191 9.02 -35.81 -18.39
C TYR F 191 10.30 -35.11 -18.82
N LYS F 192 10.14 -33.94 -19.46
CA LYS F 192 11.19 -33.19 -20.14
C LYS F 192 10.94 -31.69 -20.01
N PRO F 193 11.83 -30.83 -20.50
CA PRO F 193 11.47 -29.42 -20.70
C PRO F 193 10.86 -29.18 -22.08
N VAL F 194 10.22 -28.01 -22.21
CA VAL F 194 9.47 -27.71 -23.43
C VAL F 194 10.41 -27.50 -24.61
N ALA F 195 11.35 -26.56 -24.46
CA ALA F 195 12.28 -26.21 -25.53
C ALA F 195 13.64 -26.88 -25.39
N GLY F 196 13.94 -27.46 -24.25
CA GLY F 196 15.20 -28.15 -24.03
C GLY F 196 16.00 -27.51 -22.92
N GLY F 197 17.18 -28.09 -22.69
CA GLY F 197 18.08 -27.60 -21.66
C GLY F 197 17.97 -28.31 -20.33
N ALA F 198 17.47 -29.55 -20.31
CA ALA F 198 17.36 -30.30 -19.07
C ALA F 198 17.29 -31.78 -19.41
N ARG F 199 18.06 -32.59 -18.68
CA ARG F 199 18.13 -34.02 -18.94
C ARG F 199 16.75 -34.65 -18.74
N THR F 200 16.34 -35.49 -19.71
CA THR F 200 15.07 -36.19 -19.60
C THR F 200 15.12 -37.17 -18.42
N ARG F 201 14.03 -37.26 -17.68
CA ARG F 201 14.11 -37.88 -16.36
C ARG F 201 12.80 -38.61 -16.05
N LYS F 202 12.78 -39.30 -14.90
CA LYS F 202 11.66 -40.17 -14.46
C LYS F 202 10.68 -39.37 -13.62
N LEU F 203 9.40 -39.79 -13.58
CA LEU F 203 8.35 -39.04 -12.89
C LEU F 203 7.60 -39.75 -11.79
N GLU F 204 8.23 -40.67 -11.07
CA GLU F 204 7.52 -41.44 -10.05
C GLU F 204 7.03 -40.60 -8.87
N ARG F 215 3.57 -27.24 -7.08
CA ARG F 215 4.79 -26.54 -7.43
C ARG F 215 4.85 -26.30 -8.94
N LEU F 216 4.01 -27.02 -9.68
CA LEU F 216 3.91 -26.86 -11.13
C LEU F 216 3.10 -25.62 -11.47
N SER F 217 3.63 -24.46 -11.06
CA SER F 217 3.05 -23.19 -11.42
C SER F 217 3.78 -22.58 -12.62
N ALA F 218 5.11 -22.53 -12.57
CA ALA F 218 5.91 -21.78 -13.54
C ALA F 218 6.19 -22.54 -14.84
N ALA F 219 6.88 -23.68 -14.76
CA ALA F 219 7.45 -24.36 -15.93
C ALA F 219 6.50 -25.41 -16.47
N PRO F 220 5.74 -25.13 -17.53
CA PRO F 220 4.84 -26.14 -18.13
C PRO F 220 5.61 -27.32 -18.73
N VAL F 221 6.06 -28.26 -17.90
CA VAL F 221 6.97 -29.30 -18.37
C VAL F 221 6.31 -30.23 -19.40
N CYS F 222 7.15 -30.97 -20.12
CA CYS F 222 6.75 -31.89 -21.17
C CYS F 222 6.60 -33.30 -20.62
N PHE F 223 5.76 -34.09 -21.28
CA PHE F 223 5.57 -35.49 -20.92
C PHE F 223 5.33 -36.29 -22.19
N GLN F 224 5.77 -37.54 -22.17
CA GLN F 224 5.55 -38.46 -23.30
C GLN F 224 5.46 -39.88 -22.74
N GLU F 225 5.38 -40.86 -23.62
CA GLU F 225 5.32 -42.26 -23.22
C GLU F 225 6.68 -42.92 -23.40
N LEU F 226 7.13 -43.65 -22.38
CA LEU F 226 8.47 -44.24 -22.39
C LEU F 226 8.56 -45.34 -23.45
N ASP F 231 17.02 -47.00 -30.81
CA ASP F 231 17.30 -45.59 -30.99
C ASP F 231 18.06 -45.40 -32.27
N VAL F 232 17.44 -44.77 -33.25
CA VAL F 232 18.05 -44.56 -34.55
C VAL F 232 17.86 -43.09 -34.93
N ARG F 233 18.87 -42.52 -35.58
CA ARG F 233 18.76 -41.19 -36.16
C ARG F 233 18.99 -41.30 -37.65
N VAL F 234 18.11 -40.71 -38.43
CA VAL F 234 18.20 -40.74 -39.89
C VAL F 234 18.70 -39.38 -40.38
N TYR F 235 19.77 -39.41 -41.18
CA TYR F 235 20.34 -38.19 -41.73
C TYR F 235 19.80 -37.97 -43.13
N VAL F 236 19.11 -36.84 -43.33
CA VAL F 236 18.48 -36.48 -44.59
C VAL F 236 19.11 -35.20 -45.10
N ILE F 237 19.42 -35.17 -46.39
CA ILE F 237 19.98 -34.00 -47.06
C ILE F 237 19.30 -33.85 -48.41
N ASP F 238 18.54 -32.78 -48.59
CA ASP F 238 17.92 -32.44 -49.88
C ASP F 238 17.01 -33.56 -50.38
N ASP F 239 16.09 -33.99 -49.52
CA ASP F 239 15.09 -35.01 -49.86
C ASP F 239 15.76 -36.27 -50.41
N GLN F 240 16.82 -36.70 -49.71
CA GLN F 240 17.59 -37.87 -50.13
C GLN F 240 18.31 -38.41 -48.88
N VAL F 241 17.80 -39.52 -48.35
CA VAL F 241 18.32 -40.06 -47.10
C VAL F 241 19.73 -40.58 -47.31
N ILE F 242 20.69 -40.01 -46.56
CA ILE F 242 22.09 -40.41 -46.71
C ILE F 242 22.35 -41.73 -46.00
N CYS F 243 22.05 -41.80 -44.70
CA CYS F 243 22.18 -43.05 -43.96
C CYS F 243 21.48 -43.01 -42.61
N ALA F 244 20.72 -44.05 -42.29
CA ALA F 244 20.22 -44.23 -40.94
C ALA F 244 21.22 -45.05 -40.15
N LEU F 245 21.28 -44.79 -38.84
CA LEU F 245 22.30 -45.36 -37.98
C LEU F 245 21.67 -45.84 -36.69
N ARG F 246 22.20 -46.95 -36.17
CA ARG F 246 21.70 -47.54 -34.94
C ARG F 246 22.62 -47.28 -33.77
N ILE F 247 22.09 -46.68 -32.73
CA ILE F 247 22.84 -46.33 -31.52
C ILE F 247 22.34 -47.23 -30.41
N VAL F 248 23.19 -48.17 -29.96
CA VAL F 248 22.84 -48.98 -28.80
C VAL F 248 23.90 -48.79 -27.74
N THR F 249 23.49 -48.85 -26.48
CA THR F 249 24.37 -48.57 -25.35
C THR F 249 24.97 -49.87 -24.84
N ASP F 250 26.30 -49.98 -24.87
CA ASP F 250 27.04 -51.14 -24.38
C ASP F 250 28.00 -50.67 -23.30
N GLU F 251 27.82 -51.19 -22.07
CA GLU F 251 28.64 -50.80 -20.93
C GLU F 251 30.11 -51.08 -21.18
N ILE F 252 30.93 -50.01 -21.23
CA ILE F 252 32.37 -50.16 -21.45
C ILE F 252 33.18 -50.44 -20.19
N ASP F 253 33.47 -49.39 -19.42
CA ASP F 253 34.27 -49.52 -18.20
C ASP F 253 33.28 -49.58 -17.04
N PHE F 254 33.73 -49.20 -15.84
CA PHE F 254 32.93 -49.25 -14.61
C PHE F 254 31.54 -48.63 -14.65
N ARG F 255 31.47 -47.30 -14.73
CA ARG F 255 30.19 -46.61 -14.77
C ARG F 255 30.12 -45.82 -16.07
N GLN F 256 31.03 -46.10 -17.00
CA GLN F 256 31.08 -45.38 -18.29
C GLN F 256 30.62 -46.31 -19.42
N ALA F 257 29.34 -46.23 -19.77
CA ALA F 257 28.83 -46.99 -20.90
C ALA F 257 29.14 -46.25 -22.21
N GLU F 258 29.07 -47.00 -23.30
CA GLU F 258 29.35 -46.42 -24.62
C GLU F 258 28.31 -46.85 -25.67
N GLU F 259 28.00 -45.95 -26.58
CA GLU F 259 27.04 -46.21 -27.65
C GLU F 259 27.79 -46.70 -28.90
N ARG F 260 27.66 -47.99 -29.19
CA ARG F 260 28.10 -48.54 -30.46
C ARG F 260 27.08 -48.18 -31.54
N ILE F 261 27.64 -47.70 -32.65
CA ILE F 261 26.82 -47.25 -33.76
C ILE F 261 27.09 -48.02 -35.04
N GLU F 262 26.07 -48.67 -35.59
CA GLU F 262 26.22 -49.41 -36.84
C GLU F 262 25.12 -49.02 -37.82
N ALA F 263 25.48 -48.87 -39.08
CA ALA F 263 24.53 -48.50 -40.12
C ALA F 263 23.50 -49.61 -40.31
N ILE F 264 22.25 -49.33 -39.96
CA ILE F 264 21.13 -50.25 -40.21
C ILE F 264 20.43 -49.82 -41.49
N GLU F 265 19.75 -50.76 -42.13
CA GLU F 265 19.07 -50.48 -43.39
C GLU F 265 17.60 -50.18 -43.16
N ILE F 266 17.07 -49.25 -43.96
CA ILE F 266 15.70 -48.79 -43.87
C ILE F 266 14.98 -49.04 -45.19
N SER F 267 13.67 -49.29 -45.10
CA SER F 267 12.84 -49.56 -46.25
C SER F 267 12.44 -48.26 -46.95
N ASP F 268 12.07 -48.38 -48.24
CA ASP F 268 11.72 -47.23 -49.04
C ASP F 268 10.34 -46.66 -48.70
N GLU F 269 9.45 -47.48 -48.13
CA GLU F 269 8.11 -47.03 -47.79
C GLU F 269 8.16 -45.85 -46.83
N VAL F 270 9.03 -45.92 -45.82
CA VAL F 270 9.19 -44.84 -44.85
C VAL F 270 10.44 -44.00 -45.14
N LYS F 271 11.38 -44.52 -45.93
CA LYS F 271 12.51 -43.72 -46.40
C LYS F 271 12.06 -42.43 -47.07
N ASP F 272 10.80 -42.38 -47.48
CA ASP F 272 10.18 -41.15 -47.98
C ASP F 272 9.40 -40.43 -46.91
N GLN F 273 8.95 -41.11 -45.85
CA GLN F 273 8.44 -40.40 -44.68
C GLN F 273 9.52 -39.50 -44.10
N CYS F 274 10.78 -39.93 -44.19
CA CYS F 274 11.90 -39.10 -43.76
C CYS F 274 11.93 -37.77 -44.50
N VAL F 275 11.99 -37.83 -45.83
CA VAL F 275 12.06 -36.60 -46.61
C VAL F 275 10.76 -35.82 -46.54
N ARG F 276 9.63 -36.52 -46.35
CA ARG F 276 8.36 -35.82 -46.17
C ARG F 276 8.27 -35.16 -44.80
N ALA F 277 9.13 -35.53 -43.87
CA ALA F 277 9.24 -34.78 -42.62
C ALA F 277 10.23 -33.61 -42.73
N ALA F 278 11.33 -33.84 -43.46
CA ALA F 278 12.31 -32.77 -43.70
C ALA F 278 11.67 -31.61 -44.46
N LYS F 279 10.85 -31.92 -45.47
CA LYS F 279 10.16 -30.87 -46.21
C LYS F 279 9.16 -30.13 -45.31
N LEU F 280 8.41 -30.88 -44.51
CA LEU F 280 7.34 -30.26 -43.72
C LEU F 280 7.88 -29.37 -42.60
N VAL F 281 9.09 -29.63 -42.11
CA VAL F 281 9.67 -28.74 -41.12
C VAL F 281 10.48 -27.63 -41.79
N GLY F 282 11.03 -27.88 -42.96
CA GLY F 282 11.77 -26.86 -43.68
C GLY F 282 13.26 -26.88 -43.41
N LEU F 283 13.86 -28.08 -43.46
CA LEU F 283 15.27 -28.27 -43.15
C LEU F 283 15.95 -28.89 -44.37
N ARG F 284 17.05 -28.27 -44.80
CA ARG F 284 17.82 -28.81 -45.91
C ARG F 284 18.71 -29.97 -45.46
N TYR F 285 19.12 -29.97 -44.20
CA TYR F 285 19.93 -31.03 -43.61
C TYR F 285 19.40 -31.30 -42.22
N THR F 286 18.99 -32.55 -41.97
CA THR F 286 18.44 -32.85 -40.64
C THR F 286 18.67 -34.31 -40.24
N GLY F 287 19.35 -34.48 -39.11
CA GLY F 287 19.30 -35.76 -38.44
C GLY F 287 18.04 -35.79 -37.61
N MET F 288 17.11 -36.67 -37.99
CA MET F 288 15.87 -36.84 -37.27
C MET F 288 15.99 -38.00 -36.28
N ASP F 289 15.38 -37.83 -35.10
CA ASP F 289 15.46 -38.79 -34.02
C ASP F 289 14.20 -39.64 -34.03
N ILE F 290 14.38 -40.95 -34.18
CA ILE F 290 13.28 -41.91 -34.10
C ILE F 290 13.67 -42.99 -33.09
N LYS F 291 12.70 -43.39 -32.28
CA LYS F 291 12.89 -44.50 -31.35
C LYS F 291 11.66 -45.41 -31.45
N ALA F 292 11.90 -46.72 -31.31
CA ALA F 292 10.84 -47.72 -31.33
C ALA F 292 10.58 -48.21 -29.92
N GLY F 293 9.54 -49.04 -29.79
CA GLY F 293 9.08 -49.50 -28.49
C GLY F 293 8.57 -50.93 -28.54
N ALA F 294 7.55 -51.21 -27.72
CA ALA F 294 7.09 -52.58 -27.51
C ALA F 294 6.72 -53.25 -28.81
N ASP F 295 5.85 -52.62 -29.60
CA ASP F 295 5.40 -53.22 -30.85
C ASP F 295 6.55 -53.39 -31.84
N GLY F 296 7.48 -52.44 -31.86
CA GLY F 296 8.55 -52.45 -32.83
C GLY F 296 8.35 -51.52 -34.01
N ASN F 297 7.24 -50.79 -34.07
CA ASN F 297 7.05 -49.76 -35.07
C ASN F 297 7.54 -48.43 -34.51
N TYR F 298 8.38 -47.73 -35.29
CA TYR F 298 9.11 -46.60 -34.78
C TYR F 298 8.25 -45.33 -34.72
N ARG F 299 8.68 -44.42 -33.83
CA ARG F 299 8.02 -43.14 -33.69
C ARG F 299 9.10 -42.05 -33.77
N VAL F 300 8.86 -40.99 -34.52
CA VAL F 300 9.76 -39.85 -34.54
C VAL F 300 9.51 -39.01 -33.31
N LEU F 301 10.58 -38.44 -32.74
CA LEU F 301 10.45 -37.62 -31.55
C LEU F 301 10.81 -36.16 -31.75
N GLU F 302 11.67 -35.84 -32.73
CA GLU F 302 12.07 -34.46 -33.05
C GLU F 302 13.02 -34.50 -34.23
N LEU F 303 13.13 -33.37 -34.91
CA LEU F 303 14.16 -33.13 -35.91
C LEU F 303 15.08 -32.03 -35.40
N ASN F 304 16.38 -32.32 -35.33
CA ASN F 304 17.33 -31.35 -34.82
C ASN F 304 17.75 -30.40 -35.92
N ALA F 305 17.68 -29.10 -35.65
CA ALA F 305 17.98 -28.08 -36.66
C ALA F 305 19.47 -27.90 -36.90
N SER F 306 20.33 -28.49 -36.07
CA SER F 306 21.77 -28.50 -36.30
C SER F 306 22.32 -29.80 -35.73
N ALA F 307 22.00 -30.91 -36.37
CA ALA F 307 22.45 -32.22 -35.90
C ALA F 307 23.97 -32.33 -36.00
N MET F 308 24.53 -33.17 -35.16
CA MET F 308 25.97 -33.45 -35.16
C MET F 308 26.24 -34.77 -35.87
N PHE F 309 27.38 -34.84 -36.54
CA PHE F 309 27.72 -35.99 -37.38
C PHE F 309 29.15 -36.47 -37.16
N ARG F 310 30.01 -35.63 -36.63
CA ARG F 310 31.44 -35.98 -36.48
C ARG F 310 31.71 -37.37 -35.96
N GLY F 311 31.12 -37.71 -34.83
CA GLY F 311 31.45 -39.00 -34.24
C GLY F 311 30.81 -40.17 -34.91
N PHE F 312 29.54 -40.05 -35.25
CA PHE F 312 28.81 -41.16 -35.83
C PHE F 312 29.53 -41.56 -37.08
N GLU F 313 30.05 -40.59 -37.80
CA GLU F 313 30.77 -40.85 -39.03
C GLU F 313 31.83 -41.89 -38.85
N GLY F 314 32.79 -41.65 -37.97
CA GLY F 314 33.89 -42.57 -37.81
C GLY F 314 33.56 -43.87 -37.10
N ARG F 315 32.58 -43.84 -36.21
CA ARG F 315 32.18 -45.04 -35.53
C ARG F 315 31.56 -45.96 -36.56
N ALA F 316 30.48 -45.52 -37.21
CA ALA F 316 29.81 -46.38 -38.18
C ALA F 316 30.56 -46.45 -39.49
N ASN F 317 31.72 -45.81 -39.60
CA ASN F 317 32.48 -45.77 -40.85
C ASN F 317 31.67 -45.29 -42.04
N VAL F 318 30.57 -44.58 -41.80
CA VAL F 318 29.81 -43.96 -42.88
C VAL F 318 30.44 -42.61 -43.17
N ASP F 319 29.82 -41.86 -44.08
CA ASP F 319 30.33 -40.53 -44.44
C ASP F 319 29.12 -39.64 -44.64
N ILE F 320 28.88 -38.74 -43.69
CA ILE F 320 27.82 -37.75 -43.81
C ILE F 320 28.35 -36.37 -44.20
N CYS F 321 29.57 -36.07 -43.73
CA CYS F 321 30.27 -34.88 -44.18
C CYS F 321 30.43 -34.89 -45.68
N GLY F 322 30.70 -36.06 -46.26
CA GLY F 322 30.85 -36.22 -47.69
C GLY F 322 29.67 -35.69 -48.47
N PRO F 323 28.50 -36.31 -48.30
CA PRO F 323 27.32 -35.83 -49.02
C PRO F 323 26.93 -34.41 -48.65
N LEU F 324 27.12 -34.01 -47.39
CA LEU F 324 26.82 -32.63 -47.03
C LEU F 324 27.67 -31.66 -47.83
N CYS F 325 28.99 -31.87 -47.83
CA CYS F 325 29.88 -31.04 -48.63
C CYS F 325 29.49 -31.11 -50.11
N ASP F 326 29.06 -32.29 -50.57
CA ASP F 326 28.70 -32.45 -51.98
C ASP F 326 27.48 -31.63 -52.33
N ALA F 327 26.51 -31.54 -51.42
CA ALA F 327 25.35 -30.68 -51.67
C ALA F 327 25.76 -29.20 -51.64
N LEU F 328 26.64 -28.84 -50.72
CA LEU F 328 27.15 -27.47 -50.68
C LEU F 328 27.79 -27.12 -52.02
N ILE F 329 28.49 -28.08 -52.64
CA ILE F 329 29.01 -27.86 -53.99
C ILE F 329 27.90 -27.91 -55.03
N ALA F 330 26.84 -28.67 -54.77
CA ALA F 330 25.72 -28.79 -55.71
C ALA F 330 25.03 -27.45 -55.92
N GLN F 331 25.01 -26.59 -54.91
CA GLN F 331 24.40 -25.28 -55.12
C GLN F 331 25.28 -24.33 -55.94
N THR F 332 26.54 -24.68 -56.16
CA THR F 332 27.49 -23.79 -56.82
C THR F 332 27.48 -23.89 -58.35
N LYS F 333 26.74 -24.85 -58.92
CA LYS F 333 26.74 -25.02 -60.37
C LYS F 333 25.36 -24.79 -60.99
N LEU G 1 -8.23 11.43 -10.53
CA LEU G 1 -8.11 12.84 -10.25
C LEU G 1 -8.35 13.55 -11.55
N PHE G 2 -8.41 14.85 -11.50
CA PHE G 2 -8.62 15.64 -12.71
C PHE G 2 -7.44 15.45 -13.67
N ILE G 3 -6.23 15.77 -13.21
CA ILE G 3 -5.04 15.43 -13.97
C ILE G 3 -4.92 13.91 -13.95
N GLU G 4 -5.27 13.25 -15.04
CA GLU G 4 -5.28 11.80 -15.02
C GLU G 4 -3.90 11.21 -15.07
N ASP G 5 -2.89 12.03 -15.25
CA ASP G 5 -1.55 11.52 -15.39
C ASP G 5 -0.76 11.57 -14.10
N LEU G 6 -1.44 11.69 -12.97
CA LEU G 6 -0.73 11.82 -11.73
C LEU G 6 -0.64 10.48 -11.05
N PHE H 2 15.05 2.62 14.77
CA PHE H 2 15.74 2.68 16.06
C PHE H 2 14.79 3.05 17.18
N ILE H 3 13.95 4.05 16.93
CA ILE H 3 12.94 4.46 17.90
C ILE H 3 11.67 3.67 17.62
N GLU H 4 11.26 2.84 18.59
CA GLU H 4 10.18 1.90 18.34
C GLU H 4 8.85 2.61 18.13
N ASP H 5 8.55 3.60 18.96
CA ASP H 5 7.22 4.22 18.99
C ASP H 5 6.85 4.90 17.68
N LEU H 6 7.80 5.15 16.78
CA LEU H 6 7.50 5.76 15.50
C LEU H 6 6.57 4.89 14.66
N LEU I 1 -21.29 16.63 30.31
CA LEU I 1 -21.08 15.54 31.28
C LEU I 1 -20.04 15.99 32.29
N PHE I 2 -19.97 15.33 33.43
CA PHE I 2 -19.06 15.82 34.46
C PHE I 2 -17.61 15.75 34.01
N ILE I 3 -17.22 14.67 33.35
CA ILE I 3 -15.86 14.47 32.85
C ILE I 3 -15.86 14.90 31.38
N GLU I 4 -15.13 15.97 31.07
CA GLU I 4 -15.05 16.43 29.69
C GLU I 4 -14.24 15.50 28.80
N ASP I 5 -13.43 14.63 29.39
CA ASP I 5 -12.48 13.81 28.63
C ASP I 5 -13.16 12.79 27.72
N LEU I 6 -14.42 12.45 27.98
CA LEU I 6 -15.10 11.42 27.19
C LEU I 6 -15.15 11.78 25.71
N LEU J 1 28.73 1.58 -24.90
CA LEU J 1 27.76 1.49 -25.99
C LEU J 1 27.63 2.84 -26.70
N PHE J 2 27.49 2.81 -28.03
CA PHE J 2 27.33 4.05 -28.78
C PHE J 2 26.00 4.73 -28.43
N ILE J 3 24.92 3.96 -28.40
CA ILE J 3 23.63 4.49 -27.94
C ILE J 3 23.61 4.38 -26.42
N GLU J 4 23.75 5.51 -25.74
CA GLU J 4 23.95 5.47 -24.29
C GLU J 4 22.66 5.13 -23.56
N ASP J 5 21.51 5.52 -24.10
CA ASP J 5 20.21 5.38 -23.43
C ASP J 5 19.77 3.92 -23.24
N LEU J 6 20.38 2.97 -23.93
CA LEU J 6 19.94 1.57 -23.86
C LEU J 6 19.99 1.01 -22.44
#